data_6SBS
# 
_entry.id   6SBS 
# 
_audit_conform.dict_name       mmcif_pdbx.dic 
_audit_conform.dict_version    5.392 
_audit_conform.dict_location   http://mmcif.pdb.org/dictionaries/ascii/mmcif_pdbx.dic 
# 
loop_
_database_2.database_id 
_database_2.database_code 
_database_2.pdbx_database_accession 
_database_2.pdbx_DOI 
PDB   6SBS         pdb_00006sbs 10.2210/pdb6sbs/pdb 
WWPDB D_1292103375 ?            ?                   
# 
loop_
_pdbx_audit_revision_history.ordinal 
_pdbx_audit_revision_history.data_content_type 
_pdbx_audit_revision_history.major_revision 
_pdbx_audit_revision_history.minor_revision 
_pdbx_audit_revision_history.revision_date 
1 'Structure model' 1 0 2019-07-31 
2 'Structure model' 1 1 2019-10-09 
3 'Structure model' 1 2 2024-05-15 
# 
_pdbx_audit_revision_details.ordinal             1 
_pdbx_audit_revision_details.revision_ordinal    1 
_pdbx_audit_revision_details.data_content_type   'Structure model' 
_pdbx_audit_revision_details.provider            repository 
_pdbx_audit_revision_details.type                'Initial release' 
_pdbx_audit_revision_details.description         ? 
_pdbx_audit_revision_details.details             ? 
# 
loop_
_pdbx_audit_revision_group.ordinal 
_pdbx_audit_revision_group.revision_ordinal 
_pdbx_audit_revision_group.data_content_type 
_pdbx_audit_revision_group.group 
1 2 'Structure model' 'Data collection'     
2 2 'Structure model' 'Database references' 
3 3 'Structure model' 'Data collection'     
4 3 'Structure model' 'Database references' 
# 
loop_
_pdbx_audit_revision_category.ordinal 
_pdbx_audit_revision_category.revision_ordinal 
_pdbx_audit_revision_category.data_content_type 
_pdbx_audit_revision_category.category 
1 2 'Structure model' citation       
2 3 'Structure model' chem_comp_atom 
3 3 'Structure model' chem_comp_bond 
4 3 'Structure model' database_2     
# 
loop_
_pdbx_audit_revision_item.ordinal 
_pdbx_audit_revision_item.revision_ordinal 
_pdbx_audit_revision_item.data_content_type 
_pdbx_audit_revision_item.item 
1  2 'Structure model' '_citation.country'                   
2  2 'Structure model' '_citation.journal_abbrev'            
3  2 'Structure model' '_citation.journal_id_CSD'            
4  2 'Structure model' '_citation.journal_id_ISSN'           
5  2 'Structure model' '_citation.journal_volume'            
6  2 'Structure model' '_citation.page_first'                
7  2 'Structure model' '_citation.page_last'                 
8  2 'Structure model' '_citation.pdbx_database_id_DOI'      
9  2 'Structure model' '_citation.pdbx_database_id_PubMed'   
10 2 'Structure model' '_citation.title'                     
11 2 'Structure model' '_citation.year'                      
12 3 'Structure model' '_database_2.pdbx_DOI'                
13 3 'Structure model' '_database_2.pdbx_database_accession' 
# 
_pdbx_database_status.status_code                     REL 
_pdbx_database_status.status_code_sf                  REL 
_pdbx_database_status.status_code_mr                  ? 
_pdbx_database_status.entry_id                        6SBS 
_pdbx_database_status.recvd_initial_deposition_date   2019-07-22 
_pdbx_database_status.SG_entry                        N 
_pdbx_database_status.deposit_site                    PDBE 
_pdbx_database_status.process_site                    PDBE 
_pdbx_database_status.status_code_cs                  ? 
_pdbx_database_status.methods_development_category    ? 
_pdbx_database_status.pdb_format_compatible           Y 
_pdbx_database_status.status_code_nmr_data            ? 
# 
loop_
_audit_author.name 
_audit_author.pdbx_ordinal 
_audit_author.identifier_ORCID 
'Lemmens, L.'  1 ?                   
'Valegard, K.' 2 ?                   
'Lindas, A.C.' 3 ?                   
'Peeters, E.'  4 0000-0001-7423-8714 
'Maes, D.'     5 0000-0001-8938-823X 
# 
_citation.abstract                  ? 
_citation.abstract_id_CAS           ? 
_citation.book_id_ISBN              ? 
_citation.book_publisher            ? 
_citation.book_publisher_city       ? 
_citation.book_title                ? 
_citation.coordinate_linkage        ? 
_citation.country                   CH 
_citation.database_id_Medline       ? 
_citation.details                   ? 
_citation.id                        primary 
_citation.journal_abbrev            'Front Microbiol' 
_citation.journal_id_ASTM           ? 
_citation.journal_id_CSD            ? 
_citation.journal_id_ISSN           1664-302X 
_citation.journal_full              ? 
_citation.journal_issue             ? 
_citation.journal_volume            10 
_citation.language                  ? 
_citation.page_first                2084 
_citation.page_last                 2084 
_citation.title                     
'YtrASa, a GntR-Family Transcription Factor, Represses Two Genetic Loci Encoding Membrane Proteins inSulfolobus acidocaldarius.' 
_citation.year                      2019 
_citation.database_id_CSD           ? 
_citation.pdbx_database_id_DOI      10.3389/fmicb.2019.02084 
_citation.pdbx_database_id_PubMed   31552000 
_citation.unpublished_flag          ? 
# 
loop_
_citation_author.citation_id 
_citation_author.name 
_citation_author.ordinal 
_citation_author.identifier_ORCID 
primary 'Lemmens, L.'          1 ? 
primary 'Tilleman, L.'         2 ? 
primary 'De Koning, E.'        3 ? 
primary 'Valegard, K.'         4 ? 
primary 'Lindas, A.C.'         5 ? 
primary 'Van Nieuwerburgh, F.' 6 ? 
primary 'Maes, D.'             7 ? 
primary 'Peeters, E.'          8 ? 
# 
loop_
_entity.id 
_entity.type 
_entity.src_method 
_entity.pdbx_description 
_entity.formula_weight 
_entity.pdbx_number_of_molecules 
_entity.pdbx_ec 
_entity.pdbx_mutation 
_entity.pdbx_fragment 
_entity.details 
1 polymer man 'Regulatory protein' 13905.245 2  ? ? ? ? 
2 water   nat water                18.015    66 ? ? ? ? 
# 
_entity_poly.entity_id                      1 
_entity_poly.type                           'polypeptide(L)' 
_entity_poly.nstd_linkage                   no 
_entity_poly.nstd_monomer                   no 
_entity_poly.pdbx_seq_one_letter_code       
;MTSIIKIDLESKTPIYKQIADQIIELIAKGELKPGDKLPSIRELASMLGVNMLTVNKAYNYLVDEGFIVVQKRRYVVKSE
VRDESWRNMLRVIIYRALASNMSKDEIVNEINRVVSEVNSK
;
_entity_poly.pdbx_seq_one_letter_code_can   
;MTSIIKIDLESKTPIYKQIADQIIELIAKGELKPGDKLPSIRELASMLGVNMLTVNKAYNYLVDEGFIVVQKRRYVVKSE
VRDESWRNMLRVIIYRALASNMSKDEIVNEINRVVSEVNSK
;
_entity_poly.pdbx_strand_id                 A,B 
_entity_poly.pdbx_target_identifier         ? 
# 
_pdbx_entity_nonpoly.entity_id   2 
_pdbx_entity_nonpoly.name        water 
_pdbx_entity_nonpoly.comp_id     HOH 
# 
loop_
_entity_poly_seq.entity_id 
_entity_poly_seq.num 
_entity_poly_seq.mon_id 
_entity_poly_seq.hetero 
1 1   MET n 
1 2   THR n 
1 3   SER n 
1 4   ILE n 
1 5   ILE n 
1 6   LYS n 
1 7   ILE n 
1 8   ASP n 
1 9   LEU n 
1 10  GLU n 
1 11  SER n 
1 12  LYS n 
1 13  THR n 
1 14  PRO n 
1 15  ILE n 
1 16  TYR n 
1 17  LYS n 
1 18  GLN n 
1 19  ILE n 
1 20  ALA n 
1 21  ASP n 
1 22  GLN n 
1 23  ILE n 
1 24  ILE n 
1 25  GLU n 
1 26  LEU n 
1 27  ILE n 
1 28  ALA n 
1 29  LYS n 
1 30  GLY n 
1 31  GLU n 
1 32  LEU n 
1 33  LYS n 
1 34  PRO n 
1 35  GLY n 
1 36  ASP n 
1 37  LYS n 
1 38  LEU n 
1 39  PRO n 
1 40  SER n 
1 41  ILE n 
1 42  ARG n 
1 43  GLU n 
1 44  LEU n 
1 45  ALA n 
1 46  SER n 
1 47  MET n 
1 48  LEU n 
1 49  GLY n 
1 50  VAL n 
1 51  ASN n 
1 52  MET n 
1 53  LEU n 
1 54  THR n 
1 55  VAL n 
1 56  ASN n 
1 57  LYS n 
1 58  ALA n 
1 59  TYR n 
1 60  ASN n 
1 61  TYR n 
1 62  LEU n 
1 63  VAL n 
1 64  ASP n 
1 65  GLU n 
1 66  GLY n 
1 67  PHE n 
1 68  ILE n 
1 69  VAL n 
1 70  VAL n 
1 71  GLN n 
1 72  LYS n 
1 73  ARG n 
1 74  ARG n 
1 75  TYR n 
1 76  VAL n 
1 77  VAL n 
1 78  LYS n 
1 79  SER n 
1 80  GLU n 
1 81  VAL n 
1 82  ARG n 
1 83  ASP n 
1 84  GLU n 
1 85  SER n 
1 86  TRP n 
1 87  ARG n 
1 88  ASN n 
1 89  MET n 
1 90  LEU n 
1 91  ARG n 
1 92  VAL n 
1 93  ILE n 
1 94  ILE n 
1 95  TYR n 
1 96  ARG n 
1 97  ALA n 
1 98  LEU n 
1 99  ALA n 
1 100 SER n 
1 101 ASN n 
1 102 MET n 
1 103 SER n 
1 104 LYS n 
1 105 ASP n 
1 106 GLU n 
1 107 ILE n 
1 108 VAL n 
1 109 ASN n 
1 110 GLU n 
1 111 ILE n 
1 112 ASN n 
1 113 ARG n 
1 114 VAL n 
1 115 VAL n 
1 116 SER n 
1 117 GLU n 
1 118 VAL n 
1 119 ASN n 
1 120 SER n 
1 121 LYS n 
# 
_entity_src_gen.entity_id                          1 
_entity_src_gen.pdbx_src_id                        1 
_entity_src_gen.pdbx_alt_source_flag               sample 
_entity_src_gen.pdbx_seq_type                      'Biological sequence' 
_entity_src_gen.pdbx_beg_seq_num                   1 
_entity_src_gen.pdbx_end_seq_num                   121 
_entity_src_gen.gene_src_common_name               ? 
_entity_src_gen.gene_src_genus                     ? 
_entity_src_gen.pdbx_gene_src_gene                 Saci_1851 
_entity_src_gen.gene_src_species                   ? 
_entity_src_gen.gene_src_strain                    'ATCC 33909 / DSM 639 / JCM 8929 / NBRC 15157 / NCIMB 11770' 
_entity_src_gen.gene_src_tissue                    ? 
_entity_src_gen.gene_src_tissue_fraction           ? 
_entity_src_gen.gene_src_details                   ? 
_entity_src_gen.pdbx_gene_src_fragment             ? 
_entity_src_gen.pdbx_gene_src_scientific_name      
'Sulfolobus acidocaldarius (strain ATCC 33909 / DSM 639 / JCM 8929 / NBRC 15157 / NCIMB 11770)' 
_entity_src_gen.pdbx_gene_src_ncbi_taxonomy_id     330779 
_entity_src_gen.pdbx_gene_src_variant              ? 
_entity_src_gen.pdbx_gene_src_cell_line            ? 
_entity_src_gen.pdbx_gene_src_atcc                 ? 
_entity_src_gen.pdbx_gene_src_organ                ? 
_entity_src_gen.pdbx_gene_src_organelle            ? 
_entity_src_gen.pdbx_gene_src_cell                 ? 
_entity_src_gen.pdbx_gene_src_cellular_location    ? 
_entity_src_gen.host_org_common_name               ? 
_entity_src_gen.pdbx_host_org_scientific_name      'Escherichia coli BL21(DE3)' 
_entity_src_gen.pdbx_host_org_ncbi_taxonomy_id     469008 
_entity_src_gen.host_org_genus                     ? 
_entity_src_gen.pdbx_host_org_gene                 ? 
_entity_src_gen.pdbx_host_org_organ                ? 
_entity_src_gen.host_org_species                   ? 
_entity_src_gen.pdbx_host_org_tissue               ? 
_entity_src_gen.pdbx_host_org_tissue_fraction      ? 
_entity_src_gen.pdbx_host_org_strain               ? 
_entity_src_gen.pdbx_host_org_variant              Rosetta 
_entity_src_gen.pdbx_host_org_cell_line            ? 
_entity_src_gen.pdbx_host_org_atcc                 ? 
_entity_src_gen.pdbx_host_org_culture_collection   ? 
_entity_src_gen.pdbx_host_org_cell                 ? 
_entity_src_gen.pdbx_host_org_organelle            ? 
_entity_src_gen.pdbx_host_org_cellular_location    ? 
_entity_src_gen.pdbx_host_org_vector_type          ? 
_entity_src_gen.pdbx_host_org_vector               ? 
_entity_src_gen.host_org_details                   ? 
_entity_src_gen.expression_system_id               ? 
_entity_src_gen.plasmid_name                       ? 
_entity_src_gen.plasmid_details                    ? 
_entity_src_gen.pdbx_description                   ? 
# 
loop_
_chem_comp.id 
_chem_comp.type 
_chem_comp.mon_nstd_flag 
_chem_comp.name 
_chem_comp.pdbx_synonyms 
_chem_comp.formula 
_chem_comp.formula_weight 
ALA 'L-peptide linking' y ALANINE         ? 'C3 H7 N O2'     89.093  
ARG 'L-peptide linking' y ARGININE        ? 'C6 H15 N4 O2 1' 175.209 
ASN 'L-peptide linking' y ASPARAGINE      ? 'C4 H8 N2 O3'    132.118 
ASP 'L-peptide linking' y 'ASPARTIC ACID' ? 'C4 H7 N O4'     133.103 
GLN 'L-peptide linking' y GLUTAMINE       ? 'C5 H10 N2 O3'   146.144 
GLU 'L-peptide linking' y 'GLUTAMIC ACID' ? 'C5 H9 N O4'     147.129 
GLY 'peptide linking'   y GLYCINE         ? 'C2 H5 N O2'     75.067  
HOH non-polymer         . WATER           ? 'H2 O'           18.015  
ILE 'L-peptide linking' y ISOLEUCINE      ? 'C6 H13 N O2'    131.173 
LEU 'L-peptide linking' y LEUCINE         ? 'C6 H13 N O2'    131.173 
LYS 'L-peptide linking' y LYSINE          ? 'C6 H15 N2 O2 1' 147.195 
MET 'L-peptide linking' y METHIONINE      ? 'C5 H11 N O2 S'  149.211 
PHE 'L-peptide linking' y PHENYLALANINE   ? 'C9 H11 N O2'    165.189 
PRO 'L-peptide linking' y PROLINE         ? 'C5 H9 N O2'     115.130 
SER 'L-peptide linking' y SERINE          ? 'C3 H7 N O3'     105.093 
THR 'L-peptide linking' y THREONINE       ? 'C4 H9 N O3'     119.119 
TRP 'L-peptide linking' y TRYPTOPHAN      ? 'C11 H12 N2 O2'  204.225 
TYR 'L-peptide linking' y TYROSINE        ? 'C9 H11 N O3'    181.189 
VAL 'L-peptide linking' y VALINE          ? 'C5 H11 N O2'    117.146 
# 
loop_
_pdbx_poly_seq_scheme.asym_id 
_pdbx_poly_seq_scheme.entity_id 
_pdbx_poly_seq_scheme.seq_id 
_pdbx_poly_seq_scheme.mon_id 
_pdbx_poly_seq_scheme.ndb_seq_num 
_pdbx_poly_seq_scheme.pdb_seq_num 
_pdbx_poly_seq_scheme.auth_seq_num 
_pdbx_poly_seq_scheme.pdb_mon_id 
_pdbx_poly_seq_scheme.auth_mon_id 
_pdbx_poly_seq_scheme.pdb_strand_id 
_pdbx_poly_seq_scheme.pdb_ins_code 
_pdbx_poly_seq_scheme.hetero 
A 1 1   MET 1   1   ?   ?   ?   A . n 
A 1 2   THR 2   2   ?   ?   ?   A . n 
A 1 3   SER 3   3   3   SER SER A . n 
A 1 4   ILE 4   4   4   ILE ILE A . n 
A 1 5   ILE 5   5   5   ILE ILE A . n 
A 1 6   LYS 6   6   6   LYS LYS A . n 
A 1 7   ILE 7   7   7   ILE ILE A . n 
A 1 8   ASP 8   8   8   ASP ASP A . n 
A 1 9   LEU 9   9   9   LEU LEU A . n 
A 1 10  GLU 10  10  10  GLU GLU A . n 
A 1 11  SER 11  11  11  SER SER A . n 
A 1 12  LYS 12  12  12  LYS LYS A . n 
A 1 13  THR 13  13  13  THR THR A . n 
A 1 14  PRO 14  14  14  PRO PRO A . n 
A 1 15  ILE 15  15  15  ILE ILE A . n 
A 1 16  TYR 16  16  16  TYR TYR A . n 
A 1 17  LYS 17  17  17  LYS LYS A . n 
A 1 18  GLN 18  18  18  GLN GLN A . n 
A 1 19  ILE 19  19  19  ILE ILE A . n 
A 1 20  ALA 20  20  20  ALA ALA A . n 
A 1 21  ASP 21  21  21  ASP ASP A . n 
A 1 22  GLN 22  22  22  GLN GLN A . n 
A 1 23  ILE 23  23  23  ILE ILE A . n 
A 1 24  ILE 24  24  24  ILE ILE A . n 
A 1 25  GLU 25  25  25  GLU GLU A . n 
A 1 26  LEU 26  26  26  LEU LEU A . n 
A 1 27  ILE 27  27  27  ILE ILE A . n 
A 1 28  ALA 28  28  28  ALA ALA A . n 
A 1 29  LYS 29  29  29  LYS LYS A . n 
A 1 30  GLY 30  30  30  GLY GLY A . n 
A 1 31  GLU 31  31  31  GLU GLU A . n 
A 1 32  LEU 32  32  32  LEU LEU A . n 
A 1 33  LYS 33  33  33  LYS LYS A . n 
A 1 34  PRO 34  34  34  PRO PRO A . n 
A 1 35  GLY 35  35  35  GLY GLY A . n 
A 1 36  ASP 36  36  36  ASP ASP A . n 
A 1 37  LYS 37  37  37  LYS LYS A . n 
A 1 38  LEU 38  38  38  LEU LEU A . n 
A 1 39  PRO 39  39  39  PRO PRO A . n 
A 1 40  SER 40  40  40  SER SER A . n 
A 1 41  ILE 41  41  41  ILE ILE A . n 
A 1 42  ARG 42  42  42  ARG ARG A . n 
A 1 43  GLU 43  43  43  GLU GLU A . n 
A 1 44  LEU 44  44  44  LEU LEU A . n 
A 1 45  ALA 45  45  45  ALA ALA A . n 
A 1 46  SER 46  46  46  SER SER A . n 
A 1 47  MET 47  47  47  MET MET A . n 
A 1 48  LEU 48  48  48  LEU LEU A . n 
A 1 49  GLY 49  49  49  GLY GLY A . n 
A 1 50  VAL 50  50  50  VAL VAL A . n 
A 1 51  ASN 51  51  51  ASN ASN A . n 
A 1 52  MET 52  52  52  MET MET A . n 
A 1 53  LEU 53  53  53  LEU LEU A . n 
A 1 54  THR 54  54  54  THR THR A . n 
A 1 55  VAL 55  55  55  VAL VAL A . n 
A 1 56  ASN 56  56  56  ASN ASN A . n 
A 1 57  LYS 57  57  57  LYS LYS A . n 
A 1 58  ALA 58  58  58  ALA ALA A . n 
A 1 59  TYR 59  59  59  TYR TYR A . n 
A 1 60  ASN 60  60  60  ASN ASN A . n 
A 1 61  TYR 61  61  61  TYR TYR A . n 
A 1 62  LEU 62  62  62  LEU LEU A . n 
A 1 63  VAL 63  63  63  VAL VAL A . n 
A 1 64  ASP 64  64  64  ASP ASP A . n 
A 1 65  GLU 65  65  65  GLU GLU A . n 
A 1 66  GLY 66  66  66  GLY GLY A . n 
A 1 67  PHE 67  67  67  PHE PHE A . n 
A 1 68  ILE 68  68  68  ILE ILE A . n 
A 1 69  VAL 69  69  69  VAL VAL A . n 
A 1 70  VAL 70  70  70  VAL VAL A . n 
A 1 71  GLN 71  71  71  GLN GLN A . n 
A 1 72  LYS 72  72  72  LYS LYS A . n 
A 1 73  ARG 73  73  73  ARG ARG A . n 
A 1 74  ARG 74  74  74  ARG ARG A . n 
A 1 75  TYR 75  75  75  TYR TYR A . n 
A 1 76  VAL 76  76  76  VAL VAL A . n 
A 1 77  VAL 77  77  77  VAL VAL A . n 
A 1 78  LYS 78  78  78  LYS LYS A . n 
A 1 79  SER 79  79  79  SER SER A . n 
A 1 80  GLU 80  80  80  GLU GLU A . n 
A 1 81  VAL 81  81  81  VAL VAL A . n 
A 1 82  ARG 82  81  ?   ?   ?   A A n 
A 1 83  ASP 83  81  ?   ?   ?   A B n 
A 1 84  GLU 84  81  ?   ?   ?   A C n 
A 1 85  SER 85  81  ?   ?   ?   A D n 
A 1 86  TRP 86  85  85  TRP TRP A . n 
A 1 87  ARG 87  86  86  ARG ARG A . n 
A 1 88  ASN 88  87  87  ASN ASN A . n 
A 1 89  MET 89  88  88  MET MET A . n 
A 1 90  LEU 90  89  89  LEU LEU A . n 
A 1 91  ARG 91  90  90  ARG ARG A . n 
A 1 92  VAL 92  91  91  VAL VAL A . n 
A 1 93  ILE 93  92  92  ILE ILE A . n 
A 1 94  ILE 94  93  93  ILE ILE A . n 
A 1 95  TYR 95  94  94  TYR TYR A . n 
A 1 96  ARG 96  95  95  ARG ARG A . n 
A 1 97  ALA 97  96  96  ALA ALA A . n 
A 1 98  LEU 98  97  97  LEU LEU A . n 
A 1 99  ALA 99  98  98  ALA ALA A . n 
A 1 100 SER 100 99  99  SER SER A . n 
A 1 101 ASN 101 100 ?   ?   ?   A . n 
A 1 102 MET 102 101 ?   ?   ?   A . n 
A 1 103 SER 103 102 ?   ?   ?   A . n 
A 1 104 LYS 104 103 ?   ?   ?   A . n 
A 1 105 ASP 105 104 ?   ?   ?   A . n 
A 1 106 GLU 106 105 ?   ?   ?   A . n 
A 1 107 ILE 107 106 ?   ?   ?   A . n 
A 1 108 VAL 108 107 ?   ?   ?   A . n 
A 1 109 ASN 109 108 ?   ?   ?   A . n 
A 1 110 GLU 110 109 ?   ?   ?   A . n 
A 1 111 ILE 111 110 ?   ?   ?   A . n 
A 1 112 ASN 112 111 ?   ?   ?   A . n 
A 1 113 ARG 113 112 ?   ?   ?   A . n 
A 1 114 VAL 114 113 ?   ?   ?   A . n 
A 1 115 VAL 115 114 ?   ?   ?   A . n 
A 1 116 SER 116 115 ?   ?   ?   A . n 
A 1 117 GLU 117 116 ?   ?   ?   A . n 
A 1 118 VAL 118 117 ?   ?   ?   A . n 
A 1 119 ASN 119 118 ?   ?   ?   A . n 
A 1 120 SER 120 119 ?   ?   ?   A . n 
A 1 121 LYS 121 120 ?   ?   ?   A . n 
B 1 1   MET 1   1   ?   ?   ?   B . n 
B 1 2   THR 2   2   ?   ?   ?   B . n 
B 1 3   SER 3   3   ?   ?   ?   B . n 
B 1 4   ILE 4   4   ?   ?   ?   B . n 
B 1 5   ILE 5   5   5   ILE ILE B . n 
B 1 6   LYS 6   6   6   LYS LYS B . n 
B 1 7   ILE 7   7   7   ILE ILE B . n 
B 1 8   ASP 8   8   8   ASP ASP B . n 
B 1 9   LEU 9   9   9   LEU LEU B . n 
B 1 10  GLU 10  10  10  GLU GLU B . n 
B 1 11  SER 11  11  11  SER SER B . n 
B 1 12  LYS 12  12  12  LYS LYS B . n 
B 1 13  THR 13  13  13  THR THR B . n 
B 1 14  PRO 14  14  14  PRO PRO B . n 
B 1 15  ILE 15  15  15  ILE ILE B . n 
B 1 16  TYR 16  16  16  TYR TYR B . n 
B 1 17  LYS 17  17  17  LYS LYS B . n 
B 1 18  GLN 18  18  18  GLN GLN B . n 
B 1 19  ILE 19  19  19  ILE ILE B . n 
B 1 20  ALA 20  20  20  ALA ALA B . n 
B 1 21  ASP 21  21  21  ASP ASP B . n 
B 1 22  GLN 22  22  22  GLN GLN B . n 
B 1 23  ILE 23  23  23  ILE ILE B . n 
B 1 24  ILE 24  24  24  ILE ILE B . n 
B 1 25  GLU 25  25  25  GLU GLU B . n 
B 1 26  LEU 26  26  26  LEU LEU B . n 
B 1 27  ILE 27  27  27  ILE ILE B . n 
B 1 28  ALA 28  28  28  ALA ALA B . n 
B 1 29  LYS 29  29  29  LYS LYS B . n 
B 1 30  GLY 30  30  30  GLY GLY B . n 
B 1 31  GLU 31  31  31  GLU GLU B . n 
B 1 32  LEU 32  32  32  LEU LEU B . n 
B 1 33  LYS 33  33  33  LYS LYS B . n 
B 1 34  PRO 34  34  34  PRO PRO B . n 
B 1 35  GLY 35  35  35  GLY GLY B . n 
B 1 36  ASP 36  36  36  ASP ASP B . n 
B 1 37  LYS 37  37  37  LYS LYS B . n 
B 1 38  LEU 38  38  38  LEU LEU B . n 
B 1 39  PRO 39  39  39  PRO PRO B . n 
B 1 40  SER 40  40  40  SER SER B . n 
B 1 41  ILE 41  41  41  ILE ILE B . n 
B 1 42  ARG 42  42  42  ARG ARG B . n 
B 1 43  GLU 43  43  43  GLU GLU B . n 
B 1 44  LEU 44  44  44  LEU LEU B . n 
B 1 45  ALA 45  45  45  ALA ALA B . n 
B 1 46  SER 46  46  46  SER SER B . n 
B 1 47  MET 47  47  47  MET MET B . n 
B 1 48  LEU 48  48  48  LEU LEU B . n 
B 1 49  GLY 49  49  49  GLY GLY B . n 
B 1 50  VAL 50  50  50  VAL VAL B . n 
B 1 51  ASN 51  51  51  ASN ASN B . n 
B 1 52  MET 52  52  52  MET MET B . n 
B 1 53  LEU 53  53  53  LEU LEU B . n 
B 1 54  THR 54  54  54  THR THR B . n 
B 1 55  VAL 55  55  55  VAL VAL B . n 
B 1 56  ASN 56  56  56  ASN ASN B . n 
B 1 57  LYS 57  57  57  LYS LYS B . n 
B 1 58  ALA 58  58  58  ALA ALA B . n 
B 1 59  TYR 59  59  59  TYR TYR B . n 
B 1 60  ASN 60  60  60  ASN ASN B . n 
B 1 61  TYR 61  61  61  TYR TYR B . n 
B 1 62  LEU 62  62  62  LEU LEU B . n 
B 1 63  VAL 63  63  63  VAL VAL B . n 
B 1 64  ASP 64  64  64  ASP ASP B . n 
B 1 65  GLU 65  65  65  GLU GLU B . n 
B 1 66  GLY 66  66  66  GLY GLY B . n 
B 1 67  PHE 67  67  67  PHE PHE B . n 
B 1 68  ILE 68  68  68  ILE ILE B . n 
B 1 69  VAL 69  69  69  VAL VAL B . n 
B 1 70  VAL 70  70  70  VAL VAL B . n 
B 1 71  GLN 71  71  71  GLN GLN B . n 
B 1 72  LYS 72  72  72  LYS LYS B . n 
B 1 73  ARG 73  73  73  ARG ARG B . n 
B 1 74  ARG 74  74  74  ARG ARG B . n 
B 1 75  TYR 75  75  75  TYR TYR B . n 
B 1 76  VAL 76  76  76  VAL VAL B . n 
B 1 77  VAL 77  77  77  VAL VAL B . n 
B 1 78  LYS 78  78  78  LYS LYS B . n 
B 1 79  SER 79  79  79  SER SER B . n 
B 1 80  GLU 80  80  80  GLU GLU B . n 
B 1 81  VAL 81  81  81  VAL VAL B . n 
B 1 82  ARG 82  82  82  ARG ARG B . n 
B 1 83  ASP 83  83  83  ASP ASP B . n 
B 1 84  GLU 84  84  84  GLU GLU B . n 
B 1 85  SER 85  85  85  SER SER B . n 
B 1 86  TRP 86  86  86  TRP TRP B . n 
B 1 87  ARG 87  87  87  ARG ARG B . n 
B 1 88  ASN 88  88  88  ASN ASN B . n 
B 1 89  MET 89  89  89  MET MET B . n 
B 1 90  LEU 90  90  90  LEU LEU B . n 
B 1 91  ARG 91  91  91  ARG ARG B . n 
B 1 92  VAL 92  92  92  VAL VAL B . n 
B 1 93  ILE 93  93  93  ILE ILE B . n 
B 1 94  ILE 94  94  94  ILE ILE B . n 
B 1 95  TYR 95  95  95  TYR TYR B . n 
B 1 96  ARG 96  96  96  ARG ARG B . n 
B 1 97  ALA 97  97  97  ALA ALA B . n 
B 1 98  LEU 98  98  98  LEU LEU B . n 
B 1 99  ALA 99  99  99  ALA ALA B . n 
B 1 100 SER 100 100 100 SER SER B . n 
B 1 101 ASN 101 101 101 ASN ASN B . n 
B 1 102 MET 102 102 102 MET MET B . n 
B 1 103 SER 103 103 103 SER SER B . n 
B 1 104 LYS 104 104 104 LYS LYS B . n 
B 1 105 ASP 105 105 105 ASP ASP B . n 
B 1 106 GLU 106 106 106 GLU GLU B . n 
B 1 107 ILE 107 107 107 ILE ILE B . n 
B 1 108 VAL 108 108 108 VAL VAL B . n 
B 1 109 ASN 109 109 109 ASN ASN B . n 
B 1 110 GLU 110 110 110 GLU GLU B . n 
B 1 111 ILE 111 111 111 ILE ILE B . n 
B 1 112 ASN 112 112 112 ASN ASN B . n 
B 1 113 ARG 113 113 113 ARG ARG B . n 
B 1 114 VAL 114 114 114 VAL VAL B . n 
B 1 115 VAL 115 115 115 VAL VAL B . n 
B 1 116 SER 116 116 116 SER SER B . n 
B 1 117 GLU 117 117 117 GLU GLU B . n 
B 1 118 VAL 118 118 118 VAL VAL B . n 
B 1 119 ASN 119 119 119 ASN ASN B . n 
B 1 120 SER 120 120 120 SER SER B . n 
B 1 121 LYS 121 121 ?   ?   ?   B . n 
# 
loop_
_pdbx_nonpoly_scheme.asym_id 
_pdbx_nonpoly_scheme.entity_id 
_pdbx_nonpoly_scheme.mon_id 
_pdbx_nonpoly_scheme.ndb_seq_num 
_pdbx_nonpoly_scheme.pdb_seq_num 
_pdbx_nonpoly_scheme.auth_seq_num 
_pdbx_nonpoly_scheme.pdb_mon_id 
_pdbx_nonpoly_scheme.auth_mon_id 
_pdbx_nonpoly_scheme.pdb_strand_id 
_pdbx_nonpoly_scheme.pdb_ins_code 
C 2 HOH 1  201 4  HOH HOH A . 
C 2 HOH 2  202 42 HOH HOH A . 
C 2 HOH 3  203 61 HOH HOH A . 
C 2 HOH 4  204 33 HOH HOH A . 
C 2 HOH 5  205 34 HOH HOH A . 
C 2 HOH 6  206 41 HOH HOH A . 
C 2 HOH 7  207 2  HOH HOH A . 
C 2 HOH 8  208 48 HOH HOH A . 
C 2 HOH 9  209 37 HOH HOH A . 
C 2 HOH 10 210 15 HOH HOH A . 
C 2 HOH 11 211 40 HOH HOH A . 
C 2 HOH 12 212 24 HOH HOH A . 
C 2 HOH 13 213 50 HOH HOH A . 
C 2 HOH 14 214 66 HOH HOH A . 
C 2 HOH 15 215 46 HOH HOH A . 
C 2 HOH 16 216 30 HOH HOH A . 
C 2 HOH 17 217 57 HOH HOH A . 
C 2 HOH 18 218 32 HOH HOH A . 
C 2 HOH 19 219 22 HOH HOH A . 
C 2 HOH 20 220 19 HOH HOH A . 
C 2 HOH 21 221 47 HOH HOH A . 
C 2 HOH 22 222 29 HOH HOH A . 
C 2 HOH 23 223 17 HOH HOH A . 
C 2 HOH 24 224 23 HOH HOH A . 
C 2 HOH 25 225 54 HOH HOH A . 
C 2 HOH 26 226 45 HOH HOH A . 
D 2 HOH 1  201 8  HOH HOH B . 
D 2 HOH 2  202 52 HOH HOH B . 
D 2 HOH 3  203 3  HOH HOH B . 
D 2 HOH 4  204 51 HOH HOH B . 
D 2 HOH 5  205 26 HOH HOH B . 
D 2 HOH 6  206 20 HOH HOH B . 
D 2 HOH 7  207 65 HOH HOH B . 
D 2 HOH 8  208 58 HOH HOH B . 
D 2 HOH 9  209 7  HOH HOH B . 
D 2 HOH 10 210 53 HOH HOH B . 
D 2 HOH 11 211 16 HOH HOH B . 
D 2 HOH 12 212 59 HOH HOH B . 
D 2 HOH 13 213 25 HOH HOH B . 
D 2 HOH 14 214 27 HOH HOH B . 
D 2 HOH 15 215 36 HOH HOH B . 
D 2 HOH 16 216 55 HOH HOH B . 
D 2 HOH 17 217 49 HOH HOH B . 
D 2 HOH 18 218 35 HOH HOH B . 
D 2 HOH 19 219 56 HOH HOH B . 
D 2 HOH 20 220 43 HOH HOH B . 
D 2 HOH 21 221 21 HOH HOH B . 
D 2 HOH 22 222 12 HOH HOH B . 
D 2 HOH 23 223 13 HOH HOH B . 
D 2 HOH 24 224 10 HOH HOH B . 
D 2 HOH 25 225 1  HOH HOH B . 
D 2 HOH 26 226 63 HOH HOH B . 
D 2 HOH 27 227 28 HOH HOH B . 
D 2 HOH 28 228 60 HOH HOH B . 
D 2 HOH 29 229 6  HOH HOH B . 
D 2 HOH 30 230 9  HOH HOH B . 
D 2 HOH 31 231 44 HOH HOH B . 
D 2 HOH 32 232 14 HOH HOH B . 
D 2 HOH 33 233 31 HOH HOH B . 
D 2 HOH 34 234 39 HOH HOH B . 
D 2 HOH 35 235 62 HOH HOH B . 
D 2 HOH 36 236 11 HOH HOH B . 
D 2 HOH 37 237 5  HOH HOH B . 
D 2 HOH 38 238 18 HOH HOH B . 
D 2 HOH 39 239 38 HOH HOH B . 
D 2 HOH 40 240 64 HOH HOH B . 
# 
loop_
_software.citation_id 
_software.classification 
_software.compiler_name 
_software.compiler_version 
_software.contact_author 
_software.contact_author_email 
_software.date 
_software.description 
_software.dependencies 
_software.hardware 
_software.language 
_software.location 
_software.mods 
_software.name 
_software.os 
_software.os_version 
_software.type 
_software.version 
_software.pdbx_ordinal 
? refinement        ? ? ? ? ? ? ? ? ? ? ? PHENIX      ? ? ? 1.14_3260 1 
? 'data reduction'  ? ? ? ? ? ? ? ? ? ? ? XDS         ? ? ? .         2 
? 'data extraction' ? ? ? ? ? ? ? ? ? ? ? PDB_EXTRACT ? ? ? 3.25      3 
? 'data scaling'    ? ? ? ? ? ? ? ? ? ? ? XDS         ? ? ? .         4 
? phasing           ? ? ? ? ? ? ? ? ? ? ? PHASER      ? ? ? .         5 
# 
_cell.angle_alpha                  90.000 
_cell.angle_alpha_esd              ? 
_cell.angle_beta                   90.000 
_cell.angle_beta_esd               ? 
_cell.angle_gamma                  120.000 
_cell.angle_gamma_esd              ? 
_cell.entry_id                     6SBS 
_cell.details                      ? 
_cell.formula_units_Z              ? 
_cell.length_a                     133.090 
_cell.length_a_esd                 ? 
_cell.length_b                     133.090 
_cell.length_b_esd                 ? 
_cell.length_c                     39.330 
_cell.length_c_esd                 ? 
_cell.volume                       ? 
_cell.volume_esd                   ? 
_cell.Z_PDB                        12 
_cell.reciprocal_angle_alpha       ? 
_cell.reciprocal_angle_beta        ? 
_cell.reciprocal_angle_gamma       ? 
_cell.reciprocal_angle_alpha_esd   ? 
_cell.reciprocal_angle_beta_esd    ? 
_cell.reciprocal_angle_gamma_esd   ? 
_cell.reciprocal_length_a          ? 
_cell.reciprocal_length_b          ? 
_cell.reciprocal_length_c          ? 
_cell.reciprocal_length_a_esd      ? 
_cell.reciprocal_length_b_esd      ? 
_cell.reciprocal_length_c_esd      ? 
_cell.pdbx_unique_axis             ? 
# 
_symmetry.entry_id                         6SBS 
_symmetry.cell_setting                     ? 
_symmetry.Int_Tables_number                171 
_symmetry.space_group_name_Hall            ? 
_symmetry.space_group_name_H-M             'P 62' 
_symmetry.pdbx_full_space_group_name_H-M   ? 
# 
_exptl.absorpt_coefficient_mu     ? 
_exptl.absorpt_correction_T_max   ? 
_exptl.absorpt_correction_T_min   ? 
_exptl.absorpt_correction_type    ? 
_exptl.absorpt_process_details    ? 
_exptl.entry_id                   6SBS 
_exptl.crystals_number            1 
_exptl.details                    ? 
_exptl.method                     'X-RAY DIFFRACTION' 
_exptl.method_details             ? 
# 
_exptl_crystal.colour                      ? 
_exptl_crystal.density_diffrn              ? 
_exptl_crystal.density_Matthews            2.5 
_exptl_crystal.density_method              ? 
_exptl_crystal.density_percent_sol         50.5 
_exptl_crystal.description                 needle 
_exptl_crystal.F_000                       ? 
_exptl_crystal.id                          1 
_exptl_crystal.preparation                 ? 
_exptl_crystal.size_max                    ? 
_exptl_crystal.size_mid                    ? 
_exptl_crystal.size_min                    ? 
_exptl_crystal.size_rad                    ? 
_exptl_crystal.colour_lustre               ? 
_exptl_crystal.colour_modifier             ? 
_exptl_crystal.colour_primary              ? 
_exptl_crystal.density_meas                ? 
_exptl_crystal.density_meas_esd            ? 
_exptl_crystal.density_meas_gt             ? 
_exptl_crystal.density_meas_lt             ? 
_exptl_crystal.density_meas_temp           ? 
_exptl_crystal.density_meas_temp_esd       ? 
_exptl_crystal.density_meas_temp_gt        ? 
_exptl_crystal.density_meas_temp_lt        ? 
_exptl_crystal.pdbx_crystal_image_url      ? 
_exptl_crystal.pdbx_crystal_image_format   ? 
_exptl_crystal.pdbx_mosaicity              ? 
_exptl_crystal.pdbx_mosaicity_esd          ? 
# 
_exptl_crystal_grow.apparatus       ? 
_exptl_crystal_grow.atmosphere      ? 
_exptl_crystal_grow.crystal_id      1 
_exptl_crystal_grow.details         ? 
_exptl_crystal_grow.method          'VAPOR DIFFUSION, HANGING DROP' 
_exptl_crystal_grow.method_ref      ? 
_exptl_crystal_grow.pH              8.5 
_exptl_crystal_grow.pressure        ? 
_exptl_crystal_grow.pressure_esd    ? 
_exptl_crystal_grow.seeding         ? 
_exptl_crystal_grow.seeding_ref     ? 
_exptl_crystal_grow.temp            293 
_exptl_crystal_grow.temp_details    ? 
_exptl_crystal_grow.temp_esd        ? 
_exptl_crystal_grow.time            ? 
_exptl_crystal_grow.pdbx_details    
;20 % (w/v)
229 PEG3350, 0.2 M sodium nitrate and 0.1 M Bis-Tris propane, pH 8.5
;
_exptl_crystal_grow.pdbx_pH_range   ? 
# 
_diffrn.ambient_environment              ? 
_diffrn.ambient_temp                     100 
_diffrn.ambient_temp_details             ? 
_diffrn.ambient_temp_esd                 ? 
_diffrn.crystal_id                       1 
_diffrn.crystal_support                  ? 
_diffrn.crystal_treatment                ? 
_diffrn.details                          ? 
_diffrn.id                               1 
_diffrn.ambient_pressure                 ? 
_diffrn.ambient_pressure_esd             ? 
_diffrn.ambient_pressure_gt              ? 
_diffrn.ambient_pressure_lt              ? 
_diffrn.ambient_temp_gt                  ? 
_diffrn.ambient_temp_lt                  ? 
_diffrn.pdbx_serial_crystal_experiment   N 
# 
_diffrn_detector.details                      ? 
_diffrn_detector.detector                     PIXEL 
_diffrn_detector.diffrn_id                    1 
_diffrn_detector.type                         'DECTRIS PILATUS3 6M' 
_diffrn_detector.area_resol_mean              ? 
_diffrn_detector.dtime                        ? 
_diffrn_detector.pdbx_frames_total            ? 
_diffrn_detector.pdbx_collection_time_total   ? 
_diffrn_detector.pdbx_collection_date         2017-07-23 
_diffrn_detector.pdbx_frequency               ? 
# 
_diffrn_radiation.collimation                      ? 
_diffrn_radiation.diffrn_id                        1 
_diffrn_radiation.filter_edge                      ? 
_diffrn_radiation.inhomogeneity                    ? 
_diffrn_radiation.monochromator                    ? 
_diffrn_radiation.polarisn_norm                    ? 
_diffrn_radiation.polarisn_ratio                   ? 
_diffrn_radiation.probe                            ? 
_diffrn_radiation.type                             ? 
_diffrn_radiation.xray_symbol                      ? 
_diffrn_radiation.wavelength_id                    1 
_diffrn_radiation.pdbx_monochromatic_or_laue_m_l   M 
_diffrn_radiation.pdbx_wavelength_list             ? 
_diffrn_radiation.pdbx_wavelength                  ? 
_diffrn_radiation.pdbx_diffrn_protocol             'SINGLE WAVELENGTH' 
_diffrn_radiation.pdbx_analyzer                    ? 
_diffrn_radiation.pdbx_scattering_type             x-ray 
# 
_diffrn_radiation_wavelength.id           1 
_diffrn_radiation_wavelength.wavelength   0.979 
_diffrn_radiation_wavelength.wt           1.0 
# 
_diffrn_source.current                     ? 
_diffrn_source.details                     ? 
_diffrn_source.diffrn_id                   1 
_diffrn_source.power                       ? 
_diffrn_source.size                        ? 
_diffrn_source.source                      SYNCHROTRON 
_diffrn_source.target                      ? 
_diffrn_source.type                        'ESRF BEAMLINE ID23-1' 
_diffrn_source.voltage                     ? 
_diffrn_source.take-off_angle              ? 
_diffrn_source.pdbx_wavelength_list        0.979 
_diffrn_source.pdbx_wavelength             ? 
_diffrn_source.pdbx_synchrotron_beamline   ID23-1 
_diffrn_source.pdbx_synchrotron_site       ESRF 
# 
_reflns.B_iso_Wilson_estimate            ? 
_reflns.entry_id                         6SBS 
_reflns.data_reduction_details           ? 
_reflns.data_reduction_method            ? 
_reflns.d_resolution_high                2.8010 
_reflns.d_resolution_low                 38.42 
_reflns.details                          ? 
_reflns.limit_h_max                      ? 
_reflns.limit_h_min                      ? 
_reflns.limit_k_max                      ? 
_reflns.limit_k_min                      ? 
_reflns.limit_l_max                      ? 
_reflns.limit_l_min                      ? 
_reflns.number_all                       ? 
_reflns.number_obs                       10103 
_reflns.observed_criterion               ? 
_reflns.observed_criterion_F_max         ? 
_reflns.observed_criterion_F_min         ? 
_reflns.observed_criterion_I_max         ? 
_reflns.observed_criterion_I_min         ? 
_reflns.observed_criterion_sigma_F       ? 
_reflns.observed_criterion_sigma_I       ? 
_reflns.percent_possible_obs             100 
_reflns.R_free_details                   ? 
_reflns.Rmerge_F_all                     ? 
_reflns.Rmerge_F_obs                     ? 
_reflns.Friedel_coverage                 ? 
_reflns.number_gt                        ? 
_reflns.threshold_expression             ? 
_reflns.pdbx_redundancy                  10.01 
_reflns.pdbx_Rmerge_I_obs                ? 
_reflns.pdbx_Rmerge_I_all                ? 
_reflns.pdbx_Rsym_value                  ? 
_reflns.pdbx_netI_over_av_sigmaI         ? 
_reflns.pdbx_netI_over_sigmaI            8.88 
_reflns.pdbx_res_netI_over_av_sigmaI_2   ? 
_reflns.pdbx_res_netI_over_sigmaI_2      ? 
_reflns.pdbx_chi_squared                 ? 
_reflns.pdbx_scaling_rejects             ? 
_reflns.pdbx_d_res_high_opt              ? 
_reflns.pdbx_d_res_low_opt               ? 
_reflns.pdbx_d_res_opt_method            ? 
_reflns.phase_calculation_details        ? 
_reflns.pdbx_Rrim_I_all                  0.209 
_reflns.pdbx_Rpim_I_all                  ? 
_reflns.pdbx_d_opt                       ? 
_reflns.pdbx_number_measured_all         ? 
_reflns.pdbx_diffrn_id                   1 
_reflns.pdbx_ordinal                     1 
_reflns.pdbx_CC_half                     0.995 
_reflns.pdbx_R_split                     ? 
# 
_reflns_shell.d_res_high                  2.8010 
_reflns_shell.d_res_low                   2.87 
_reflns_shell.meanI_over_sigI_all         ? 
_reflns_shell.meanI_over_sigI_obs         ? 
_reflns_shell.number_measured_all         ? 
_reflns_shell.number_measured_obs         ? 
_reflns_shell.number_possible             ? 
_reflns_shell.number_unique_all           ? 
_reflns_shell.number_unique_obs           727 
_reflns_shell.percent_possible_all        100 
_reflns_shell.percent_possible_obs        ? 
_reflns_shell.Rmerge_F_all                ? 
_reflns_shell.Rmerge_F_obs                ? 
_reflns_shell.Rmerge_I_all                ? 
_reflns_shell.Rmerge_I_obs                ? 
_reflns_shell.meanI_over_sigI_gt          ? 
_reflns_shell.meanI_over_uI_all           ? 
_reflns_shell.meanI_over_uI_gt            ? 
_reflns_shell.number_measured_gt          ? 
_reflns_shell.number_unique_gt            ? 
_reflns_shell.percent_possible_gt         ? 
_reflns_shell.Rmerge_F_gt                 ? 
_reflns_shell.Rmerge_I_gt                 ? 
_reflns_shell.pdbx_redundancy             ? 
_reflns_shell.pdbx_Rsym_value             ? 
_reflns_shell.pdbx_chi_squared            ? 
_reflns_shell.pdbx_netI_over_sigmaI_all   ? 
_reflns_shell.pdbx_netI_over_sigmaI_obs   ? 
_reflns_shell.pdbx_Rrim_I_all             ? 
_reflns_shell.pdbx_Rpim_I_all             ? 
_reflns_shell.pdbx_rejects                ? 
_reflns_shell.pdbx_ordinal                1 
_reflns_shell.pdbx_diffrn_id              1 
_reflns_shell.pdbx_CC_half                ? 
_reflns_shell.pdbx_R_split                ? 
# 
_refine.aniso_B[1][1]                            ? 
_refine.aniso_B[1][2]                            ? 
_refine.aniso_B[1][3]                            ? 
_refine.aniso_B[2][2]                            ? 
_refine.aniso_B[2][3]                            ? 
_refine.aniso_B[3][3]                            ? 
_refine.B_iso_max                                128.560 
_refine.B_iso_mean                               74.0029 
_refine.B_iso_min                                23.340 
_refine.correlation_coeff_Fo_to_Fc               ? 
_refine.correlation_coeff_Fo_to_Fc_free          ? 
_refine.details                                  ? 
_refine.diff_density_max                         ? 
_refine.diff_density_max_esd                     ? 
_refine.diff_density_min                         ? 
_refine.diff_density_min_esd                     ? 
_refine.diff_density_rms                         ? 
_refine.diff_density_rms_esd                     ? 
_refine.entry_id                                 6SBS 
_refine.pdbx_refine_id                           'X-RAY DIFFRACTION' 
_refine.ls_abs_structure_details                 ? 
_refine.ls_abs_structure_Flack                   ? 
_refine.ls_abs_structure_Flack_esd               ? 
_refine.ls_abs_structure_Rogers                  ? 
_refine.ls_abs_structure_Rogers_esd              ? 
_refine.ls_d_res_high                            2.8010 
_refine.ls_d_res_low                             38.4200 
_refine.ls_extinction_coef                       ? 
_refine.ls_extinction_coef_esd                   ? 
_refine.ls_extinction_expression                 ? 
_refine.ls_extinction_method                     ? 
_refine.ls_goodness_of_fit_all                   ? 
_refine.ls_goodness_of_fit_all_esd               ? 
_refine.ls_goodness_of_fit_obs                   ? 
_refine.ls_goodness_of_fit_obs_esd               ? 
_refine.ls_hydrogen_treatment                    ? 
_refine.ls_matrix_type                           ? 
_refine.ls_number_constraints                    ? 
_refine.ls_number_parameters                     ? 
_refine.ls_number_reflns_all                     ? 
_refine.ls_number_reflns_obs                     10092 
_refine.ls_number_reflns_R_free                  505 
_refine.ls_number_reflns_R_work                  ? 
_refine.ls_number_restraints                     ? 
_refine.ls_percent_reflns_obs                    99.9100 
_refine.ls_percent_reflns_R_free                 5.0000 
_refine.ls_R_factor_all                          ? 
_refine.ls_R_factor_obs                          0.2525 
_refine.ls_R_factor_R_free                       0.3208 
_refine.ls_R_factor_R_free_error                 ? 
_refine.ls_R_factor_R_free_error_details         ? 
_refine.ls_R_factor_R_work                       0.2489 
_refine.ls_R_Fsqd_factor_obs                     ? 
_refine.ls_R_I_factor_obs                        ? 
_refine.ls_redundancy_reflns_all                 ? 
_refine.ls_redundancy_reflns_obs                 ? 
_refine.ls_restrained_S_all                      ? 
_refine.ls_restrained_S_obs                      ? 
_refine.ls_shift_over_esd_max                    ? 
_refine.ls_shift_over_esd_mean                   ? 
_refine.ls_structure_factor_coef                 ? 
_refine.ls_weighting_details                     ? 
_refine.ls_weighting_scheme                      ? 
_refine.ls_wR_factor_all                         ? 
_refine.ls_wR_factor_obs                         ? 
_refine.ls_wR_factor_R_free                      ? 
_refine.ls_wR_factor_R_work                      ? 
_refine.occupancy_max                            ? 
_refine.occupancy_min                            ? 
_refine.solvent_model_details                    ? 
_refine.solvent_model_param_bsol                 ? 
_refine.solvent_model_param_ksol                 ? 
_refine.ls_R_factor_gt                           ? 
_refine.ls_goodness_of_fit_gt                    ? 
_refine.ls_goodness_of_fit_ref                   ? 
_refine.ls_shift_over_su_max                     ? 
_refine.ls_shift_over_su_max_lt                  ? 
_refine.ls_shift_over_su_mean                    ? 
_refine.ls_shift_over_su_mean_lt                 ? 
_refine.pdbx_ls_sigma_I                          ? 
_refine.pdbx_ls_sigma_F                          1.370 
_refine.pdbx_ls_sigma_Fsqd                       ? 
_refine.pdbx_data_cutoff_high_absF               ? 
_refine.pdbx_data_cutoff_high_rms_absF           ? 
_refine.pdbx_data_cutoff_low_absF                ? 
_refine.pdbx_isotropic_thermal_model             ? 
_refine.pdbx_ls_cross_valid_method               THROUGHOUT 
_refine.pdbx_method_to_determine_struct          SAD 
_refine.pdbx_starting_model                      ? 
_refine.pdbx_stereochemistry_target_values       ? 
_refine.pdbx_R_Free_selection_details            ? 
_refine.pdbx_stereochem_target_val_spec_case     ? 
_refine.pdbx_overall_ESU_R                       ? 
_refine.pdbx_overall_ESU_R_Free                  ? 
_refine.pdbx_solvent_vdw_probe_radii             1.1100 
_refine.pdbx_solvent_ion_probe_radii             ? 
_refine.pdbx_solvent_shrinkage_radii             0.9000 
_refine.pdbx_real_space_R                        ? 
_refine.pdbx_density_correlation                 ? 
_refine.pdbx_pd_number_of_powder_patterns        ? 
_refine.pdbx_pd_number_of_points                 ? 
_refine.pdbx_pd_meas_number_of_points            ? 
_refine.pdbx_pd_proc_ls_prof_R_factor            ? 
_refine.pdbx_pd_proc_ls_prof_wR_factor           ? 
_refine.pdbx_pd_Marquardt_correlation_coeff      ? 
_refine.pdbx_pd_Fsqrd_R_factor                   ? 
_refine.pdbx_pd_ls_matrix_band_width             ? 
_refine.pdbx_overall_phase_error                 35.9400 
_refine.pdbx_overall_SU_R_free_Cruickshank_DPI   ? 
_refine.pdbx_overall_SU_R_free_Blow_DPI          ? 
_refine.pdbx_overall_SU_R_Blow_DPI               ? 
_refine.pdbx_TLS_residual_ADP_flag               ? 
_refine.pdbx_diffrn_id                           1 
_refine.overall_SU_B                             ? 
_refine.overall_SU_ML                            0.4700 
_refine.overall_SU_R_Cruickshank_DPI             ? 
_refine.overall_SU_R_free                        ? 
_refine.overall_FOM_free_R_set                   ? 
_refine.overall_FOM_work_R_set                   ? 
_refine.pdbx_average_fsc_overall                 ? 
_refine.pdbx_average_fsc_work                    ? 
_refine.pdbx_average_fsc_free                    ? 
# 
_refine_hist.pdbx_refine_id                   'X-RAY DIFFRACTION' 
_refine_hist.cycle_id                         final 
_refine_hist.details                          ? 
_refine_hist.d_res_high                       2.8010 
_refine_hist.d_res_low                        38.4200 
_refine_hist.number_atoms_solvent             66 
_refine_hist.number_atoms_total               1757 
_refine_hist.number_reflns_all                ? 
_refine_hist.number_reflns_obs                ? 
_refine_hist.number_reflns_R_free             ? 
_refine_hist.number_reflns_R_work             ? 
_refine_hist.R_factor_all                     ? 
_refine_hist.R_factor_obs                     ? 
_refine_hist.R_factor_R_free                  ? 
_refine_hist.R_factor_R_work                  ? 
_refine_hist.pdbx_number_residues_total       210 
_refine_hist.pdbx_B_iso_mean_ligand           ? 
_refine_hist.pdbx_B_iso_mean_solvent          70.45 
_refine_hist.pdbx_number_atoms_protein        1691 
_refine_hist.pdbx_number_atoms_nucleic_acid   0 
_refine_hist.pdbx_number_atoms_ligand         0 
_refine_hist.pdbx_number_atoms_lipid          ? 
_refine_hist.pdbx_number_atoms_carb           ? 
_refine_hist.pdbx_pseudo_atom_details         ? 
# 
loop_
_refine_ls_shell.pdbx_refine_id 
_refine_ls_shell.d_res_high 
_refine_ls_shell.d_res_low 
_refine_ls_shell.number_reflns_all 
_refine_ls_shell.number_reflns_obs 
_refine_ls_shell.number_reflns_R_free 
_refine_ls_shell.number_reflns_R_work 
_refine_ls_shell.percent_reflns_obs 
_refine_ls_shell.percent_reflns_R_free 
_refine_ls_shell.R_factor_all 
_refine_ls_shell.R_factor_obs 
_refine_ls_shell.R_factor_R_free 
_refine_ls_shell.R_factor_R_free_error 
_refine_ls_shell.R_factor_R_work 
_refine_ls_shell.redundancy_reflns_all 
_refine_ls_shell.redundancy_reflns_obs 
_refine_ls_shell.wR_factor_all 
_refine_ls_shell.wR_factor_obs 
_refine_ls_shell.wR_factor_R_free 
_refine_ls_shell.wR_factor_R_work 
_refine_ls_shell.pdbx_total_number_of_bins_used 
_refine_ls_shell.pdbx_phase_error 
_refine_ls_shell.pdbx_fsc_work 
_refine_ls_shell.pdbx_fsc_free 
'X-RAY DIFFRACTION' 2.8010 3.0823  . . 125 2376 100.0000 . . . 0.3983 0.0000 0.3398 . . . . . . . . . . 
'X-RAY DIFFRACTION' 3.0823 3.5280  . . 125 2357 100.0000 . . . 0.3376 0.0000 0.2817 . . . . . . . . . . 
'X-RAY DIFFRACTION' 3.5280 4.4439  . . 126 2395 100.0000 . . . 0.2773 0.0000 0.2262 . . . . . . . . . . 
'X-RAY DIFFRACTION' 4.4439 38.4200 . . 129 2459 100.0000 . . . 0.3337 0.0000 0.2397 . . . . . . . . . . 
# 
_struct.entry_id                     6SBS 
_struct.title                        'YtrA from Sulfolobus acidocaldarius, a GntR-family transcription factor' 
_struct.pdbx_model_details           ? 
_struct.pdbx_formula_weight          ? 
_struct.pdbx_formula_weight_method   ? 
_struct.pdbx_model_type_details      ? 
_struct.pdbx_CASP_flag               N 
# 
_struct_keywords.entry_id        6SBS 
_struct_keywords.text            'transcription regulation, archaea, Sulfolobus, GntR, YtrA, TRANSCRIPTION' 
_struct_keywords.pdbx_keywords   TRANSCRIPTION 
# 
loop_
_struct_asym.id 
_struct_asym.pdbx_blank_PDB_chainid_flag 
_struct_asym.pdbx_modified 
_struct_asym.entity_id 
_struct_asym.details 
A N N 1 ? 
B N N 1 ? 
C N N 2 ? 
D N N 2 ? 
# 
_struct_ref.id                         1 
_struct_ref.db_name                    UNP 
_struct_ref.db_code                    Q4J7S4_SULAC 
_struct_ref.pdbx_db_accession          Q4J7S4 
_struct_ref.pdbx_db_isoform            ? 
_struct_ref.entity_id                  1 
_struct_ref.pdbx_seq_one_letter_code   
;MTSIIKIDLESKTPIYKQIADQIIELIAKGELKPGDKLPSIRELASMLGVNMLTVNKAYNYLVDEGFIVVQKRRYVVKSE
VRDESWRNMLRVIIYRALASNMSKDEIVNEINRVVSEVNSK
;
_struct_ref.pdbx_align_begin           1 
# 
loop_
_struct_ref_seq.align_id 
_struct_ref_seq.ref_id 
_struct_ref_seq.pdbx_PDB_id_code 
_struct_ref_seq.pdbx_strand_id 
_struct_ref_seq.seq_align_beg 
_struct_ref_seq.pdbx_seq_align_beg_ins_code 
_struct_ref_seq.seq_align_end 
_struct_ref_seq.pdbx_seq_align_end_ins_code 
_struct_ref_seq.pdbx_db_accession 
_struct_ref_seq.db_align_beg 
_struct_ref_seq.pdbx_db_align_beg_ins_code 
_struct_ref_seq.db_align_end 
_struct_ref_seq.pdbx_db_align_end_ins_code 
_struct_ref_seq.pdbx_auth_seq_align_beg 
_struct_ref_seq.pdbx_auth_seq_align_end 
1 1 6SBS A 1 ? 121 ? Q4J7S4 1 ? 121 ? 1 120 
2 1 6SBS B 1 ? 121 ? Q4J7S4 1 ? 121 ? 1 121 
# 
_pdbx_struct_assembly.id                   1 
_pdbx_struct_assembly.details              author_and_software_defined_assembly 
_pdbx_struct_assembly.method_details       PISA 
_pdbx_struct_assembly.oligomeric_details   dimeric 
_pdbx_struct_assembly.oligomeric_count     2 
# 
loop_
_pdbx_struct_assembly_prop.biol_id 
_pdbx_struct_assembly_prop.type 
_pdbx_struct_assembly_prop.value 
_pdbx_struct_assembly_prop.details 
1 'ABSA (A^2)' 3410  ? 
1 MORE         -24   ? 
1 'SSA (A^2)'  12250 ? 
# 
_pdbx_struct_assembly_gen.assembly_id       1 
_pdbx_struct_assembly_gen.oper_expression   1 
_pdbx_struct_assembly_gen.asym_id_list      A,B,C,D 
# 
_pdbx_struct_assembly_auth_evidence.id                     1 
_pdbx_struct_assembly_auth_evidence.assembly_id            1 
_pdbx_struct_assembly_auth_evidence.experimental_support   'gel filtration' 
_pdbx_struct_assembly_auth_evidence.details                ? 
# 
_pdbx_struct_oper_list.id                   1 
_pdbx_struct_oper_list.type                 'identity operation' 
_pdbx_struct_oper_list.name                 1_555 
_pdbx_struct_oper_list.symmetry_operation   x,y,z 
_pdbx_struct_oper_list.matrix[1][1]         1.0000000000 
_pdbx_struct_oper_list.matrix[1][2]         0.0000000000 
_pdbx_struct_oper_list.matrix[1][3]         0.0000000000 
_pdbx_struct_oper_list.vector[1]            0.0000000000 
_pdbx_struct_oper_list.matrix[2][1]         0.0000000000 
_pdbx_struct_oper_list.matrix[2][2]         1.0000000000 
_pdbx_struct_oper_list.matrix[2][3]         0.0000000000 
_pdbx_struct_oper_list.vector[2]            0.0000000000 
_pdbx_struct_oper_list.matrix[3][1]         0.0000000000 
_pdbx_struct_oper_list.matrix[3][2]         0.0000000000 
_pdbx_struct_oper_list.matrix[3][3]         1.0000000000 
_pdbx_struct_oper_list.vector[3]            0.0000000000 
# 
loop_
_struct_conf.conf_type_id 
_struct_conf.id 
_struct_conf.pdbx_PDB_helix_id 
_struct_conf.beg_label_comp_id 
_struct_conf.beg_label_asym_id 
_struct_conf.beg_label_seq_id 
_struct_conf.pdbx_beg_PDB_ins_code 
_struct_conf.end_label_comp_id 
_struct_conf.end_label_asym_id 
_struct_conf.end_label_seq_id 
_struct_conf.pdbx_end_PDB_ins_code 
_struct_conf.beg_auth_comp_id 
_struct_conf.beg_auth_asym_id 
_struct_conf.beg_auth_seq_id 
_struct_conf.end_auth_comp_id 
_struct_conf.end_auth_asym_id 
_struct_conf.end_auth_seq_id 
_struct_conf.pdbx_PDB_helix_class 
_struct_conf.details 
_struct_conf.pdbx_PDB_helix_length 
HELX_P HELX_P1 AA1 PRO A 14  ? LYS A 29  ? PRO A 14  LYS A 29  1 ? 16 
HELX_P HELX_P2 AA2 SER A 40  ? GLY A 49  ? SER A 40  GLY A 49  1 ? 10 
HELX_P HELX_P3 AA3 ASN A 51  ? GLU A 65  ? ASN A 51  GLU A 65  1 ? 15 
HELX_P HELX_P4 AA4 ARG A 87  ? ALA A 99  ? ARG A 86  ALA A 98  1 ? 13 
HELX_P HELX_P5 AA5 PRO B 14  ? LYS B 29  ? PRO B 14  LYS B 29  1 ? 16 
HELX_P HELX_P6 AA6 SER B 40  ? LEU B 48  ? SER B 40  LEU B 48  1 ? 9  
HELX_P HELX_P7 AA7 ASN B 51  ? GLY B 66  ? ASN B 51  GLY B 66  1 ? 16 
HELX_P HELX_P8 AA8 ASP B 83  ? ALA B 99  ? ASP B 83  ALA B 99  1 ? 17 
HELX_P HELX_P9 AA9 SER B 103 ? ASN B 119 ? SER B 103 ASN B 119 1 ? 17 
# 
_struct_conf_type.id          HELX_P 
_struct_conf_type.criteria    ? 
_struct_conf_type.reference   ? 
# 
loop_
_struct_sheet.id 
_struct_sheet.type 
_struct_sheet.number_strands 
_struct_sheet.details 
AA1 ? 2 ? 
AA2 ? 2 ? 
# 
loop_
_struct_sheet_order.sheet_id 
_struct_sheet_order.range_id_1 
_struct_sheet_order.range_id_2 
_struct_sheet_order.offset 
_struct_sheet_order.sense 
AA1 1 2 ? anti-parallel 
AA2 1 2 ? anti-parallel 
# 
loop_
_struct_sheet_range.sheet_id 
_struct_sheet_range.id 
_struct_sheet_range.beg_label_comp_id 
_struct_sheet_range.beg_label_asym_id 
_struct_sheet_range.beg_label_seq_id 
_struct_sheet_range.pdbx_beg_PDB_ins_code 
_struct_sheet_range.end_label_comp_id 
_struct_sheet_range.end_label_asym_id 
_struct_sheet_range.end_label_seq_id 
_struct_sheet_range.pdbx_end_PDB_ins_code 
_struct_sheet_range.beg_auth_comp_id 
_struct_sheet_range.beg_auth_asym_id 
_struct_sheet_range.beg_auth_seq_id 
_struct_sheet_range.end_auth_comp_id 
_struct_sheet_range.end_auth_asym_id 
_struct_sheet_range.end_auth_seq_id 
AA1 1 ILE A 68 ? VAL A 70 ? ILE A 68 VAL A 70 
AA1 2 TYR A 75 ? VAL A 77 ? TYR A 75 VAL A 77 
AA2 1 ILE B 68 ? VAL B 70 ? ILE B 68 VAL B 70 
AA2 2 TYR B 75 ? VAL B 77 ? TYR B 75 VAL B 77 
# 
loop_
_pdbx_struct_sheet_hbond.sheet_id 
_pdbx_struct_sheet_hbond.range_id_1 
_pdbx_struct_sheet_hbond.range_id_2 
_pdbx_struct_sheet_hbond.range_1_label_atom_id 
_pdbx_struct_sheet_hbond.range_1_label_comp_id 
_pdbx_struct_sheet_hbond.range_1_label_asym_id 
_pdbx_struct_sheet_hbond.range_1_label_seq_id 
_pdbx_struct_sheet_hbond.range_1_PDB_ins_code 
_pdbx_struct_sheet_hbond.range_1_auth_atom_id 
_pdbx_struct_sheet_hbond.range_1_auth_comp_id 
_pdbx_struct_sheet_hbond.range_1_auth_asym_id 
_pdbx_struct_sheet_hbond.range_1_auth_seq_id 
_pdbx_struct_sheet_hbond.range_2_label_atom_id 
_pdbx_struct_sheet_hbond.range_2_label_comp_id 
_pdbx_struct_sheet_hbond.range_2_label_asym_id 
_pdbx_struct_sheet_hbond.range_2_label_seq_id 
_pdbx_struct_sheet_hbond.range_2_PDB_ins_code 
_pdbx_struct_sheet_hbond.range_2_auth_atom_id 
_pdbx_struct_sheet_hbond.range_2_auth_comp_id 
_pdbx_struct_sheet_hbond.range_2_auth_asym_id 
_pdbx_struct_sheet_hbond.range_2_auth_seq_id 
AA1 1 2 N VAL A 69 ? N VAL A 69 O VAL A 76 ? O VAL A 76 
AA2 1 2 N VAL B 69 ? N VAL B 69 O VAL B 76 ? O VAL B 76 
# 
_pdbx_validate_symm_contact.id                1 
_pdbx_validate_symm_contact.PDB_model_num     1 
_pdbx_validate_symm_contact.auth_atom_id_1    NZ 
_pdbx_validate_symm_contact.auth_asym_id_1    B 
_pdbx_validate_symm_contact.auth_comp_id_1    LYS 
_pdbx_validate_symm_contact.auth_seq_id_1     37 
_pdbx_validate_symm_contact.PDB_ins_code_1    ? 
_pdbx_validate_symm_contact.label_alt_id_1    ? 
_pdbx_validate_symm_contact.site_symmetry_1   1_555 
_pdbx_validate_symm_contact.auth_atom_id_2    NZ 
_pdbx_validate_symm_contact.auth_asym_id_2    B 
_pdbx_validate_symm_contact.auth_comp_id_2    LYS 
_pdbx_validate_symm_contact.auth_seq_id_2     37 
_pdbx_validate_symm_contact.PDB_ins_code_2    ? 
_pdbx_validate_symm_contact.label_alt_id_2    ? 
_pdbx_validate_symm_contact.site_symmetry_2   4_665 
_pdbx_validate_symm_contact.dist              1.05 
# 
loop_
_pdbx_validate_torsion.id 
_pdbx_validate_torsion.PDB_model_num 
_pdbx_validate_torsion.auth_comp_id 
_pdbx_validate_torsion.auth_asym_id 
_pdbx_validate_torsion.auth_seq_id 
_pdbx_validate_torsion.PDB_ins_code 
_pdbx_validate_torsion.label_alt_id 
_pdbx_validate_torsion.phi 
_pdbx_validate_torsion.psi 
1 1 LYS A 72  ? ? 39.93   76.79   
2 1 LYS A 78  ? ? -83.91  -151.28 
3 1 SER A 79  ? ? -151.54 10.73   
4 1 ALA A 98  ? ? -65.48  6.31    
5 1 LYS B 72  ? ? -110.46 -91.08  
6 1 ARG B 82  ? ? 81.49   -18.21  
7 1 ASN B 119 ? ? -67.70  3.36    
# 
_pdbx_validate_peptide_omega.id               1 
_pdbx_validate_peptide_omega.PDB_model_num    1 
_pdbx_validate_peptide_omega.auth_comp_id_1   ASN 
_pdbx_validate_peptide_omega.auth_asym_id_1   B 
_pdbx_validate_peptide_omega.auth_seq_id_1    119 
_pdbx_validate_peptide_omega.PDB_ins_code_1   ? 
_pdbx_validate_peptide_omega.label_alt_id_1   ? 
_pdbx_validate_peptide_omega.auth_comp_id_2   SER 
_pdbx_validate_peptide_omega.auth_asym_id_2   B 
_pdbx_validate_peptide_omega.auth_seq_id_2    120 
_pdbx_validate_peptide_omega.PDB_ins_code_2   ? 
_pdbx_validate_peptide_omega.label_alt_id_2   ? 
_pdbx_validate_peptide_omega.omega            148.91 
# 
loop_
_pdbx_distant_solvent_atoms.id 
_pdbx_distant_solvent_atoms.PDB_model_num 
_pdbx_distant_solvent_atoms.auth_atom_id 
_pdbx_distant_solvent_atoms.label_alt_id 
_pdbx_distant_solvent_atoms.auth_asym_id 
_pdbx_distant_solvent_atoms.auth_comp_id 
_pdbx_distant_solvent_atoms.auth_seq_id 
_pdbx_distant_solvent_atoms.PDB_ins_code 
_pdbx_distant_solvent_atoms.neighbor_macromolecule_distance 
_pdbx_distant_solvent_atoms.neighbor_ligand_distance 
1 1 O ? A HOH 225 ? 6.82  . 
2 1 O ? A HOH 226 ? 9.23  . 
3 1 O ? B HOH 239 ? 6.16  . 
4 1 O ? B HOH 240 ? 17.78 . 
# 
loop_
_pdbx_unobs_or_zero_occ_residues.id 
_pdbx_unobs_or_zero_occ_residues.PDB_model_num 
_pdbx_unobs_or_zero_occ_residues.polymer_flag 
_pdbx_unobs_or_zero_occ_residues.occupancy_flag 
_pdbx_unobs_or_zero_occ_residues.auth_asym_id 
_pdbx_unobs_or_zero_occ_residues.auth_comp_id 
_pdbx_unobs_or_zero_occ_residues.auth_seq_id 
_pdbx_unobs_or_zero_occ_residues.PDB_ins_code 
_pdbx_unobs_or_zero_occ_residues.label_asym_id 
_pdbx_unobs_or_zero_occ_residues.label_comp_id 
_pdbx_unobs_or_zero_occ_residues.label_seq_id 
1  1 Y 1 A MET 1   ? A MET 1   
2  1 Y 1 A THR 2   ? A THR 2   
3  1 Y 1 A ARG 81  A A ARG 82  
4  1 Y 1 A ASP 81  B A ASP 83  
5  1 Y 1 A GLU 81  C A GLU 84  
6  1 Y 1 A SER 81  D A SER 85  
7  1 Y 1 A ASN 100 ? A ASN 101 
8  1 Y 1 A MET 101 ? A MET 102 
9  1 Y 1 A SER 102 ? A SER 103 
10 1 Y 1 A LYS 103 ? A LYS 104 
11 1 Y 1 A ASP 104 ? A ASP 105 
12 1 Y 1 A GLU 105 ? A GLU 106 
13 1 Y 1 A ILE 106 ? A ILE 107 
14 1 Y 1 A VAL 107 ? A VAL 108 
15 1 Y 1 A ASN 108 ? A ASN 109 
16 1 Y 1 A GLU 109 ? A GLU 110 
17 1 Y 1 A ILE 110 ? A ILE 111 
18 1 Y 1 A ASN 111 ? A ASN 112 
19 1 Y 1 A ARG 112 ? A ARG 113 
20 1 Y 1 A VAL 113 ? A VAL 114 
21 1 Y 1 A VAL 114 ? A VAL 115 
22 1 Y 1 A SER 115 ? A SER 116 
23 1 Y 1 A GLU 116 ? A GLU 117 
24 1 Y 1 A VAL 117 ? A VAL 118 
25 1 Y 1 A ASN 118 ? A ASN 119 
26 1 Y 1 A SER 119 ? A SER 120 
27 1 Y 1 A LYS 120 ? A LYS 121 
28 1 Y 1 B MET 1   ? B MET 1   
29 1 Y 1 B THR 2   ? B THR 2   
30 1 Y 1 B SER 3   ? B SER 3   
31 1 Y 1 B ILE 4   ? B ILE 4   
32 1 Y 1 B LYS 121 ? B LYS 121 
# 
loop_
_chem_comp_atom.comp_id 
_chem_comp_atom.atom_id 
_chem_comp_atom.type_symbol 
_chem_comp_atom.pdbx_aromatic_flag 
_chem_comp_atom.pdbx_stereo_config 
_chem_comp_atom.pdbx_ordinal 
ALA N    N N N 1   
ALA CA   C N S 2   
ALA C    C N N 3   
ALA O    O N N 4   
ALA CB   C N N 5   
ALA OXT  O N N 6   
ALA H    H N N 7   
ALA H2   H N N 8   
ALA HA   H N N 9   
ALA HB1  H N N 10  
ALA HB2  H N N 11  
ALA HB3  H N N 12  
ALA HXT  H N N 13  
ARG N    N N N 14  
ARG CA   C N S 15  
ARG C    C N N 16  
ARG O    O N N 17  
ARG CB   C N N 18  
ARG CG   C N N 19  
ARG CD   C N N 20  
ARG NE   N N N 21  
ARG CZ   C N N 22  
ARG NH1  N N N 23  
ARG NH2  N N N 24  
ARG OXT  O N N 25  
ARG H    H N N 26  
ARG H2   H N N 27  
ARG HA   H N N 28  
ARG HB2  H N N 29  
ARG HB3  H N N 30  
ARG HG2  H N N 31  
ARG HG3  H N N 32  
ARG HD2  H N N 33  
ARG HD3  H N N 34  
ARG HE   H N N 35  
ARG HH11 H N N 36  
ARG HH12 H N N 37  
ARG HH21 H N N 38  
ARG HH22 H N N 39  
ARG HXT  H N N 40  
ASN N    N N N 41  
ASN CA   C N S 42  
ASN C    C N N 43  
ASN O    O N N 44  
ASN CB   C N N 45  
ASN CG   C N N 46  
ASN OD1  O N N 47  
ASN ND2  N N N 48  
ASN OXT  O N N 49  
ASN H    H N N 50  
ASN H2   H N N 51  
ASN HA   H N N 52  
ASN HB2  H N N 53  
ASN HB3  H N N 54  
ASN HD21 H N N 55  
ASN HD22 H N N 56  
ASN HXT  H N N 57  
ASP N    N N N 58  
ASP CA   C N S 59  
ASP C    C N N 60  
ASP O    O N N 61  
ASP CB   C N N 62  
ASP CG   C N N 63  
ASP OD1  O N N 64  
ASP OD2  O N N 65  
ASP OXT  O N N 66  
ASP H    H N N 67  
ASP H2   H N N 68  
ASP HA   H N N 69  
ASP HB2  H N N 70  
ASP HB3  H N N 71  
ASP HD2  H N N 72  
ASP HXT  H N N 73  
GLN N    N N N 74  
GLN CA   C N S 75  
GLN C    C N N 76  
GLN O    O N N 77  
GLN CB   C N N 78  
GLN CG   C N N 79  
GLN CD   C N N 80  
GLN OE1  O N N 81  
GLN NE2  N N N 82  
GLN OXT  O N N 83  
GLN H    H N N 84  
GLN H2   H N N 85  
GLN HA   H N N 86  
GLN HB2  H N N 87  
GLN HB3  H N N 88  
GLN HG2  H N N 89  
GLN HG3  H N N 90  
GLN HE21 H N N 91  
GLN HE22 H N N 92  
GLN HXT  H N N 93  
GLU N    N N N 94  
GLU CA   C N S 95  
GLU C    C N N 96  
GLU O    O N N 97  
GLU CB   C N N 98  
GLU CG   C N N 99  
GLU CD   C N N 100 
GLU OE1  O N N 101 
GLU OE2  O N N 102 
GLU OXT  O N N 103 
GLU H    H N N 104 
GLU H2   H N N 105 
GLU HA   H N N 106 
GLU HB2  H N N 107 
GLU HB3  H N N 108 
GLU HG2  H N N 109 
GLU HG3  H N N 110 
GLU HE2  H N N 111 
GLU HXT  H N N 112 
GLY N    N N N 113 
GLY CA   C N N 114 
GLY C    C N N 115 
GLY O    O N N 116 
GLY OXT  O N N 117 
GLY H    H N N 118 
GLY H2   H N N 119 
GLY HA2  H N N 120 
GLY HA3  H N N 121 
GLY HXT  H N N 122 
HOH O    O N N 123 
HOH H1   H N N 124 
HOH H2   H N N 125 
ILE N    N N N 126 
ILE CA   C N S 127 
ILE C    C N N 128 
ILE O    O N N 129 
ILE CB   C N S 130 
ILE CG1  C N N 131 
ILE CG2  C N N 132 
ILE CD1  C N N 133 
ILE OXT  O N N 134 
ILE H    H N N 135 
ILE H2   H N N 136 
ILE HA   H N N 137 
ILE HB   H N N 138 
ILE HG12 H N N 139 
ILE HG13 H N N 140 
ILE HG21 H N N 141 
ILE HG22 H N N 142 
ILE HG23 H N N 143 
ILE HD11 H N N 144 
ILE HD12 H N N 145 
ILE HD13 H N N 146 
ILE HXT  H N N 147 
LEU N    N N N 148 
LEU CA   C N S 149 
LEU C    C N N 150 
LEU O    O N N 151 
LEU CB   C N N 152 
LEU CG   C N N 153 
LEU CD1  C N N 154 
LEU CD2  C N N 155 
LEU OXT  O N N 156 
LEU H    H N N 157 
LEU H2   H N N 158 
LEU HA   H N N 159 
LEU HB2  H N N 160 
LEU HB3  H N N 161 
LEU HG   H N N 162 
LEU HD11 H N N 163 
LEU HD12 H N N 164 
LEU HD13 H N N 165 
LEU HD21 H N N 166 
LEU HD22 H N N 167 
LEU HD23 H N N 168 
LEU HXT  H N N 169 
LYS N    N N N 170 
LYS CA   C N S 171 
LYS C    C N N 172 
LYS O    O N N 173 
LYS CB   C N N 174 
LYS CG   C N N 175 
LYS CD   C N N 176 
LYS CE   C N N 177 
LYS NZ   N N N 178 
LYS OXT  O N N 179 
LYS H    H N N 180 
LYS H2   H N N 181 
LYS HA   H N N 182 
LYS HB2  H N N 183 
LYS HB3  H N N 184 
LYS HG2  H N N 185 
LYS HG3  H N N 186 
LYS HD2  H N N 187 
LYS HD3  H N N 188 
LYS HE2  H N N 189 
LYS HE3  H N N 190 
LYS HZ1  H N N 191 
LYS HZ2  H N N 192 
LYS HZ3  H N N 193 
LYS HXT  H N N 194 
MET N    N N N 195 
MET CA   C N S 196 
MET C    C N N 197 
MET O    O N N 198 
MET CB   C N N 199 
MET CG   C N N 200 
MET SD   S N N 201 
MET CE   C N N 202 
MET OXT  O N N 203 
MET H    H N N 204 
MET H2   H N N 205 
MET HA   H N N 206 
MET HB2  H N N 207 
MET HB3  H N N 208 
MET HG2  H N N 209 
MET HG3  H N N 210 
MET HE1  H N N 211 
MET HE2  H N N 212 
MET HE3  H N N 213 
MET HXT  H N N 214 
PHE N    N N N 215 
PHE CA   C N S 216 
PHE C    C N N 217 
PHE O    O N N 218 
PHE CB   C N N 219 
PHE CG   C Y N 220 
PHE CD1  C Y N 221 
PHE CD2  C Y N 222 
PHE CE1  C Y N 223 
PHE CE2  C Y N 224 
PHE CZ   C Y N 225 
PHE OXT  O N N 226 
PHE H    H N N 227 
PHE H2   H N N 228 
PHE HA   H N N 229 
PHE HB2  H N N 230 
PHE HB3  H N N 231 
PHE HD1  H N N 232 
PHE HD2  H N N 233 
PHE HE1  H N N 234 
PHE HE2  H N N 235 
PHE HZ   H N N 236 
PHE HXT  H N N 237 
PRO N    N N N 238 
PRO CA   C N S 239 
PRO C    C N N 240 
PRO O    O N N 241 
PRO CB   C N N 242 
PRO CG   C N N 243 
PRO CD   C N N 244 
PRO OXT  O N N 245 
PRO H    H N N 246 
PRO HA   H N N 247 
PRO HB2  H N N 248 
PRO HB3  H N N 249 
PRO HG2  H N N 250 
PRO HG3  H N N 251 
PRO HD2  H N N 252 
PRO HD3  H N N 253 
PRO HXT  H N N 254 
SER N    N N N 255 
SER CA   C N S 256 
SER C    C N N 257 
SER O    O N N 258 
SER CB   C N N 259 
SER OG   O N N 260 
SER OXT  O N N 261 
SER H    H N N 262 
SER H2   H N N 263 
SER HA   H N N 264 
SER HB2  H N N 265 
SER HB3  H N N 266 
SER HG   H N N 267 
SER HXT  H N N 268 
THR N    N N N 269 
THR CA   C N S 270 
THR C    C N N 271 
THR O    O N N 272 
THR CB   C N R 273 
THR OG1  O N N 274 
THR CG2  C N N 275 
THR OXT  O N N 276 
THR H    H N N 277 
THR H2   H N N 278 
THR HA   H N N 279 
THR HB   H N N 280 
THR HG1  H N N 281 
THR HG21 H N N 282 
THR HG22 H N N 283 
THR HG23 H N N 284 
THR HXT  H N N 285 
TRP N    N N N 286 
TRP CA   C N S 287 
TRP C    C N N 288 
TRP O    O N N 289 
TRP CB   C N N 290 
TRP CG   C Y N 291 
TRP CD1  C Y N 292 
TRP CD2  C Y N 293 
TRP NE1  N Y N 294 
TRP CE2  C Y N 295 
TRP CE3  C Y N 296 
TRP CZ2  C Y N 297 
TRP CZ3  C Y N 298 
TRP CH2  C Y N 299 
TRP OXT  O N N 300 
TRP H    H N N 301 
TRP H2   H N N 302 
TRP HA   H N N 303 
TRP HB2  H N N 304 
TRP HB3  H N N 305 
TRP HD1  H N N 306 
TRP HE1  H N N 307 
TRP HE3  H N N 308 
TRP HZ2  H N N 309 
TRP HZ3  H N N 310 
TRP HH2  H N N 311 
TRP HXT  H N N 312 
TYR N    N N N 313 
TYR CA   C N S 314 
TYR C    C N N 315 
TYR O    O N N 316 
TYR CB   C N N 317 
TYR CG   C Y N 318 
TYR CD1  C Y N 319 
TYR CD2  C Y N 320 
TYR CE1  C Y N 321 
TYR CE2  C Y N 322 
TYR CZ   C Y N 323 
TYR OH   O N N 324 
TYR OXT  O N N 325 
TYR H    H N N 326 
TYR H2   H N N 327 
TYR HA   H N N 328 
TYR HB2  H N N 329 
TYR HB3  H N N 330 
TYR HD1  H N N 331 
TYR HD2  H N N 332 
TYR HE1  H N N 333 
TYR HE2  H N N 334 
TYR HH   H N N 335 
TYR HXT  H N N 336 
VAL N    N N N 337 
VAL CA   C N S 338 
VAL C    C N N 339 
VAL O    O N N 340 
VAL CB   C N N 341 
VAL CG1  C N N 342 
VAL CG2  C N N 343 
VAL OXT  O N N 344 
VAL H    H N N 345 
VAL H2   H N N 346 
VAL HA   H N N 347 
VAL HB   H N N 348 
VAL HG11 H N N 349 
VAL HG12 H N N 350 
VAL HG13 H N N 351 
VAL HG21 H N N 352 
VAL HG22 H N N 353 
VAL HG23 H N N 354 
VAL HXT  H N N 355 
# 
loop_
_chem_comp_bond.comp_id 
_chem_comp_bond.atom_id_1 
_chem_comp_bond.atom_id_2 
_chem_comp_bond.value_order 
_chem_comp_bond.pdbx_aromatic_flag 
_chem_comp_bond.pdbx_stereo_config 
_chem_comp_bond.pdbx_ordinal 
ALA N   CA   sing N N 1   
ALA N   H    sing N N 2   
ALA N   H2   sing N N 3   
ALA CA  C    sing N N 4   
ALA CA  CB   sing N N 5   
ALA CA  HA   sing N N 6   
ALA C   O    doub N N 7   
ALA C   OXT  sing N N 8   
ALA CB  HB1  sing N N 9   
ALA CB  HB2  sing N N 10  
ALA CB  HB3  sing N N 11  
ALA OXT HXT  sing N N 12  
ARG N   CA   sing N N 13  
ARG N   H    sing N N 14  
ARG N   H2   sing N N 15  
ARG CA  C    sing N N 16  
ARG CA  CB   sing N N 17  
ARG CA  HA   sing N N 18  
ARG C   O    doub N N 19  
ARG C   OXT  sing N N 20  
ARG CB  CG   sing N N 21  
ARG CB  HB2  sing N N 22  
ARG CB  HB3  sing N N 23  
ARG CG  CD   sing N N 24  
ARG CG  HG2  sing N N 25  
ARG CG  HG3  sing N N 26  
ARG CD  NE   sing N N 27  
ARG CD  HD2  sing N N 28  
ARG CD  HD3  sing N N 29  
ARG NE  CZ   sing N N 30  
ARG NE  HE   sing N N 31  
ARG CZ  NH1  sing N N 32  
ARG CZ  NH2  doub N N 33  
ARG NH1 HH11 sing N N 34  
ARG NH1 HH12 sing N N 35  
ARG NH2 HH21 sing N N 36  
ARG NH2 HH22 sing N N 37  
ARG OXT HXT  sing N N 38  
ASN N   CA   sing N N 39  
ASN N   H    sing N N 40  
ASN N   H2   sing N N 41  
ASN CA  C    sing N N 42  
ASN CA  CB   sing N N 43  
ASN CA  HA   sing N N 44  
ASN C   O    doub N N 45  
ASN C   OXT  sing N N 46  
ASN CB  CG   sing N N 47  
ASN CB  HB2  sing N N 48  
ASN CB  HB3  sing N N 49  
ASN CG  OD1  doub N N 50  
ASN CG  ND2  sing N N 51  
ASN ND2 HD21 sing N N 52  
ASN ND2 HD22 sing N N 53  
ASN OXT HXT  sing N N 54  
ASP N   CA   sing N N 55  
ASP N   H    sing N N 56  
ASP N   H2   sing N N 57  
ASP CA  C    sing N N 58  
ASP CA  CB   sing N N 59  
ASP CA  HA   sing N N 60  
ASP C   O    doub N N 61  
ASP C   OXT  sing N N 62  
ASP CB  CG   sing N N 63  
ASP CB  HB2  sing N N 64  
ASP CB  HB3  sing N N 65  
ASP CG  OD1  doub N N 66  
ASP CG  OD2  sing N N 67  
ASP OD2 HD2  sing N N 68  
ASP OXT HXT  sing N N 69  
GLN N   CA   sing N N 70  
GLN N   H    sing N N 71  
GLN N   H2   sing N N 72  
GLN CA  C    sing N N 73  
GLN CA  CB   sing N N 74  
GLN CA  HA   sing N N 75  
GLN C   O    doub N N 76  
GLN C   OXT  sing N N 77  
GLN CB  CG   sing N N 78  
GLN CB  HB2  sing N N 79  
GLN CB  HB3  sing N N 80  
GLN CG  CD   sing N N 81  
GLN CG  HG2  sing N N 82  
GLN CG  HG3  sing N N 83  
GLN CD  OE1  doub N N 84  
GLN CD  NE2  sing N N 85  
GLN NE2 HE21 sing N N 86  
GLN NE2 HE22 sing N N 87  
GLN OXT HXT  sing N N 88  
GLU N   CA   sing N N 89  
GLU N   H    sing N N 90  
GLU N   H2   sing N N 91  
GLU CA  C    sing N N 92  
GLU CA  CB   sing N N 93  
GLU CA  HA   sing N N 94  
GLU C   O    doub N N 95  
GLU C   OXT  sing N N 96  
GLU CB  CG   sing N N 97  
GLU CB  HB2  sing N N 98  
GLU CB  HB3  sing N N 99  
GLU CG  CD   sing N N 100 
GLU CG  HG2  sing N N 101 
GLU CG  HG3  sing N N 102 
GLU CD  OE1  doub N N 103 
GLU CD  OE2  sing N N 104 
GLU OE2 HE2  sing N N 105 
GLU OXT HXT  sing N N 106 
GLY N   CA   sing N N 107 
GLY N   H    sing N N 108 
GLY N   H2   sing N N 109 
GLY CA  C    sing N N 110 
GLY CA  HA2  sing N N 111 
GLY CA  HA3  sing N N 112 
GLY C   O    doub N N 113 
GLY C   OXT  sing N N 114 
GLY OXT HXT  sing N N 115 
HOH O   H1   sing N N 116 
HOH O   H2   sing N N 117 
ILE N   CA   sing N N 118 
ILE N   H    sing N N 119 
ILE N   H2   sing N N 120 
ILE CA  C    sing N N 121 
ILE CA  CB   sing N N 122 
ILE CA  HA   sing N N 123 
ILE C   O    doub N N 124 
ILE C   OXT  sing N N 125 
ILE CB  CG1  sing N N 126 
ILE CB  CG2  sing N N 127 
ILE CB  HB   sing N N 128 
ILE CG1 CD1  sing N N 129 
ILE CG1 HG12 sing N N 130 
ILE CG1 HG13 sing N N 131 
ILE CG2 HG21 sing N N 132 
ILE CG2 HG22 sing N N 133 
ILE CG2 HG23 sing N N 134 
ILE CD1 HD11 sing N N 135 
ILE CD1 HD12 sing N N 136 
ILE CD1 HD13 sing N N 137 
ILE OXT HXT  sing N N 138 
LEU N   CA   sing N N 139 
LEU N   H    sing N N 140 
LEU N   H2   sing N N 141 
LEU CA  C    sing N N 142 
LEU CA  CB   sing N N 143 
LEU CA  HA   sing N N 144 
LEU C   O    doub N N 145 
LEU C   OXT  sing N N 146 
LEU CB  CG   sing N N 147 
LEU CB  HB2  sing N N 148 
LEU CB  HB3  sing N N 149 
LEU CG  CD1  sing N N 150 
LEU CG  CD2  sing N N 151 
LEU CG  HG   sing N N 152 
LEU CD1 HD11 sing N N 153 
LEU CD1 HD12 sing N N 154 
LEU CD1 HD13 sing N N 155 
LEU CD2 HD21 sing N N 156 
LEU CD2 HD22 sing N N 157 
LEU CD2 HD23 sing N N 158 
LEU OXT HXT  sing N N 159 
LYS N   CA   sing N N 160 
LYS N   H    sing N N 161 
LYS N   H2   sing N N 162 
LYS CA  C    sing N N 163 
LYS CA  CB   sing N N 164 
LYS CA  HA   sing N N 165 
LYS C   O    doub N N 166 
LYS C   OXT  sing N N 167 
LYS CB  CG   sing N N 168 
LYS CB  HB2  sing N N 169 
LYS CB  HB3  sing N N 170 
LYS CG  CD   sing N N 171 
LYS CG  HG2  sing N N 172 
LYS CG  HG3  sing N N 173 
LYS CD  CE   sing N N 174 
LYS CD  HD2  sing N N 175 
LYS CD  HD3  sing N N 176 
LYS CE  NZ   sing N N 177 
LYS CE  HE2  sing N N 178 
LYS CE  HE3  sing N N 179 
LYS NZ  HZ1  sing N N 180 
LYS NZ  HZ2  sing N N 181 
LYS NZ  HZ3  sing N N 182 
LYS OXT HXT  sing N N 183 
MET N   CA   sing N N 184 
MET N   H    sing N N 185 
MET N   H2   sing N N 186 
MET CA  C    sing N N 187 
MET CA  CB   sing N N 188 
MET CA  HA   sing N N 189 
MET C   O    doub N N 190 
MET C   OXT  sing N N 191 
MET CB  CG   sing N N 192 
MET CB  HB2  sing N N 193 
MET CB  HB3  sing N N 194 
MET CG  SD   sing N N 195 
MET CG  HG2  sing N N 196 
MET CG  HG3  sing N N 197 
MET SD  CE   sing N N 198 
MET CE  HE1  sing N N 199 
MET CE  HE2  sing N N 200 
MET CE  HE3  sing N N 201 
MET OXT HXT  sing N N 202 
PHE N   CA   sing N N 203 
PHE N   H    sing N N 204 
PHE N   H2   sing N N 205 
PHE CA  C    sing N N 206 
PHE CA  CB   sing N N 207 
PHE CA  HA   sing N N 208 
PHE C   O    doub N N 209 
PHE C   OXT  sing N N 210 
PHE CB  CG   sing N N 211 
PHE CB  HB2  sing N N 212 
PHE CB  HB3  sing N N 213 
PHE CG  CD1  doub Y N 214 
PHE CG  CD2  sing Y N 215 
PHE CD1 CE1  sing Y N 216 
PHE CD1 HD1  sing N N 217 
PHE CD2 CE2  doub Y N 218 
PHE CD2 HD2  sing N N 219 
PHE CE1 CZ   doub Y N 220 
PHE CE1 HE1  sing N N 221 
PHE CE2 CZ   sing Y N 222 
PHE CE2 HE2  sing N N 223 
PHE CZ  HZ   sing N N 224 
PHE OXT HXT  sing N N 225 
PRO N   CA   sing N N 226 
PRO N   CD   sing N N 227 
PRO N   H    sing N N 228 
PRO CA  C    sing N N 229 
PRO CA  CB   sing N N 230 
PRO CA  HA   sing N N 231 
PRO C   O    doub N N 232 
PRO C   OXT  sing N N 233 
PRO CB  CG   sing N N 234 
PRO CB  HB2  sing N N 235 
PRO CB  HB3  sing N N 236 
PRO CG  CD   sing N N 237 
PRO CG  HG2  sing N N 238 
PRO CG  HG3  sing N N 239 
PRO CD  HD2  sing N N 240 
PRO CD  HD3  sing N N 241 
PRO OXT HXT  sing N N 242 
SER N   CA   sing N N 243 
SER N   H    sing N N 244 
SER N   H2   sing N N 245 
SER CA  C    sing N N 246 
SER CA  CB   sing N N 247 
SER CA  HA   sing N N 248 
SER C   O    doub N N 249 
SER C   OXT  sing N N 250 
SER CB  OG   sing N N 251 
SER CB  HB2  sing N N 252 
SER CB  HB3  sing N N 253 
SER OG  HG   sing N N 254 
SER OXT HXT  sing N N 255 
THR N   CA   sing N N 256 
THR N   H    sing N N 257 
THR N   H2   sing N N 258 
THR CA  C    sing N N 259 
THR CA  CB   sing N N 260 
THR CA  HA   sing N N 261 
THR C   O    doub N N 262 
THR C   OXT  sing N N 263 
THR CB  OG1  sing N N 264 
THR CB  CG2  sing N N 265 
THR CB  HB   sing N N 266 
THR OG1 HG1  sing N N 267 
THR CG2 HG21 sing N N 268 
THR CG2 HG22 sing N N 269 
THR CG2 HG23 sing N N 270 
THR OXT HXT  sing N N 271 
TRP N   CA   sing N N 272 
TRP N   H    sing N N 273 
TRP N   H2   sing N N 274 
TRP CA  C    sing N N 275 
TRP CA  CB   sing N N 276 
TRP CA  HA   sing N N 277 
TRP C   O    doub N N 278 
TRP C   OXT  sing N N 279 
TRP CB  CG   sing N N 280 
TRP CB  HB2  sing N N 281 
TRP CB  HB3  sing N N 282 
TRP CG  CD1  doub Y N 283 
TRP CG  CD2  sing Y N 284 
TRP CD1 NE1  sing Y N 285 
TRP CD1 HD1  sing N N 286 
TRP CD2 CE2  doub Y N 287 
TRP CD2 CE3  sing Y N 288 
TRP NE1 CE2  sing Y N 289 
TRP NE1 HE1  sing N N 290 
TRP CE2 CZ2  sing Y N 291 
TRP CE3 CZ3  doub Y N 292 
TRP CE3 HE3  sing N N 293 
TRP CZ2 CH2  doub Y N 294 
TRP CZ2 HZ2  sing N N 295 
TRP CZ3 CH2  sing Y N 296 
TRP CZ3 HZ3  sing N N 297 
TRP CH2 HH2  sing N N 298 
TRP OXT HXT  sing N N 299 
TYR N   CA   sing N N 300 
TYR N   H    sing N N 301 
TYR N   H2   sing N N 302 
TYR CA  C    sing N N 303 
TYR CA  CB   sing N N 304 
TYR CA  HA   sing N N 305 
TYR C   O    doub N N 306 
TYR C   OXT  sing N N 307 
TYR CB  CG   sing N N 308 
TYR CB  HB2  sing N N 309 
TYR CB  HB3  sing N N 310 
TYR CG  CD1  doub Y N 311 
TYR CG  CD2  sing Y N 312 
TYR CD1 CE1  sing Y N 313 
TYR CD1 HD1  sing N N 314 
TYR CD2 CE2  doub Y N 315 
TYR CD2 HD2  sing N N 316 
TYR CE1 CZ   doub Y N 317 
TYR CE1 HE1  sing N N 318 
TYR CE2 CZ   sing Y N 319 
TYR CE2 HE2  sing N N 320 
TYR CZ  OH   sing N N 321 
TYR OH  HH   sing N N 322 
TYR OXT HXT  sing N N 323 
VAL N   CA   sing N N 324 
VAL N   H    sing N N 325 
VAL N   H2   sing N N 326 
VAL CA  C    sing N N 327 
VAL CA  CB   sing N N 328 
VAL CA  HA   sing N N 329 
VAL C   O    doub N N 330 
VAL C   OXT  sing N N 331 
VAL CB  CG1  sing N N 332 
VAL CB  CG2  sing N N 333 
VAL CB  HB   sing N N 334 
VAL CG1 HG11 sing N N 335 
VAL CG1 HG12 sing N N 336 
VAL CG1 HG13 sing N N 337 
VAL CG2 HG21 sing N N 338 
VAL CG2 HG22 sing N N 339 
VAL CG2 HG23 sing N N 340 
VAL OXT HXT  sing N N 341 
# 
loop_
_pdbx_audit_support.funding_organization 
_pdbx_audit_support.country 
_pdbx_audit_support.grant_number 
_pdbx_audit_support.ordinal 
'Other government' Belgium G021118  1 
'Other government' Belgium 1526418N 2 
# 
_atom_sites.entry_id                    6SBS 
_atom_sites.Cartn_transf_matrix[1][1]   ? 
_atom_sites.Cartn_transf_matrix[1][2]   ? 
_atom_sites.Cartn_transf_matrix[1][3]   ? 
_atom_sites.Cartn_transf_matrix[2][1]   ? 
_atom_sites.Cartn_transf_matrix[2][2]   ? 
_atom_sites.Cartn_transf_matrix[2][3]   ? 
_atom_sites.Cartn_transf_matrix[3][1]   ? 
_atom_sites.Cartn_transf_matrix[3][2]   ? 
_atom_sites.Cartn_transf_matrix[3][3]   ? 
_atom_sites.Cartn_transf_vector[1]      ? 
_atom_sites.Cartn_transf_vector[2]      ? 
_atom_sites.Cartn_transf_vector[3]      ? 
_atom_sites.fract_transf_matrix[1][1]   0.00222672 
_atom_sites.fract_transf_matrix[1][2]   -0.00534252 
_atom_sites.fract_transf_matrix[1][3]   0.00646356 
_atom_sites.fract_transf_matrix[2][1]   -0.00380178 
_atom_sites.fract_transf_matrix[2][2]   -0.00776597 
_atom_sites.fract_transf_matrix[2][3]   0.00071356 
_atom_sites.fract_transf_matrix[3][1]   0.01809055 
_atom_sites.fract_transf_matrix[3][2]   -0.01020369 
_atom_sites.fract_transf_matrix[3][3]   -0.01466622 
_atom_sites.fract_transf_vector[1]      0.503737 
_atom_sites.fract_transf_vector[2]      0.325189 
_atom_sites.fract_transf_vector[3]      0.152973 
_atom_sites.solution_primary            ? 
_atom_sites.solution_secondary          ? 
_atom_sites.solution_hydrogens          ? 
_atom_sites.special_details             ? 
# 
loop_
_atom_type.symbol 
C 
N 
O 
S 
# 
loop_
_atom_site.group_PDB 
_atom_site.id 
_atom_site.type_symbol 
_atom_site.label_atom_id 
_atom_site.label_alt_id 
_atom_site.label_comp_id 
_atom_site.label_asym_id 
_atom_site.label_entity_id 
_atom_site.label_seq_id 
_atom_site.pdbx_PDB_ins_code 
_atom_site.Cartn_x 
_atom_site.Cartn_y 
_atom_site.Cartn_z 
_atom_site.occupancy 
_atom_site.B_iso_or_equiv 
_atom_site.pdbx_formal_charge 
_atom_site.auth_seq_id 
_atom_site.auth_comp_id 
_atom_site.auth_asym_id 
_atom_site.auth_atom_id 
_atom_site.pdbx_PDB_model_num 
ATOM   1    N N   . SER A 1 3   ? 5.625   13.239  18.844  1.00 77.83  ? 3   SER A N   1 
ATOM   2    C CA  . SER A 1 3   ? 4.563   14.223  18.628  1.00 83.33  ? 3   SER A CA  1 
ATOM   3    C C   . SER A 1 3   ? 4.475   14.544  17.128  1.00 82.43  ? 3   SER A C   1 
ATOM   4    O O   . SER A 1 3   ? 3.476   15.101  16.657  1.00 86.50  ? 3   SER A O   1 
ATOM   5    C CB  . SER A 1 3   ? 4.815   15.502  19.459  1.00 90.44  ? 3   SER A CB  1 
ATOM   6    O OG  . SER A 1 3   ? 3.670   16.344  19.519  1.00 95.12  ? 3   SER A OG  1 
ATOM   7    N N   . ILE A 1 4   ? 5.529   14.199  16.379  1.00 78.52  ? 4   ILE A N   1 
ATOM   8    C CA  . ILE A 1 4   ? 5.495   14.363  14.928  1.00 74.43  ? 4   ILE A CA  1 
ATOM   9    C C   . ILE A 1 4   ? 4.734   13.222  14.286  1.00 73.55  ? 4   ILE A C   1 
ATOM   10   O O   . ILE A 1 4   ? 3.929   13.434  13.374  1.00 82.66  ? 4   ILE A O   1 
ATOM   11   C CB  . ILE A 1 4   ? 6.907   14.444  14.328  1.00 80.77  ? 4   ILE A CB  1 
ATOM   12   C CG1 . ILE A 1 4   ? 7.733   15.575  14.948  1.00 73.59  ? 4   ILE A CG1 1 
ATOM   13   C CG2 . ILE A 1 4   ? 6.778   14.624  12.828  1.00 74.85  ? 4   ILE A CG2 1 
ATOM   14   C CD1 . ILE A 1 4   ? 7.233   16.936  14.580  1.00 80.11  ? 4   ILE A CD1 1 
ATOM   15   N N   . ILE A 1 5   ? 5.014   11.995  14.722  1.00 76.73  ? 5   ILE A N   1 
ATOM   16   C CA  . ILE A 1 5   ? 4.302   10.806  14.273  1.00 67.72  ? 5   ILE A CA  1 
ATOM   17   C C   . ILE A 1 5   ? 3.352   10.397  15.383  1.00 66.90  ? 5   ILE A C   1 
ATOM   18   O O   . ILE A 1 5   ? 3.782   9.984   16.466  1.00 64.75  ? 5   ILE A O   1 
ATOM   19   C CB  . ILE A 1 5   ? 5.259   9.669   13.914  1.00 56.00  ? 5   ILE A CB  1 
ATOM   20   C CG1 . ILE A 1 5   ? 5.982   9.998   12.611  1.00 59.55  ? 5   ILE A CG1 1 
ATOM   21   C CG2 . ILE A 1 5   ? 4.486   8.400   13.768  1.00 58.08  ? 5   ILE A CG2 1 
ATOM   22   C CD1 . ILE A 1 5   ? 7.198   9.152   12.338  1.00 54.96  ? 5   ILE A CD1 1 
ATOM   23   N N   . LYS A 1 6   ? 2.058   10.524  15.122  1.00 71.04  ? 6   LYS A N   1 
ATOM   24   C CA  . LYS A 1 6   ? 1.052   10.168  16.114  1.00 73.99  ? 6   LYS A CA  1 
ATOM   25   C C   . LYS A 1 6   ? 0.748   8.690   15.970  1.00 74.78  ? 6   LYS A C   1 
ATOM   26   O O   . LYS A 1 6   ? 0.282   8.248   14.913  1.00 84.12  ? 6   LYS A O   1 
ATOM   27   C CB  . LYS A 1 6   ? -0.209  11.011  15.940  1.00 75.23  ? 6   LYS A CB  1 
ATOM   28   C CG  . LYS A 1 6   ? -0.205  12.297  16.772  1.00 81.60  ? 6   LYS A CG  1 
ATOM   29   C CD  . LYS A 1 6   ? 0.706   13.379  16.174  1.00 77.33  ? 6   LYS A CD  1 
ATOM   30   C CE  . LYS A 1 6   ? 0.270   13.782  14.762  1.00 82.21  ? 6   LYS A CE  1 
ATOM   31   N NZ  . LYS A 1 6   ? 0.894   15.068  14.284  1.00 88.61  ? 6   LYS A NZ  1 
ATOM   32   N N   . ILE A 1 7   ? 1.028   7.920   17.017  1.00 69.58  ? 7   ILE A N   1 
ATOM   33   C CA  . ILE A 1 7   ? 0.579   6.533   17.077  1.00 71.38  ? 7   ILE A CA  1 
ATOM   34   C C   . ILE A 1 7   ? -0.857  6.545   17.592  1.00 70.49  ? 7   ILE A C   1 
ATOM   35   O O   . ILE A 1 7   ? -1.134  7.046   18.685  1.00 73.89  ? 7   ILE A O   1 
ATOM   36   C CB  . ILE A 1 7   ? 1.505   5.686   17.969  1.00 68.55  ? 7   ILE A CB  1 
ATOM   37   C CG1 . ILE A 1 7   ? 2.876   5.535   17.310  1.00 61.31  ? 7   ILE A CG1 1 
ATOM   38   C CG2 . ILE A 1 7   ? 0.913   4.306   18.231  1.00 65.68  ? 7   ILE A CG2 1 
ATOM   39   C CD1 . ILE A 1 7   ? 2.826   4.742   16.020  1.00 64.45  ? 7   ILE A CD1 1 
ATOM   40   N N   . ASP A 1 8   ? -1.781  6.048   16.780  1.00 73.33  ? 8   ASP A N   1 
ATOM   41   C CA  . ASP A 1 8   ? -3.204  6.024   17.124  1.00 69.74  ? 8   ASP A CA  1 
ATOM   42   C C   . ASP A 1 8   ? -3.522  4.601   17.586  1.00 72.23  ? 8   ASP A C   1 
ATOM   43   O O   . ASP A 1 8   ? -3.718  3.684   16.779  1.00 68.89  ? 8   ASP A O   1 
ATOM   44   C CB  . ASP A 1 8   ? -4.039  6.468   15.929  1.00 74.20  ? 8   ASP A CB  1 
ATOM   45   C CG  . ASP A 1 8   ? -5.505  6.650   16.262  1.00 75.71  ? 8   ASP A CG  1 
ATOM   46   O OD1 . ASP A 1 8   ? -5.934  6.221   17.357  1.00 71.51  ? 8   ASP A OD1 1 
ATOM   47   O OD2 . ASP A 1 8   ? -6.228  7.234   15.416  1.00 83.88  ? 8   ASP A OD2 1 
ATOM   48   N N   . LEU A 1 9   ? -3.569  4.422   18.910  1.00 66.69  ? 9   LEU A N   1 
ATOM   49   C CA  . LEU A 1 9   ? -3.574  3.085   19.488  1.00 72.58  ? 9   LEU A CA  1 
ATOM   50   C C   . LEU A 1 9   ? -4.924  2.384   19.387  1.00 73.89  ? 9   LEU A C   1 
ATOM   51   O O   . LEU A 1 9   ? -4.979  1.156   19.540  1.00 77.65  ? 9   LEU A O   1 
ATOM   52   C CB  . LEU A 1 9   ? -3.130  3.150   20.954  1.00 72.83  ? 9   LEU A CB  1 
ATOM   53   C CG  . LEU A 1 9   ? -1.637  3.006   21.219  1.00 68.32  ? 9   LEU A CG  1 
ATOM   54   C CD1 . LEU A 1 9   ? -1.398  2.753   22.701  1.00 69.95  ? 9   LEU A CD1 1 
ATOM   55   C CD2 . LEU A 1 9   ? -1.046  1.887   20.354  1.00 60.35  ? 9   LEU A CD2 1 
ATOM   56   N N   . GLU A 1 10  ? -6.014  3.106   19.146  1.00 71.55  ? 10  GLU A N   1 
ATOM   57   C CA  . GLU A 1 10  ? -7.295  2.437   18.940  1.00 79.15  ? 10  GLU A CA  1 
ATOM   58   C C   . GLU A 1 10  ? -7.784  2.504   17.500  1.00 72.68  ? 10  GLU A C   1 
ATOM   59   O O   . GLU A 1 10  ? -8.847  1.957   17.195  1.00 73.20  ? 10  GLU A O   1 
ATOM   60   C CB  . GLU A 1 10  ? -8.363  2.996   19.887  1.00 82.91  ? 10  GLU A CB  1 
ATOM   61   C CG  . GLU A 1 10  ? -8.346  4.509   20.064  1.00 87.10  ? 10  GLU A CG  1 
ATOM   62   C CD  . GLU A 1 10  ? -8.850  4.925   21.448  1.00 93.46  ? 10  GLU A CD  1 
ATOM   63   O OE1 . GLU A 1 10  ? -9.973  4.499   21.841  1.00 88.48  ? 10  GLU A OE1 1 
ATOM   64   O OE2 . GLU A 1 10  ? -8.117  5.670   22.145  1.00 94.56  ? 10  GLU A OE2 1 
ATOM   65   N N   . SER A 1 11  ? -7.046  3.151   16.606  1.00 76.00  ? 11  SER A N   1 
ATOM   66   C CA  . SER A 1 11  ? -7.276  2.921   15.198  1.00 69.91  ? 11  SER A CA  1 
ATOM   67   C C   . SER A 1 11  ? -7.128  1.431   14.948  1.00 68.57  ? 11  SER A C   1 
ATOM   68   O O   . SER A 1 11  ? -6.517  0.711   15.737  1.00 73.44  ? 11  SER A O   1 
ATOM   69   C CB  . SER A 1 11  ? -6.291  3.739   14.351  1.00 68.50  ? 11  SER A CB  1 
ATOM   70   O OG  . SER A 1 11  ? -6.193  3.264   13.015  1.00 67.20  ? 11  SER A OG  1 
ATOM   71   N N   . LYS A 1 12  ? -7.733  0.949   13.871  1.00 70.51  ? 12  LYS A N   1 
ATOM   72   C CA  . LYS A 1 12  ? -7.539  -0.440  13.485  1.00 65.73  ? 12  LYS A CA  1 
ATOM   73   C C   . LYS A 1 12  ? -6.496  -0.606  12.405  1.00 68.42  ? 12  LYS A C   1 
ATOM   74   O O   . LYS A 1 12  ? -6.202  -1.744  12.023  1.00 68.48  ? 12  LYS A O   1 
ATOM   75   C CB  . LYS A 1 12  ? -8.847  -1.052  13.037  1.00 66.55  ? 12  LYS A CB  1 
ATOM   76   C CG  . LYS A 1 12  ? -9.907  -0.754  14.031  1.00 80.66  ? 12  LYS A CG  1 
ATOM   77   C CD  . LYS A 1 12  ? -11.202 -1.196  13.469  1.00 93.49  ? 12  LYS A CD  1 
ATOM   78   C CE  . LYS A 1 12  ? -12.072 -0.015  13.125  1.00 97.27  ? 12  LYS A CE  1 
ATOM   79   N NZ  . LYS A 1 12  ? -13.003 -0.440  12.055  1.00 82.63  ? 12  LYS A NZ  1 
ATOM   80   N N   . THR A 1 13  ? -5.934  0.493   11.904  1.00 65.66  ? 13  THR A N   1 
ATOM   81   C CA  . THR A 1 13  ? -4.717  0.382   11.126  1.00 58.55  ? 13  THR A CA  1 
ATOM   82   C C   . THR A 1 13  ? -3.610  -0.171  12.015  1.00 64.41  ? 13  THR A C   1 
ATOM   83   O O   . THR A 1 13  ? -3.393  0.341   13.129  1.00 64.66  ? 13  THR A O   1 
ATOM   84   C CB  . THR A 1 13  ? -4.304  1.715   10.568  1.00 55.97  ? 13  THR A CB  1 
ATOM   85   O OG1 . THR A 1 13  ? -5.329  2.193   9.690   1.00 66.93  ? 13  THR A OG1 1 
ATOM   86   C CG2 . THR A 1 13  ? -3.019  1.556   9.799   1.00 54.86  ? 13  THR A CG2 1 
ATOM   87   N N   . PRO A 1 14  ? -2.929  -1.233  11.592  1.00 63.69  ? 14  PRO A N   1 
ATOM   88   C CA  . PRO A 1 14  ? -1.782  -1.727  12.357  1.00 57.29  ? 14  PRO A CA  1 
ATOM   89   C C   . PRO A 1 14  ? -0.775  -0.619  12.599  1.00 57.58  ? 14  PRO A C   1 
ATOM   90   O O   . PRO A 1 14  ? -0.582  0.257   11.750  1.00 56.67  ? 14  PRO A O   1 
ATOM   91   C CB  . PRO A 1 14  ? -1.203  -2.812  11.453  1.00 56.99  ? 14  PRO A CB  1 
ATOM   92   C CG  . PRO A 1 14  ? -2.370  -3.285  10.674  1.00 59.79  ? 14  PRO A CG  1 
ATOM   93   C CD  . PRO A 1 14  ? -3.241  -2.090  10.438  1.00 60.06  ? 14  PRO A CD  1 
ATOM   94   N N   . ILE A 1 15  ? -0.127  -0.680  13.771  1.00 56.90  ? 15  ILE A N   1 
ATOM   95   C CA  . ILE A 1 15  ? 0.831   0.351   14.165  1.00 50.50  ? 15  ILE A CA  1 
ATOM   96   C C   . ILE A 1 15  ? 1.864   0.586   13.067  1.00 51.26  ? 15  ILE A C   1 
ATOM   97   O O   . ILE A 1 15  ? 2.068   1.722   12.640  1.00 54.50  ? 15  ILE A O   1 
ATOM   98   C CB  . ILE A 1 15  ? 1.504   -0.009  15.501  1.00 53.85  ? 15  ILE A CB  1 
ATOM   99   C CG1 . ILE A 1 15  ? 0.467   -0.406  16.533  1.00 53.42  ? 15  ILE A CG1 1 
ATOM   100  C CG2 . ILE A 1 15  ? 2.268   1.179   16.035  1.00 60.33  ? 15  ILE A CG2 1 
ATOM   101  C CD1 . ILE A 1 15  ? -0.544  0.639   16.742  1.00 58.73  ? 15  ILE A CD1 1 
ATOM   102  N N   . TYR A 1 16  ? 2.530   -0.476  12.584  1.00 53.87  ? 16  TYR A N   1 
ATOM   103  C CA  . TYR A 1 16  ? 3.586   -0.273  11.585  1.00 48.17  ? 16  TYR A CA  1 
ATOM   104  C C   . TYR A 1 16  ? 3.069   0.484   10.374  1.00 51.76  ? 16  TYR A C   1 
ATOM   105  O O   . TYR A 1 16  ? 3.802   1.296   9.803   1.00 56.58  ? 16  TYR A O   1 
ATOM   106  C CB  . TYR A 1 16  ? 4.210   -1.602  11.126  1.00 53.54  ? 16  TYR A CB  1 
ATOM   107  C CG  . TYR A 1 16  ? 3.459   -2.291  9.977   1.00 61.74  ? 16  TYR A CG  1 
ATOM   108  C CD1 . TYR A 1 16  ? 3.732   -1.992  8.630   1.00 59.93  ? 16  TYR A CD1 1 
ATOM   109  C CD2 . TYR A 1 16  ? 2.467   -3.234  10.240  1.00 59.54  ? 16  TYR A CD2 1 
ATOM   110  C CE1 . TYR A 1 16  ? 3.027   -2.609  7.597   1.00 58.19  ? 16  TYR A CE1 1 
ATOM   111  C CE2 . TYR A 1 16  ? 1.767   -3.848  9.221   1.00 57.79  ? 16  TYR A CE2 1 
ATOM   112  C CZ  . TYR A 1 16  ? 2.046   -3.538  7.908   1.00 62.50  ? 16  TYR A CZ  1 
ATOM   113  O OH  . TYR A 1 16  ? 1.332   -4.160  6.906   1.00 63.62  ? 16  TYR A OH  1 
ATOM   114  N N   . LYS A 1 17  ? 1.811   0.237   9.970   1.00 54.27  ? 17  LYS A N   1 
ATOM   115  C CA  . LYS A 1 17  ? 1.221   0.907   8.816   1.00 47.54  ? 17  LYS A CA  1 
ATOM   116  C C   . LYS A 1 17  ? 0.915   2.367   9.099   1.00 50.53  ? 17  LYS A C   1 
ATOM   117  O O   . LYS A 1 17  ? 1.151   3.212   8.234   1.00 52.93  ? 17  LYS A O   1 
ATOM   118  C CB  . LYS A 1 17  ? -0.050  0.177   8.373   1.00 57.49  ? 17  LYS A CB  1 
ATOM   119  C CG  . LYS A 1 17  ? -0.704  0.695   7.075   1.00 61.99  ? 17  LYS A CG  1 
ATOM   120  C CD  . LYS A 1 17  ? 0.065   0.261   5.807   1.00 63.03  ? 17  LYS A CD  1 
ATOM   121  C CE  . LYS A 1 17  ? -0.710  0.611   4.549   1.00 64.53  ? 17  LYS A CE  1 
ATOM   122  N NZ  . LYS A 1 17  ? -1.770  1.619   4.871   1.00 71.99  ? 17  LYS A NZ  1 
ATOM   123  N N   . GLN A 1 18  ? 0.422   2.700   10.296  1.00 51.03  ? 18  GLN A N   1 
ATOM   124  C CA  . GLN A 1 18  ? 0.309   4.118   10.639  1.00 53.13  ? 18  GLN A CA  1 
ATOM   125  C C   . GLN A 1 18  ? 1.668   4.824   10.658  1.00 56.19  ? 18  GLN A C   1 
ATOM   126  O O   . GLN A 1 18  ? 1.754   5.995   10.262  1.00 59.98  ? 18  GLN A O   1 
ATOM   127  C CB  . GLN A 1 18  ? -0.378  4.311   11.983  1.00 49.11  ? 18  GLN A CB  1 
ATOM   128  C CG  . GLN A 1 18  ? -1.316  3.233   12.393  1.00 49.39  ? 18  GLN A CG  1 
ATOM   129  C CD  . GLN A 1 18  ? -1.985  3.622   13.674  1.00 58.29  ? 18  GLN A CD  1 
ATOM   130  O OE1 . GLN A 1 18  ? -1.761  4.740   14.161  1.00 63.78  ? 18  GLN A OE1 1 
ATOM   131  N NE2 . GLN A 1 18  ? -2.782  2.714   14.260  1.00 59.20  ? 18  GLN A NE2 1 
ATOM   132  N N   . ILE A 1 19  ? 2.736   4.155   11.112  1.00 47.88  ? 19  ILE A N   1 
ATOM   133  C CA  . ILE A 1 19  ? 4.057   4.760   11.019  1.00 47.44  ? 19  ILE A CA  1 
ATOM   134  C C   . ILE A 1 19  ? 4.407   5.039   9.559   1.00 52.76  ? 19  ILE A C   1 
ATOM   135  O O   . ILE A 1 19  ? 4.684   6.183   9.176   1.00 54.36  ? 19  ILE A O   1 
ATOM   136  C CB  . ILE A 1 19  ? 5.108   3.873   11.707  1.00 53.36  ? 19  ILE A CB  1 
ATOM   137  C CG1 . ILE A 1 19  ? 4.726   3.617   13.165  1.00 54.68  ? 19  ILE A CG1 1 
ATOM   138  C CG2 . ILE A 1 19  ? 6.491   4.550   11.723  1.00 55.32  ? 19  ILE A CG2 1 
ATOM   139  C CD1 . ILE A 1 19  ? 5.778   2.818   13.887  1.00 48.35  ? 19  ILE A CD1 1 
ATOM   140  N N   . ALA A 1 20  ? 4.361   4.006   8.717   1.00 53.09  ? 20  ALA A N   1 
ATOM   141  C CA  . ALA A 1 20  ? 4.636   4.161   7.290   1.00 51.31  ? 20  ALA A CA  1 
ATOM   142  C C   . ALA A 1 20  ? 3.736   5.210   6.636   1.00 56.97  ? 20  ALA A C   1 
ATOM   143  O O   . ALA A 1 20  ? 4.209   6.064   5.875   1.00 58.05  ? 20  ALA A O   1 
ATOM   144  C CB  . ALA A 1 20  ? 4.467   2.815   6.590   1.00 49.18  ? 20  ALA A CB  1 
ATOM   145  N N   . ASP A 1 21  ? 2.431   5.145   6.876   1.00 56.23  ? 21  ASP A N   1 
ATOM   146  C CA  . ASP A 1 21  ? 1.553   6.121   6.242   1.00 55.44  ? 21  ASP A CA  1 
ATOM   147  C C   . ASP A 1 21  ? 2.022   7.531   6.562   1.00 57.63  ? 21  ASP A C   1 
ATOM   148  O O   . ASP A 1 21  ? 2.134   8.383   5.671   1.00 60.71  ? 21  ASP A O   1 
ATOM   149  C CB  . ASP A 1 21  ? 0.112   5.920   6.709   1.00 62.83  ? 21  ASP A CB  1 
ATOM   150  C CG  . ASP A 1 21  ? -0.654  4.902   5.861   1.00 70.31  ? 21  ASP A CG  1 
ATOM   151  O OD1 . ASP A 1 21  ? -0.141  4.470   4.786   1.00 73.32  ? 21  ASP A OD1 1 
ATOM   152  O OD2 . ASP A 1 21  ? -1.762  4.517   6.303   1.00 63.92  ? 21  ASP A OD2 1 
ATOM   153  N N   . GLN A 1 22  ? 2.354   7.775   7.839   1.00 62.64  ? 22  GLN A N   1 
ATOM   154  C CA  . GLN A 1 22  ? 2.722   9.123   8.283   1.00 60.86  ? 22  GLN A CA  1 
ATOM   155  C C   . GLN A 1 22  ? 4.096   9.532   7.776   1.00 56.64  ? 22  GLN A C   1 
ATOM   156  O O   . GLN A 1 22  ? 4.320   10.714  7.487   1.00 54.43  ? 22  GLN A O   1 
ATOM   157  C CB  . GLN A 1 22  ? 2.660   9.224   9.807   1.00 57.67  ? 22  GLN A CB  1 
ATOM   158  C CG  . GLN A 1 22  ? 1.231   9.381   10.310  1.00 65.37  ? 22  GLN A CG  1 
ATOM   159  C CD  . GLN A 1 22  ? 1.128   9.618   11.812  1.00 70.29  ? 22  GLN A CD  1 
ATOM   160  O OE1 . GLN A 1 22  ? 1.602   10.645  12.340  1.00 72.50  ? 22  GLN A OE1 1 
ATOM   161  N NE2 . GLN A 1 22  ? 0.500   8.676   12.508  1.00 62.46  ? 22  GLN A NE2 1 
ATOM   162  N N   . ILE A 1 23  ? 5.018   8.579   7.634   1.00 53.17  ? 23  ILE A N   1 
ATOM   163  C CA  . ILE A 1 23  ? 6.283   8.922   7.010   1.00 49.93  ? 23  ILE A CA  1 
ATOM   164  C C   . ILE A 1 23  ? 6.053   9.365   5.577   1.00 54.19  ? 23  ILE A C   1 
ATOM   165  O O   . ILE A 1 23  ? 6.652   10.346  5.112   1.00 60.60  ? 23  ILE A O   1 
ATOM   166  C CB  . ILE A 1 23  ? 7.268   7.752   7.117   1.00 52.46  ? 23  ILE A CB  1 
ATOM   167  C CG1 . ILE A 1 23  ? 8.048   7.875   8.445   1.00 56.32  ? 23  ILE A CG1 1 
ATOM   168  C CG2 . ILE A 1 23  ? 8.200   7.770   5.950   1.00 50.97  ? 23  ILE A CG2 1 
ATOM   169  C CD1 . ILE A 1 23  ? 8.672   6.578   8.981   1.00 57.72  ? 23  ILE A CD1 1 
ATOM   170  N N   . ILE A 1 24  ? 5.125   8.710   4.879   1.00 58.13  ? 24  ILE A N   1 
ATOM   171  C CA  . ILE A 1 24  ? 4.781   9.140   3.527   1.00 55.98  ? 24  ILE A CA  1 
ATOM   172  C C   . ILE A 1 24  ? 4.138   10.520  3.549   1.00 57.45  ? 24  ILE A C   1 
ATOM   173  O O   . ILE A 1 24  ? 4.417   11.362  2.690   1.00 58.76  ? 24  ILE A O   1 
ATOM   174  C CB  . ILE A 1 24  ? 3.853   8.123   2.857   1.00 60.08  ? 24  ILE A CB  1 
ATOM   175  C CG1 . ILE A 1 24  ? 4.567   6.776   2.669   1.00 57.72  ? 24  ILE A CG1 1 
ATOM   176  C CG2 . ILE A 1 24  ? 3.332   8.724   1.547   1.00 59.17  ? 24  ILE A CG2 1 
ATOM   177  C CD1 . ILE A 1 24  ? 3.739   5.732   1.923   1.00 66.82  ? 24  ILE A CD1 1 
ATOM   178  N N   . GLU A 1 25  ? 3.243   10.767  4.509   1.00 56.47  ? 25  GLU A N   1 
ATOM   179  C CA  . GLU A 1 25  ? 2.654   12.097  4.620   1.00 55.53  ? 25  GLU A CA  1 
ATOM   180  C C   . GLU A 1 25  ? 3.730   13.146  4.843   1.00 62.82  ? 25  GLU A C   1 
ATOM   181  O O   . GLU A 1 25  ? 3.708   14.215  4.226   1.00 64.88  ? 25  GLU A O   1 
ATOM   182  C CB  . GLU A 1 25  ? 1.638   12.140  5.754   1.00 60.37  ? 25  GLU A CB  1 
ATOM   183  C CG  . GLU A 1 25  ? 0.332   11.473  5.434   1.00 65.75  ? 25  GLU A CG  1 
ATOM   184  C CD  . GLU A 1 25  ? -0.577  11.325  6.655   1.00 75.43  ? 25  GLU A CD  1 
ATOM   185  O OE1 . GLU A 1 25  ? -0.338  11.995  7.690   1.00 81.51  ? 25  GLU A OE1 1 
ATOM   186  O OE2 . GLU A 1 25  ? -1.537  10.521  6.580   1.00 83.92  ? 25  GLU A OE2 1 
ATOM   187  N N   . LEU A 1 26  ? 4.687   12.851  5.731   1.00 63.40  ? 26  LEU A N   1 
ATOM   188  C CA  . LEU A 1 26  ? 5.763   13.794  6.003   1.00 59.31  ? 26  LEU A CA  1 
ATOM   189  C C   . LEU A 1 26  ? 6.640   13.981  4.780   1.00 62.60  ? 26  LEU A C   1 
ATOM   190  O O   . LEU A 1 26  ? 7.054   15.106  4.477   1.00 66.88  ? 26  LEU A O   1 
ATOM   191  C CB  . LEU A 1 26  ? 6.594   13.326  7.200   1.00 65.32  ? 26  LEU A CB  1 
ATOM   192  C CG  . LEU A 1 26  ? 5.895   13.420  8.568   1.00 64.61  ? 26  LEU A CG  1 
ATOM   193  C CD1 . LEU A 1 26  ? 6.635   12.564  9.565   1.00 70.52  ? 26  LEU A CD1 1 
ATOM   194  C CD2 . LEU A 1 26  ? 5.790   14.848  9.076   1.00 60.71  ? 26  LEU A CD2 1 
ATOM   195  N N   . ILE A 1 27  ? 6.935   12.904  4.053   1.00 59.23  ? 27  ILE A N   1 
ATOM   196  C CA  . ILE A 1 27  ? 7.633   13.102  2.786   1.00 66.76  ? 27  ILE A CA  1 
ATOM   197  C C   . ILE A 1 27  ? 6.780   13.944  1.838   1.00 69.33  ? 27  ILE A C   1 
ATOM   198  O O   . ILE A 1 27  ? 7.283   14.871  1.186   1.00 76.49  ? 27  ILE A O   1 
ATOM   199  C CB  . ILE A 1 27  ? 8.016   11.757  2.151   1.00 66.06  ? 27  ILE A CB  1 
ATOM   200  C CG1 . ILE A 1 27  ? 8.970   10.988  3.051   1.00 68.96  ? 27  ILE A CG1 1 
ATOM   201  C CG2 . ILE A 1 27  ? 8.701   11.984  0.831   1.00 65.60  ? 27  ILE A CG2 1 
ATOM   202  C CD1 . ILE A 1 27  ? 9.268   9.593   2.510   1.00 66.11  ? 27  ILE A CD1 1 
ATOM   203  N N   . ALA A 1 28  ? 5.475   13.650  1.760   1.00 66.70  ? 28  ALA A N   1 
ATOM   204  C CA  . ALA A 1 28  ? 4.568   14.432  0.924   1.00 67.32  ? 28  ALA A CA  1 
ATOM   205  C C   . ALA A 1 28  ? 4.570   15.904  1.322   1.00 64.64  ? 28  ALA A C   1 
ATOM   206  O O   . ALA A 1 28  ? 4.730   16.785  0.469   1.00 65.19  ? 28  ALA A O   1 
ATOM   207  C CB  . ALA A 1 28  ? 3.153   13.854  0.998   1.00 64.03  ? 28  ALA A CB  1 
ATOM   208  N N   . LYS A 1 29  ? 4.402   16.191  2.616   1.00 70.57  ? 29  LYS A N   1 
ATOM   209  C CA  . LYS A 1 29  ? 4.482   17.561  3.123   1.00 70.02  ? 29  LYS A CA  1 
ATOM   210  C C   . LYS A 1 29  ? 5.861   18.188  2.950   1.00 67.86  ? 29  LYS A C   1 
ATOM   211  O O   . LYS A 1 29  ? 5.994   19.398  3.143   1.00 68.66  ? 29  LYS A O   1 
ATOM   212  C CB  . LYS A 1 29  ? 4.113   17.615  4.612   1.00 64.58  ? 29  LYS A CB  1 
ATOM   213  C CG  . LYS A 1 29  ? 2.619   17.518  4.923   1.00 66.64  ? 29  LYS A CG  1 
ATOM   214  C CD  . LYS A 1 29  ? 2.383   17.177  6.394   1.00 73.42  ? 29  LYS A CD  1 
ATOM   215  C CE  . LYS A 1 29  ? 1.394   16.012  6.558   1.00 89.57  ? 29  LYS A CE  1 
ATOM   216  N NZ  . LYS A 1 29  ? 1.123   15.662  8.008   1.00 95.23  ? 29  LYS A NZ  1 
ATOM   217  N N   . GLY A 1 30  ? 6.886   17.409  2.606   1.00 72.52  ? 30  GLY A N   1 
ATOM   218  C CA  . GLY A 1 30  ? 8.221   17.943  2.454   1.00 70.21  ? 30  GLY A CA  1 
ATOM   219  C C   . GLY A 1 30  ? 8.951   18.197  3.751   1.00 71.88  ? 30  GLY A C   1 
ATOM   220  O O   . GLY A 1 30  ? 10.045  18.779  3.725   1.00 66.66  ? 30  GLY A O   1 
ATOM   221  N N   . GLU A 1 31  ? 8.376   17.789  4.886   1.00 71.20  ? 31  GLU A N   1 
ATOM   222  C CA  . GLU A 1 31  ? 9.100   17.831  6.144   1.00 71.22  ? 31  GLU A CA  1 
ATOM   223  C C   . GLU A 1 31  ? 10.257  16.845  6.153   1.00 72.10  ? 31  GLU A C   1 
ATOM   224  O O   . GLU A 1 31  ? 11.216  17.035  6.910   1.00 76.51  ? 31  GLU A O   1 
ATOM   225  C CB  . GLU A 1 31  ? 8.148   17.570  7.317   1.00 69.86  ? 31  GLU A CB  1 
ATOM   226  C CG  . GLU A 1 31  ? 7.255   18.754  7.677   1.00 67.83  ? 31  GLU A CG  1 
ATOM   227  C CD  . GLU A 1 31  ? 7.353   19.153  9.150   1.00 95.27  ? 31  GLU A CD  1 
ATOM   228  O OE1 . GLU A 1 31  ? 6.379   18.934  9.917   1.00 99.84  ? 31  GLU A OE1 1 
ATOM   229  O OE2 . GLU A 1 31  ? 8.415   19.695  9.542   1.00 101.33 ? 31  GLU A OE2 1 
ATOM   230  N N   . LEU A 1 32  ? 10.202  15.811  5.319   1.00 64.98  ? 32  LEU A N   1 
ATOM   231  C CA  . LEU A 1 32  ? 11.342  14.918  5.118   1.00 70.03  ? 32  LEU A CA  1 
ATOM   232  C C   . LEU A 1 32  ? 11.740  14.997  3.646   1.00 73.55  ? 32  LEU A C   1 
ATOM   233  O O   . LEU A 1 32  ? 11.188  14.284  2.800   1.00 73.78  ? 32  LEU A O   1 
ATOM   234  C CB  . LEU A 1 32  ? 11.018  13.486  5.544   1.00 71.87  ? 32  LEU A CB  1 
ATOM   235  C CG  . LEU A 1 32  ? 10.948  13.195  7.053   1.00 71.72  ? 32  LEU A CG  1 
ATOM   236  C CD1 . LEU A 1 32  ? 10.986  11.700  7.363   1.00 61.71  ? 32  LEU A CD1 1 
ATOM   237  C CD2 . LEU A 1 32  ? 12.065  13.922  7.792   1.00 79.43  ? 32  LEU A CD2 1 
ATOM   238  N N   . LYS A 1 33  ? 12.698  15.866  3.338   1.00 76.54  ? 33  LYS A N   1 
ATOM   239  C CA  . LYS A 1 33  ? 13.195  15.993  1.980   1.00 76.24  ? 33  LYS A CA  1 
ATOM   240  C C   . LYS A 1 33  ? 13.985  14.743  1.578   1.00 74.42  ? 33  LYS A C   1 
ATOM   241  O O   . LYS A 1 33  ? 14.366  13.935  2.424   1.00 68.40  ? 33  LYS A O   1 
ATOM   242  C CB  . LYS A 1 33  ? 14.087  17.225  1.868   1.00 80.12  ? 33  LYS A CB  1 
ATOM   243  C CG  . LYS A 1 33  ? 13.486  18.495  2.440   1.00 84.94  ? 33  LYS A CG  1 
ATOM   244  C CD  . LYS A 1 33  ? 12.588  19.179  1.433   1.00 89.84  ? 33  LYS A CD  1 
ATOM   245  C CE  . LYS A 1 33  ? 12.027  20.474  2.001   1.00 88.39  ? 33  LYS A CE  1 
ATOM   246  N NZ  . LYS A 1 33  ? 10.903  20.958  1.160   1.00 93.16  ? 33  LYS A NZ  1 
ATOM   247  N N   . PRO A 1 34  ? 14.235  14.564  0.282   1.00 74.70  ? 34  PRO A N   1 
ATOM   248  C CA  . PRO A 1 34  ? 15.048  13.428  -0.175  1.00 69.55  ? 34  PRO A CA  1 
ATOM   249  C C   . PRO A 1 34  ? 16.474  13.466  0.348   1.00 75.18  ? 34  PRO A C   1 
ATOM   250  O O   . PRO A 1 34  ? 17.023  14.516  0.687   1.00 85.05  ? 34  PRO A O   1 
ATOM   251  C CB  . PRO A 1 34  ? 15.027  13.575  -1.697  1.00 78.99  ? 34  PRO A CB  1 
ATOM   252  C CG  . PRO A 1 34  ? 13.721  14.243  -1.974  1.00 81.68  ? 34  PRO A CG  1 
ATOM   253  C CD  . PRO A 1 34  ? 13.471  15.175  -0.820  1.00 83.59  ? 34  PRO A CD  1 
ATOM   254  N N   . GLY A 1 35  ? 17.084  12.284  0.400   1.00 74.36  ? 35  GLY A N   1 
ATOM   255  C CA  . GLY A 1 35  ? 18.406  12.143  0.977   1.00 68.65  ? 35  GLY A CA  1 
ATOM   256  C C   . GLY A 1 35  ? 18.410  12.228  2.491   1.00 71.20  ? 35  GLY A C   1 
ATOM   257  O O   . GLY A 1 35  ? 19.318  11.691  3.130   1.00 74.95  ? 35  GLY A O   1 
ATOM   258  N N   . ASP A 1 36  ? 17.417  12.915  3.070   1.00 70.89  ? 36  ASP A N   1 
ATOM   259  C CA  . ASP A 1 36  ? 17.253  12.992  4.514   1.00 73.57  ? 36  ASP A CA  1 
ATOM   260  C C   . ASP A 1 36  ? 17.389  11.602  5.103   1.00 73.09  ? 36  ASP A C   1 
ATOM   261  O O   . ASP A 1 36  ? 16.540  10.743  4.855   1.00 70.29  ? 36  ASP A O   1 
ATOM   262  C CB  . ASP A 1 36  ? 15.888  13.579  4.896   1.00 77.25  ? 36  ASP A CB  1 
ATOM   263  C CG  . ASP A 1 36  ? 15.961  15.042  5.321   1.00 86.10  ? 36  ASP A CG  1 
ATOM   264  O OD1 . ASP A 1 36  ? 17.027  15.680  5.125   1.00 88.60  ? 36  ASP A OD1 1 
ATOM   265  O OD2 . ASP A 1 36  ? 14.937  15.545  5.850   1.00 81.00  ? 36  ASP A OD2 1 
ATOM   266  N N   . LYS A 1 37  ? 18.478  11.354  5.829   1.00 79.61  ? 37  LYS A N   1 
ATOM   267  C CA  . LYS A 1 37  ? 18.583  10.104  6.563   1.00 75.94  ? 37  LYS A CA  1 
ATOM   268  C C   . LYS A 1 37  ? 17.440  10.028  7.560   1.00 77.69  ? 37  LYS A C   1 
ATOM   269  O O   . LYS A 1 37  ? 16.944  11.048  8.052   1.00 81.77  ? 37  LYS A O   1 
ATOM   270  C CB  . LYS A 1 37  ? 19.932  10.001  7.269   1.00 74.12  ? 37  LYS A CB  1 
ATOM   271  C CG  . LYS A 1 37  ? 20.191  11.103  8.329   1.00 83.57  ? 37  LYS A CG  1 
ATOM   272  C CD  . LYS A 1 37  ? 19.780  10.712  9.793   1.00 87.26  ? 37  LYS A CD  1 
ATOM   273  C CE  . LYS A 1 37  ? 20.178  11.787  10.876  1.00 77.34  ? 37  LYS A CE  1 
ATOM   274  N NZ  . LYS A 1 37  ? 19.263  11.769  12.084  1.00 68.75  ? 37  LYS A NZ  1 
ATOM   275  N N   . LEU A 1 38  ? 17.000  8.840   7.810   1.00 72.96  ? 38  LEU A N   1 
ATOM   276  C CA  . LEU A 1 38  ? 15.938  8.592   8.755   1.00 67.01  ? 38  LEU A CA  1 
ATOM   277  C C   . LEU A 1 38  ? 16.538  8.246   10.100  1.00 68.93  ? 38  LEU A C   1 
ATOM   278  O O   . LEU A 1 38  ? 17.722  7.917   10.185  1.00 73.99  ? 38  LEU A O   1 
ATOM   279  C CB  . LEU A 1 38  ? 15.070  7.436   8.265   1.00 70.37  ? 38  LEU A CB  1 
ATOM   280  C CG  . LEU A 1 38  ? 13.897  7.819   7.374   1.00 71.23  ? 38  LEU A CG  1 
ATOM   281  C CD1 . LEU A 1 38  ? 14.315  8.941   6.449   1.00 71.44  ? 38  LEU A CD1 1 
ATOM   282  C CD2 . LEU A 1 38  ? 13.428  6.595   6.595   1.00 70.81  ? 38  LEU A CD2 1 
ATOM   283  N N   . PRO A 1 39  ? 15.766  8.309   11.183  1.00 63.96  ? 39  PRO A N   1 
ATOM   284  C CA  . PRO A 1 39  ? 16.282  7.793   12.450  1.00 58.26  ? 39  PRO A CA  1 
ATOM   285  C C   . PRO A 1 39  ? 16.575  6.309   12.326  1.00 60.26  ? 39  PRO A C   1 
ATOM   286  O O   . PRO A 1 39  ? 16.061  5.607   11.452  1.00 62.98  ? 39  PRO A O   1 
ATOM   287  C CB  . PRO A 1 39  ? 15.148  8.062   13.449  1.00 57.41  ? 39  PRO A CB  1 
ATOM   288  C CG  . PRO A 1 39  ? 14.288  9.059   12.808  1.00 57.96  ? 39  PRO A CG  1 
ATOM   289  C CD  . PRO A 1 39  ? 14.404  8.846   11.327  1.00 61.98  ? 39  PRO A CD  1 
ATOM   290  N N   . SER A 1 40  ? 17.439  5.837   13.203  1.00 58.28  ? 40  SER A N   1 
ATOM   291  C CA  . SER A 1 40  ? 17.662  4.411   13.352  1.00 57.62  ? 40  SER A CA  1 
ATOM   292  C C   . SER A 1 40  ? 16.343  3.663   13.552  1.00 59.51  ? 40  SER A C   1 
ATOM   293  O O   . SER A 1 40  ? 15.355  4.243   14.016  1.00 58.13  ? 40  SER A O   1 
ATOM   294  C CB  . SER A 1 40  ? 18.599  4.189   14.544  1.00 62.54  ? 40  SER A CB  1 
ATOM   295  O OG  . SER A 1 40  ? 18.873  2.816   14.745  1.00 80.54  ? 40  SER A OG  1 
ATOM   296  N N   . ILE A 1 41  ? 16.299  2.373   13.223  1.00 60.34  ? 41  ILE A N   1 
ATOM   297  C CA  . ILE A 1 41  ? 15.164  1.578   13.682  1.00 60.39  ? 41  ILE A CA  1 
ATOM   298  C C   . ILE A 1 41  ? 15.041  1.692   15.197  1.00 61.63  ? 41  ILE A C   1 
ATOM   299  O O   . ILE A 1 41  ? 13.954  1.950   15.727  1.00 63.86  ? 41  ILE A O   1 
ATOM   300  C CB  . ILE A 1 41  ? 15.286  0.112   13.205  1.00 60.24  ? 41  ILE A CB  1 
ATOM   301  C CG1 . ILE A 1 41  ? 14.965  0.029   11.701  1.00 63.47  ? 41  ILE A CG1 1 
ATOM   302  C CG2 . ILE A 1 41  ? 14.364  -0.837  14.011  1.00 50.93  ? 41  ILE A CG2 1 
ATOM   303  C CD1 . ILE A 1 41  ? 15.139  -1.369  11.070  1.00 62.70  ? 41  ILE A CD1 1 
ATOM   304  N N   . ARG A 1 42  ? 16.167  1.585   15.911  1.00 66.53  ? 42  ARG A N   1 
ATOM   305  C CA  . ARG A 1 42  ? 16.145  1.688   17.371  1.00 61.09  ? 42  ARG A CA  1 
ATOM   306  C C   . ARG A 1 42  ? 15.825  3.107   17.843  1.00 61.92  ? 42  ARG A C   1 
ATOM   307  O O   . ARG A 1 42  ? 15.055  3.283   18.796  1.00 61.75  ? 42  ARG A O   1 
ATOM   308  C CB  . ARG A 1 42  ? 17.481  1.210   17.943  1.00 66.50  ? 42  ARG A CB  1 
ATOM   309  C CG  . ARG A 1 42  ? 17.567  1.263   19.466  1.00 74.09  ? 42  ARG A CG  1 
ATOM   310  C CD  . ARG A 1 42  ? 18.819  0.590   19.996  1.00 62.05  ? 42  ARG A CD  1 
ATOM   311  N NE  . ARG A 1 42  ? 18.487  -0.572  20.813  1.00 63.37  ? 42  ARG A NE  1 
ATOM   312  C CZ  . ARG A 1 42  ? 18.695  -1.835  20.439  1.00 76.08  ? 42  ARG A CZ  1 
ATOM   313  N NH1 . ARG A 1 42  ? 19.241  -2.109  19.257  1.00 74.73  ? 42  ARG A NH1 1 
ATOM   314  N NH2 . ARG A 1 42  ? 18.359  -2.837  21.245  1.00 76.05  ? 42  ARG A NH2 1 
ATOM   315  N N   . GLU A 1 43  ? 16.407  4.137   17.203  1.00 60.91  ? 43  GLU A N   1 
ATOM   316  C CA  . GLU A 1 43  ? 16.099  5.508   17.612  1.00 60.59  ? 43  GLU A CA  1 
ATOM   317  C C   . GLU A 1 43  ? 14.624  5.850   17.374  1.00 63.00  ? 43  GLU A C   1 
ATOM   318  O O   . GLU A 1 43  ? 14.037  6.600   18.160  1.00 69.07  ? 43  GLU A O   1 
ATOM   319  C CB  . GLU A 1 43  ? 17.029  6.520   16.908  1.00 64.41  ? 43  GLU A CB  1 
ATOM   320  C CG  . GLU A 1 43  ? 16.634  8.055   17.081  1.00 74.68  ? 43  GLU A CG  1 
ATOM   321  C CD  . GLU A 1 43  ? 17.754  8.972   17.704  1.00 68.24  ? 43  GLU A CD  1 
ATOM   322  O OE1 . GLU A 1 43  ? 18.861  8.480   18.003  1.00 68.65  ? 43  GLU A OE1 1 
ATOM   323  O OE2 . GLU A 1 43  ? 17.525  10.189  17.912  1.00 59.23  ? 43  GLU A OE2 1 
ATOM   324  N N   . LEU A 1 44  ? 13.983  5.290   16.342  1.00 59.82  ? 44  LEU A N   1 
ATOM   325  C CA  . LEU A 1 44  ? 12.588  5.666   16.101  1.00 56.88  ? 44  LEU A CA  1 
ATOM   326  C C   . LEU A 1 44  ? 11.631  4.885   16.987  1.00 58.69  ? 44  LEU A C   1 
ATOM   327  O O   . LEU A 1 44  ? 10.603  5.419   17.423  1.00 58.09  ? 44  LEU A O   1 
ATOM   328  C CB  . LEU A 1 44  ? 12.221  5.463   14.636  1.00 52.20  ? 44  LEU A CB  1 
ATOM   329  C CG  . LEU A 1 44  ? 10.866  6.026   14.199  1.00 58.58  ? 44  LEU A CG  1 
ATOM   330  C CD1 . LEU A 1 44  ? 10.927  7.495   13.805  1.00 58.00  ? 44  LEU A CD1 1 
ATOM   331  C CD2 . LEU A 1 44  ? 10.328  5.206   13.035  1.00 57.18  ? 44  LEU A CD2 1 
ATOM   332  N N   . ALA A 1 45  ? 11.941  3.612   17.232  1.00 58.29  ? 45  ALA A N   1 
ATOM   333  C CA  . ALA A 1 45  ? 11.107  2.797   18.093  1.00 52.52  ? 45  ALA A CA  1 
ATOM   334  C C   . ALA A 1 45  ? 10.970  3.451   19.455  1.00 60.71  ? 45  ALA A C   1 
ATOM   335  O O   . ALA A 1 45  ? 9.854   3.729   19.915  1.00 63.30  ? 45  ALA A O   1 
ATOM   336  C CB  . ALA A 1 45  ? 11.713  1.400   18.206  1.00 55.73  ? 45  ALA A CB  1 
ATOM   337  N N   . SER A 1 46  ? 12.116  3.768   20.077  1.00 60.75  ? 46  SER A N   1 
ATOM   338  C CA  . SER A 1 46  ? 12.150  4.435   21.378  1.00 67.30  ? 46  SER A CA  1 
ATOM   339  C C   . SER A 1 46  ? 11.488  5.808   21.337  1.00 65.42  ? 46  SER A C   1 
ATOM   340  O O   . SER A 1 46  ? 10.784  6.196   22.278  1.00 68.54  ? 46  SER A O   1 
ATOM   341  C CB  . SER A 1 46  ? 13.599  4.568   21.849  1.00 68.17  ? 46  SER A CB  1 
ATOM   342  O OG  . SER A 1 46  ? 14.261  3.313   21.793  1.00 77.03  ? 46  SER A OG  1 
ATOM   343  N N   . MET A 1 47  ? 11.737  6.574   20.282  1.00 57.41  ? 47  MET A N   1 
ATOM   344  C CA  . MET A 1 47  ? 11.002  7.814   20.106  1.00 59.78  ? 47  MET A CA  1 
ATOM   345  C C   . MET A 1 47  ? 9.494   7.603   20.283  1.00 64.17  ? 47  MET A C   1 
ATOM   346  O O   . MET A 1 47  ? 8.827   8.399   20.960  1.00 66.78  ? 47  MET A O   1 
ATOM   347  C CB  . MET A 1 47  ? 11.344  8.384   18.731  1.00 57.68  ? 47  MET A CB  1 
ATOM   348  C CG  . MET A 1 47  ? 10.767  9.722   18.400  1.00 58.92  ? 47  MET A CG  1 
ATOM   349  S SD  . MET A 1 47  ? 11.399  10.342  16.813  1.00 65.55  ? 47  MET A SD  1 
ATOM   350  C CE  . MET A 1 47  ? 13.182  10.059  17.007  1.00 48.38  ? 47  MET A CE  1 
ATOM   351  N N   . LEU A 1 48  ? 8.955   6.502   19.752  1.00 65.14  ? 48  LEU A N   1 
ATOM   352  C CA  . LEU A 1 48  ? 7.512   6.291   19.694  1.00 64.46  ? 48  LEU A CA  1 
ATOM   353  C C   . LEU A 1 48  ? 6.957   5.476   20.855  1.00 61.68  ? 48  LEU A C   1 
ATOM   354  O O   . LEU A 1 48  ? 5.736   5.483   21.059  1.00 62.28  ? 48  LEU A O   1 
ATOM   355  C CB  . LEU A 1 48  ? 7.141   5.593   18.378  1.00 56.39  ? 48  LEU A CB  1 
ATOM   356  C CG  . LEU A 1 48  ? 7.279   6.492   17.151  1.00 51.01  ? 48  LEU A CG  1 
ATOM   357  C CD1 . LEU A 1 48  ? 7.360   5.670   15.925  1.00 58.07  ? 48  LEU A CD1 1 
ATOM   358  C CD2 . LEU A 1 48  ? 6.092   7.380   17.038  1.00 58.07  ? 48  LEU A CD2 1 
ATOM   359  N N   . GLY A 1 49  ? 7.808   4.781   21.610  1.00 58.84  ? 49  GLY A N   1 
ATOM   360  C CA  . GLY A 1 49  ? 7.337   3.854   22.626  1.00 60.79  ? 49  GLY A CA  1 
ATOM   361  C C   . GLY A 1 49  ? 7.003   2.481   22.093  1.00 59.30  ? 49  GLY A C   1 
ATOM   362  O O   . GLY A 1 49  ? 6.137   1.795   22.647  1.00 60.70  ? 49  GLY A O   1 
ATOM   363  N N   . VAL A 1 50  ? 7.687   2.047   21.043  1.00 61.16  ? 50  VAL A N   1 
ATOM   364  C CA  . VAL A 1 50  ? 7.273   0.927   20.208  1.00 65.12  ? 50  VAL A CA  1 
ATOM   365  C C   . VAL A 1 50  ? 8.455   -0.045  20.102  1.00 62.52  ? 50  VAL A C   1 
ATOM   366  O O   . VAL A 1 50  ? 9.611   0.322   20.333  1.00 62.01  ? 50  VAL A O   1 
ATOM   367  C CB  . VAL A 1 50  ? 6.780   1.466   18.827  1.00 57.67  ? 50  VAL A CB  1 
ATOM   368  C CG1 . VAL A 1 50  ? 6.956   0.500   17.690  1.00 59.13  ? 50  VAL A CG1 1 
ATOM   369  C CG2 . VAL A 1 50  ? 5.332   1.914   18.920  1.00 57.60  ? 50  VAL A CG2 1 
ATOM   370  N N   . ASN A 1 51  ? 8.157   -1.312  19.827  1.00 55.60  ? 51  ASN A N   1 
ATOM   371  C CA  . ASN A 1 51  ? 9.251   -2.257  19.665  1.00 57.52  ? 51  ASN A CA  1 
ATOM   372  C C   . ASN A 1 51  ? 9.894   -2.109  18.289  1.00 57.04  ? 51  ASN A C   1 
ATOM   373  O O   . ASN A 1 51  ? 9.246   -1.747  17.306  1.00 59.26  ? 51  ASN A O   1 
ATOM   374  C CB  . ASN A 1 51  ? 8.756   -3.685  19.845  1.00 61.79  ? 51  ASN A CB  1 
ATOM   375  C CG  . ASN A 1 51  ? 7.488   -3.941  19.085  1.00 65.72  ? 51  ASN A CG  1 
ATOM   376  O OD1 . ASN A 1 51  ? 7.486   -3.955  17.848  1.00 61.80  ? 51  ASN A OD1 1 
ATOM   377  N ND2 . ASN A 1 51  ? 6.383   -4.108  19.814  1.00 69.55  ? 51  ASN A ND2 1 
ATOM   378  N N   . MET A 1 52  ? 11.189  -2.427  18.219  1.00 56.34  ? 52  MET A N   1 
ATOM   379  C CA  . MET A 1 52  ? 11.908  -2.282  16.955  1.00 58.92  ? 52  MET A CA  1 
ATOM   380  C C   . MET A 1 52  ? 11.259  -3.080  15.823  1.00 55.48  ? 52  MET A C   1 
ATOM   381  O O   . MET A 1 52  ? 11.385  -2.707  14.650  1.00 52.06  ? 52  MET A O   1 
ATOM   382  C CB  . MET A 1 52  ? 13.361  -2.696  17.140  1.00 54.33  ? 52  MET A CB  1 
ATOM   383  C CG  . MET A 1 52  ? 13.973  -2.124  18.395  1.00 63.88  ? 52  MET A CG  1 
ATOM   384  S SD  . MET A 1 52  ? 15.771  -2.156  18.388  1.00 54.01  ? 52  MET A SD  1 
ATOM   385  C CE  . MET A 1 52  ? 16.070  -3.381  17.100  1.00 52.62  ? 52  MET A CE  1 
ATOM   386  N N   . LEU A 1 53  ? 10.552  -4.164  16.156  1.00 57.56  ? 53  LEU A N   1 
ATOM   387  C CA  . LEU A 1 53  ? 9.937   -5.014  15.139  1.00 53.14  ? 53  LEU A CA  1 
ATOM   388  C C   . LEU A 1 53  ? 8.897   -4.243  14.338  1.00 56.10  ? 53  LEU A C   1 
ATOM   389  O O   . LEU A 1 53  ? 8.893   -4.277  13.103  1.00 56.03  ? 53  LEU A O   1 
ATOM   390  C CB  . LEU A 1 53  ? 9.307   -6.231  15.809  1.00 57.12  ? 53  LEU A CB  1 
ATOM   391  C CG  . LEU A 1 53  ? 8.528   -7.269  15.000  1.00 61.51  ? 53  LEU A CG  1 
ATOM   392  C CD1 . LEU A 1 53  ? 8.622   -8.655  15.679  1.00 61.34  ? 53  LEU A CD1 1 
ATOM   393  C CD2 . LEU A 1 53  ? 7.064   -6.863  14.832  1.00 60.28  ? 53  LEU A CD2 1 
ATOM   394  N N   . THR A 1 54  ? 7.996   -3.547  15.036  1.00 57.82  ? 54  THR A N   1 
ATOM   395  C CA  . THR A 1 54  ? 6.996   -2.726  14.375  1.00 49.05  ? 54  THR A CA  1 
ATOM   396  C C   . THR A 1 54  ? 7.654   -1.658  13.506  1.00 55.93  ? 54  THR A C   1 
ATOM   397  O O   . THR A 1 54  ? 7.244   -1.454  12.356  1.00 61.79  ? 54  THR A O   1 
ATOM   398  C CB  . THR A 1 54  ? 6.062   -2.132  15.437  1.00 53.42  ? 54  THR A CB  1 
ATOM   399  O OG1 . THR A 1 54  ? 5.138   -3.136  15.866  1.00 60.50  ? 54  THR A OG1 1 
ATOM   400  C CG2 . THR A 1 54  ? 5.245   -0.956  14.920  1.00 54.32  ? 54  THR A CG2 1 
ATOM   401  N N   . VAL A 1 55  ? 8.701   -0.988  14.008  1.00 54.51  ? 55  VAL A N   1 
ATOM   402  C CA  . VAL A 1 55  ? 9.402   -0.019  13.158  1.00 56.63  ? 55  VAL A CA  1 
ATOM   403  C C   . VAL A 1 55  ? 10.105  -0.731  12.000  1.00 54.86  ? 55  VAL A C   1 
ATOM   404  O O   . VAL A 1 55  ? 10.085  -0.258  10.859  1.00 54.90  ? 55  VAL A O   1 
ATOM   405  C CB  . VAL A 1 55  ? 10.391  0.841   13.981  1.00 56.90  ? 55  VAL A CB  1 
ATOM   406  C CG1 . VAL A 1 55  ? 11.499  1.376   13.089  1.00 52.32  ? 55  VAL A CG1 1 
ATOM   407  C CG2 . VAL A 1 55  ? 9.682   2.023   14.639  1.00 54.78  ? 55  VAL A CG2 1 
ATOM   408  N N   . ASN A 1 56  ? 10.737  -1.876  12.273  1.00 55.79  ? 56  ASN A N   1 
ATOM   409  C CA  . ASN A 1 56  ? 11.313  -2.702  11.216  1.00 55.43  ? 56  ASN A CA  1 
ATOM   410  C C   . ASN A 1 56  ? 10.310  -2.935  10.089  1.00 58.33  ? 56  ASN A C   1 
ATOM   411  O O   . ASN A 1 56  ? 10.580  -2.642  8.917   1.00 56.05  ? 56  ASN A O   1 
ATOM   412  C CB  . ASN A 1 56  ? 11.772  -4.034  11.811  1.00 57.60  ? 56  ASN A CB  1 
ATOM   413  C CG  . ASN A 1 56  ? 12.983  -4.594  11.115  1.00 62.32  ? 56  ASN A CG  1 
ATOM   414  O OD1 . ASN A 1 56  ? 12.907  -5.000  9.955   1.00 66.68  ? 56  ASN A OD1 1 
ATOM   415  N ND2 . ASN A 1 56  ? 14.119  -4.628  11.821  1.00 66.31  ? 56  ASN A ND2 1 
ATOM   416  N N   . LYS A 1 57  ? 9.135   -3.474  10.443  1.00 58.16  ? 57  LYS A N   1 
ATOM   417  C CA  . LYS A 1 57  ? 8.058   -3.671  9.476   1.00 54.59  ? 57  LYS A CA  1 
ATOM   418  C C   . LYS A 1 57  ? 7.690   -2.384  8.746   1.00 55.24  ? 57  LYS A C   1 
ATOM   419  O O   . LYS A 1 57  ? 7.464   -2.391  7.528   1.00 55.33  ? 57  LYS A O   1 
ATOM   420  C CB  . LYS A 1 57  ? 6.836   -4.230  10.188  1.00 57.39  ? 57  LYS A CB  1 
ATOM   421  C CG  . LYS A 1 57  ? 6.826   -5.737  10.316  1.00 57.16  ? 57  LYS A CG  1 
ATOM   422  C CD  . LYS A 1 57  ? 5.594   -6.179  11.074  1.00 51.81  ? 57  LYS A CD  1 
ATOM   423  C CE  . LYS A 1 57  ? 5.049   -7.467  10.477  1.00 67.43  ? 57  LYS A CE  1 
ATOM   424  N NZ  . LYS A 1 57  ? 4.553   -7.253  9.094   1.00 78.66  ? 57  LYS A NZ  1 
ATOM   425  N N   . ALA A 1 58  ? 7.614   -1.269  9.478   1.00 60.04  ? 58  ALA A N   1 
ATOM   426  C CA  . ALA A 1 58  ? 7.348   0.030   8.863   1.00 52.20  ? 58  ALA A CA  1 
ATOM   427  C C   . ALA A 1 58  ? 8.419   0.410   7.850   1.00 52.64  ? 58  ALA A C   1 
ATOM   428  O O   . ALA A 1 58  ? 8.105   0.776   6.714   1.00 50.93  ? 58  ALA A O   1 
ATOM   429  C CB  . ALA A 1 58  ? 7.248   1.095   9.944   1.00 50.71  ? 58  ALA A CB  1 
ATOM   430  N N   . TYR A 1 59  ? 9.692   0.351   8.248   1.00 58.00  ? 59  TYR A N   1 
ATOM   431  C CA  . TYR A 1 59  ? 10.764  0.769   7.350   1.00 52.23  ? 59  TYR A CA  1 
ATOM   432  C C   . TYR A 1 59  ? 10.847  -0.125  6.123   1.00 56.77  ? 59  TYR A C   1 
ATOM   433  O O   . TYR A 1 59  ? 11.158  0.348   5.027   1.00 57.90  ? 59  TYR A O   1 
ATOM   434  C CB  . TYR A 1 59  ? 12.088  0.771   8.095   1.00 50.71  ? 59  TYR A CB  1 
ATOM   435  C CG  . TYR A 1 59  ? 12.427  2.076   8.823   1.00 58.57  ? 59  TYR A CG  1 
ATOM   436  C CD1 . TYR A 1 59  ? 11.451  3.015   9.127   1.00 54.66  ? 59  TYR A CD1 1 
ATOM   437  C CD2 . TYR A 1 59  ? 13.749  2.362   9.199   1.00 56.97  ? 59  TYR A CD2 1 
ATOM   438  C CE1 . TYR A 1 59  ? 11.780  4.205   9.790   1.00 58.48  ? 59  TYR A CE1 1 
ATOM   439  C CE2 . TYR A 1 59  ? 14.078  3.534   9.857   1.00 57.08  ? 59  TYR A CE2 1 
ATOM   440  C CZ  . TYR A 1 59  ? 13.090  4.454   10.153  1.00 56.92  ? 59  TYR A CZ  1 
ATOM   441  O OH  . TYR A 1 59  ? 13.420  5.630   10.806  1.00 55.67  ? 59  TYR A OH  1 
ATOM   442  N N   . ASN A 1 60  ? 10.550  -1.413  6.281   1.00 65.44  ? 60  ASN A N   1 
ATOM   443  C CA  . ASN A 1 60  ? 10.573  -2.343  5.158   1.00 60.05  ? 60  ASN A CA  1 
ATOM   444  C C   . ASN A 1 60  ? 9.408   -2.102  4.212   1.00 63.01  ? 60  ASN A C   1 
ATOM   445  O O   . ASN A 1 60  ? 9.555   -2.214  2.986   1.00 65.22  ? 60  ASN A O   1 
ATOM   446  C CB  . ASN A 1 60  ? 10.532  -3.766  5.686   1.00 60.76  ? 60  ASN A CB  1 
ATOM   447  C CG  . ASN A 1 60  ? 11.858  -4.216  6.224   1.00 68.33  ? 60  ASN A CG  1 
ATOM   448  O OD1 . ASN A 1 60  ? 12.902  -3.897  5.652   1.00 74.41  ? 60  ASN A OD1 1 
ATOM   449  N ND2 . ASN A 1 60  ? 11.834  -4.977  7.323   1.00 69.63  ? 60  ASN A ND2 1 
ATOM   450  N N   . TYR A 1 61  ? 8.227   -1.812  4.763   1.00 61.18  ? 61  TYR A N   1 
ATOM   451  C CA  . TYR A 1 61  ? 7.106   -1.431  3.917   1.00 55.37  ? 61  TYR A CA  1 
ATOM   452  C C   . TYR A 1 61  ? 7.484   -0.242  3.044   1.00 63.96  ? 61  TYR A C   1 
ATOM   453  O O   . TYR A 1 61  ? 7.243   -0.242  1.830   1.00 72.50  ? 61  TYR A O   1 
ATOM   454  C CB  . TYR A 1 61  ? 5.888   -1.118  4.781   1.00 51.74  ? 61  TYR A CB  1 
ATOM   455  C CG  . TYR A 1 61  ? 4.730   -0.555  4.006   1.00 52.79  ? 61  TYR A CG  1 
ATOM   456  C CD1 . TYR A 1 61  ? 3.849   -1.382  3.364   1.00 56.92  ? 61  TYR A CD1 1 
ATOM   457  C CD2 . TYR A 1 61  ? 4.526   0.812   3.914   1.00 58.35  ? 61  TYR A CD2 1 
ATOM   458  C CE1 . TYR A 1 61  ? 2.792   -0.882  2.656   1.00 62.53  ? 61  TYR A CE1 1 
ATOM   459  C CE2 . TYR A 1 61  ? 3.465   1.328   3.200   1.00 60.49  ? 61  TYR A CE2 1 
ATOM   460  C CZ  . TYR A 1 61  ? 2.600   0.466   2.568   1.00 61.54  ? 61  TYR A CZ  1 
ATOM   461  O OH  . TYR A 1 61  ? 1.526   0.932   1.841   1.00 67.06  ? 61  TYR A OH  1 
ATOM   462  N N   . LEU A 1 62  ? 8.116   0.772   3.639   1.00 58.89  ? 62  LEU A N   1 
ATOM   463  C CA  . LEU A 1 62  ? 8.544   1.924   2.858   1.00 57.22  ? 62  LEU A CA  1 
ATOM   464  C C   . LEU A 1 62  ? 9.617   1.558   1.837   1.00 61.43  ? 62  LEU A C   1 
ATOM   465  O O   . LEU A 1 62  ? 9.744   2.234   0.810   1.00 67.42  ? 62  LEU A O   1 
ATOM   466  C CB  . LEU A 1 62  ? 9.041   3.034   3.789   1.00 61.49  ? 62  LEU A CB  1 
ATOM   467  C CG  . LEU A 1 62  ? 8.011   3.745   4.690   1.00 60.72  ? 62  LEU A CG  1 
ATOM   468  C CD1 . LEU A 1 62  ? 8.657   4.340   5.945   1.00 57.60  ? 62  LEU A CD1 1 
ATOM   469  C CD2 . LEU A 1 62  ? 7.252   4.821   3.937   1.00 46.38  ? 62  LEU A CD2 1 
ATOM   470  N N   . VAL A 1 63  ? 10.398  0.505   2.073   1.00 60.65  ? 63  VAL A N   1 
ATOM   471  C CA  . VAL A 1 63  ? 11.437  0.163   1.101   1.00 63.87  ? 63  VAL A CA  1 
ATOM   472  C C   . VAL A 1 63  ? 10.827  -0.524  -0.108  1.00 68.93  ? 63  VAL A C   1 
ATOM   473  O O   . VAL A 1 63  ? 11.120  -0.164  -1.258  1.00 73.80  ? 63  VAL A O   1 
ATOM   474  C CB  . VAL A 1 63  ? 12.539  -0.701  1.740   1.00 64.93  ? 63  VAL A CB  1 
ATOM   475  C CG1 . VAL A 1 63  ? 13.480  -1.219  0.671   1.00 66.37  ? 63  VAL A CG1 1 
ATOM   476  C CG2 . VAL A 1 63  ? 13.326  0.113   2.764   1.00 67.18  ? 63  VAL A CG2 1 
ATOM   477  N N   . ASP A 1 64  ? 9.953   -1.514  0.133   1.00 67.23  ? 64  ASP A N   1 
ATOM   478  C CA  . ASP A 1 64  ? 9.289   -2.217  -0.966  1.00 66.17  ? 64  ASP A CA  1 
ATOM   479  C C   . ASP A 1 64  ? 8.392   -1.285  -1.776  1.00 66.17  ? 64  ASP A C   1 
ATOM   480  O O   . ASP A 1 64  ? 8.354   -1.376  -3.007  1.00 70.93  ? 64  ASP A O   1 
ATOM   481  C CB  . ASP A 1 64  ? 8.484   -3.395  -0.426  1.00 69.65  ? 64  ASP A CB  1 
ATOM   482  C CG  . ASP A 1 64  ? 9.371   -4.537  0.071   1.00 73.91  ? 64  ASP A CG  1 
ATOM   483  O OD1 . ASP A 1 64  ? 10.613  -4.375  0.062   1.00 69.90  ? 64  ASP A OD1 1 
ATOM   484  O OD2 . ASP A 1 64  ? 8.827   -5.601  0.463   1.00 71.01  ? 64  ASP A OD2 1 
ATOM   485  N N   . GLU A 1 65  ? 7.664   -0.382  -1.106  1.00 68.19  ? 65  GLU A N   1 
ATOM   486  C CA  . GLU A 1 65  ? 6.880   0.623   -1.818  1.00 64.75  ? 65  GLU A CA  1 
ATOM   487  C C   . GLU A 1 65  ? 7.748   1.636   -2.542  1.00 63.81  ? 65  GLU A C   1 
ATOM   488  O O   . GLU A 1 65  ? 7.235   2.346   -3.400  1.00 78.41  ? 65  GLU A O   1 
ATOM   489  C CB  . GLU A 1 65  ? 5.942   1.379   -0.869  1.00 68.16  ? 65  GLU A CB  1 
ATOM   490  C CG  . GLU A 1 65  ? 4.936   0.493   -0.148  1.00 70.05  ? 65  GLU A CG  1 
ATOM   491  C CD  . GLU A 1 65  ? 4.197   -0.424  -1.089  1.00 65.69  ? 65  GLU A CD  1 
ATOM   492  O OE1 . GLU A 1 65  ? 3.434   0.068   -1.957  1.00 60.37  ? 65  GLU A OE1 1 
ATOM   493  O OE2 . GLU A 1 65  ? 4.438   -1.640  -0.967  1.00 64.36  ? 65  GLU A OE2 1 
ATOM   494  N N   . GLY A 1 66  ? 9.025   1.753   -2.203  1.00 63.76  ? 66  GLY A N   1 
ATOM   495  C CA  . GLY A 1 66  ? 9.898   2.645   -2.940  1.00 57.62  ? 66  GLY A CA  1 
ATOM   496  C C   . GLY A 1 66  ? 9.958   4.094   -2.492  1.00 64.01  ? 66  GLY A C   1 
ATOM   497  O O   . GLY A 1 66  ? 10.139  4.981   -3.332  1.00 65.10  ? 66  GLY A O   1 
ATOM   498  N N   . PHE A 1 67  ? 9.842   4.369   -1.185  1.00 66.48  ? 67  PHE A N   1 
ATOM   499  C CA  . PHE A 1 67  ? 9.988   5.726   -0.661  1.00 65.61  ? 67  PHE A CA  1 
ATOM   500  C C   . PHE A 1 67  ? 11.260  5.957   0.152   1.00 67.56  ? 67  PHE A C   1 
ATOM   501  O O   . PHE A 1 67  ? 11.611  7.120   0.396   1.00 64.13  ? 67  PHE A O   1 
ATOM   502  C CB  . PHE A 1 67  ? 8.787   6.105   0.224   1.00 62.66  ? 67  PHE A CB  1 
ATOM   503  C CG  . PHE A 1 67  ? 7.482   6.162   -0.510  1.00 61.76  ? 67  PHE A CG  1 
ATOM   504  C CD1 . PHE A 1 67  ? 7.096   7.301   -1.176  1.00 60.53  ? 67  PHE A CD1 1 
ATOM   505  C CD2 . PHE A 1 67  ? 6.639   5.064   -0.529  1.00 64.34  ? 67  PHE A CD2 1 
ATOM   506  C CE1 . PHE A 1 67  ? 5.902   7.343   -1.857  1.00 63.57  ? 67  PHE A CE1 1 
ATOM   507  C CE2 . PHE A 1 67  ? 5.450   5.097   -1.204  1.00 63.75  ? 67  PHE A CE2 1 
ATOM   508  C CZ  . PHE A 1 67  ? 5.077   6.242   -1.871  1.00 66.57  ? 67  PHE A CZ  1 
ATOM   509  N N   . ILE A 1 68  ? 11.932  4.901   0.616   1.00 60.88  ? 68  ILE A N   1 
ATOM   510  C CA  . ILE A 1 68  ? 13.220  5.029   1.285   1.00 69.55  ? 68  ILE A CA  1 
ATOM   511  C C   . ILE A 1 68  ? 14.105  3.870   0.847   1.00 67.66  ? 68  ILE A C   1 
ATOM   512  O O   . ILE A 1 68  ? 13.635  2.851   0.341   1.00 64.39  ? 68  ILE A O   1 
ATOM   513  C CB  . ILE A 1 68  ? 13.127  5.064   2.836   1.00 62.66  ? 68  ILE A CB  1 
ATOM   514  C CG1 . ILE A 1 68  ? 12.781  3.683   3.392   1.00 55.67  ? 68  ILE A CG1 1 
ATOM   515  C CG2 . ILE A 1 68  ? 12.179  6.163   3.319   1.00 61.07  ? 68  ILE A CG2 1 
ATOM   516  C CD1 . ILE A 1 68  ? 12.515  3.692   4.857   1.00 54.43  ? 68  ILE A CD1 1 
ATOM   517  N N   . VAL A 1 69  ? 15.407  4.040   1.071   1.00 69.97  ? 69  VAL A N   1 
ATOM   518  C CA  . VAL A 1 69  ? 16.412  3.099   0.595   1.00 69.35  ? 69  VAL A CA  1 
ATOM   519  C C   . VAL A 1 69  ? 17.524  3.020   1.636   1.00 74.43  ? 69  VAL A C   1 
ATOM   520  O O   . VAL A 1 69  ? 17.757  3.967   2.397   1.00 76.11  ? 69  VAL A O   1 
ATOM   521  C CB  . VAL A 1 69  ? 16.939  3.523   -0.800  1.00 74.20  ? 69  VAL A CB  1 
ATOM   522  C CG1 . VAL A 1 69  ? 17.698  4.853   -0.706  1.00 76.71  ? 69  VAL A CG1 1 
ATOM   523  C CG2 . VAL A 1 69  ? 17.797  2.430   -1.430  1.00 71.76  ? 69  VAL A CG2 1 
ATOM   524  N N   . VAL A 1 70  ? 18.200  1.871   1.672   1.00 75.11  ? 70  VAL A N   1 
ATOM   525  C CA  . VAL A 1 70  ? 19.270  1.598   2.626   1.00 73.18  ? 70  VAL A CA  1 
ATOM   526  C C   . VAL A 1 70  ? 20.619  1.961   2.015   1.00 78.11  ? 70  VAL A C   1 
ATOM   527  O O   . VAL A 1 70  ? 20.980  1.475   0.935   1.00 74.45  ? 70  VAL A O   1 
ATOM   528  C CB  . VAL A 1 70  ? 19.251  0.125   3.048   1.00 73.32  ? 70  VAL A CB  1 
ATOM   529  C CG1 . VAL A 1 70  ? 20.416  -0.172  3.960   1.00 72.75  ? 70  VAL A CG1 1 
ATOM   530  C CG2 . VAL A 1 70  ? 17.921  -0.216  3.701   1.00 67.32  ? 70  VAL A CG2 1 
ATOM   531  N N   . GLN A 1 71  ? 21.383  2.785   2.731   1.00 86.81  ? 71  GLN A N   1 
ATOM   532  C CA  . GLN A 1 71  ? 22.702  3.271   2.316   1.00 81.10  ? 71  GLN A CA  1 
ATOM   533  C C   . GLN A 1 71  ? 23.722  2.700   3.299   1.00 84.10  ? 71  GLN A C   1 
ATOM   534  O O   . GLN A 1 71  ? 24.063  3.330   4.306   1.00 82.03  ? 71  GLN A O   1 
ATOM   535  C CB  . GLN A 1 71  ? 22.702  4.713   2.296   1.00 81.21  ? 71  GLN A CB  1 
ATOM   536  C CG  . GLN A 1 71  ? 21.623  5.223   1.379   1.00 80.17  ? 71  GLN A CG  1 
ATOM   537  C CD  . GLN A 1 71  ? 22.143  5.553   0.018   1.00 76.21  ? 71  GLN A CD  1 
ATOM   538  O OE1 . GLN A 1 71  ? 22.516  6.693   -0.248  1.00 80.47  ? 71  GLN A OE1 1 
ATOM   539  N NE2 . GLN A 1 71  ? 22.198  4.555   -0.853  1.00 85.36  ? 71  GLN A NE2 1 
ATOM   540  N N   . LYS A 1 72  ? 24.201  1.495   2.981   1.00 87.14  ? 72  LYS A N   1 
ATOM   541  C CA  . LYS A 1 72  ? 24.952  0.645   3.900   1.00 87.43  ? 72  LYS A CA  1 
ATOM   542  C C   . LYS A 1 72  ? 24.345  0.713   5.308   1.00 84.70  ? 72  LYS A C   1 
ATOM   543  O O   . LYS A 1 72  ? 24.806  1.433   6.197   1.00 83.68  ? 72  LYS A O   1 
ATOM   544  C CB  . LYS A 1 72  ? 26.446  1.005   3.876   1.00 90.72  ? 72  LYS A CB  1 
ATOM   545  C CG  . LYS A 1 72  ? 27.381  -0.033  4.540   1.00 100.21 ? 72  LYS A CG  1 
ATOM   546  C CD  . LYS A 1 72  ? 27.550  0.144   6.048   1.00 101.84 ? 72  LYS A CD  1 
ATOM   547  C CE  . LYS A 1 72  ? 28.756  -0.621  6.541   1.00 81.45  ? 72  LYS A CE  1 
ATOM   548  N NZ  . LYS A 1 72  ? 28.849  -1.995  5.955   1.00 75.44  ? 72  LYS A NZ  1 
ATOM   549  N N   . ARG A 1 73  ? 23.229  0.009   5.466   1.00 86.10  ? 73  ARG A N   1 
ATOM   550  C CA  . ARG A 1 73  ? 22.586  -0.239  6.755   1.00 82.66  ? 73  ARG A CA  1 
ATOM   551  C C   . ARG A 1 73  ? 21.987  1.005   7.425   1.00 84.79  ? 73  ARG A C   1 
ATOM   552  O O   . ARG A 1 73  ? 21.526  0.909   8.567   1.00 78.44  ? 73  ARG A O   1 
ATOM   553  C CB  . ARG A 1 73  ? 23.545  -0.960  7.700   1.00 79.54  ? 73  ARG A CB  1 
ATOM   554  C CG  . ARG A 1 73  ? 23.814  -2.376  7.209   1.00 88.40  ? 73  ARG A CG  1 
ATOM   555  C CD  . ARG A 1 73  ? 24.444  -3.260  8.267   1.00 85.71  ? 73  ARG A CD  1 
ATOM   556  N NE  . ARG A 1 73  ? 25.803  -2.821  8.550   1.00 86.62  ? 73  ARG A NE  1 
ATOM   557  C CZ  . ARG A 1 73  ? 26.132  -2.090  9.606   1.00 84.29  ? 73  ARG A CZ  1 
ATOM   558  N NH1 . ARG A 1 73  ? 25.182  -1.738  10.474  1.00 83.10  ? 73  ARG A NH1 1 
ATOM   559  N NH2 . ARG A 1 73  ? 27.399  -1.717  9.793   1.00 69.21  ? 73  ARG A NH2 1 
ATOM   560  N N   . ARG A 1 74  ? 21.909  2.153   6.741   1.00 80.80  ? 74  ARG A N   1 
ATOM   561  C CA  . ARG A 1 74  ? 21.163  3.310   7.234   1.00 78.03  ? 74  ARG A CA  1 
ATOM   562  C C   . ARG A 1 74  ? 20.066  3.707   6.239   1.00 78.68  ? 74  ARG A C   1 
ATOM   563  O O   . ARG A 1 74  ? 20.263  3.620   5.025   1.00 80.04  ? 74  ARG A O   1 
ATOM   564  C CB  . ARG A 1 74  ? 22.104  4.500   7.501   1.00 85.18  ? 74  ARG A CB  1 
ATOM   565  C CG  . ARG A 1 74  ? 22.445  5.373   6.277   1.00 92.61  ? 74  ARG A CG  1 
ATOM   566  C CD  . ARG A 1 74  ? 22.736  6.823   6.692   1.00 89.80  ? 74  ARG A CD  1 
ATOM   567  N NE  . ARG A 1 74  ? 21.590  7.435   7.377   1.00 90.08  ? 74  ARG A NE  1 
ATOM   568  C CZ  . ARG A 1 74  ? 21.478  7.578   8.703   1.00 89.73  ? 74  ARG A CZ  1 
ATOM   569  N NH1 . ARG A 1 74  ? 22.436  7.150   9.509   1.00 90.39  ? 74  ARG A NH1 1 
ATOM   570  N NH2 . ARG A 1 74  ? 20.402  8.145   9.232   1.00 85.42  ? 74  ARG A NH2 1 
ATOM   571  N N   . TYR A 1 75  ? 18.908  4.152   6.749   1.00 77.46  ? 75  TYR A N   1 
ATOM   572  C CA  . TYR A 1 75  ? 17.710  4.374   5.932   1.00 68.34  ? 75  TYR A CA  1 
ATOM   573  C C   . TYR A 1 75  ? 17.605  5.819   5.480   1.00 69.90  ? 75  TYR A C   1 
ATOM   574  O O   . TYR A 1 75  ? 17.668  6.737   6.305   1.00 76.67  ? 75  TYR A O   1 
ATOM   575  C CB  . TYR A 1 75  ? 16.444  4.012   6.699   1.00 66.49  ? 75  TYR A CB  1 
ATOM   576  C CG  . TYR A 1 75  ? 16.340  2.538   6.967   1.00 61.84  ? 75  TYR A CG  1 
ATOM   577  C CD1 . TYR A 1 75  ? 16.842  2.004   8.116   1.00 57.84  ? 75  TYR A CD1 1 
ATOM   578  C CD2 . TYR A 1 75  ? 15.754  1.689   6.053   1.00 65.41  ? 75  TYR A CD2 1 
ATOM   579  C CE1 . TYR A 1 75  ? 16.769  0.678   8.361   1.00 66.10  ? 75  TYR A CE1 1 
ATOM   580  C CE2 . TYR A 1 75  ? 15.672  0.346   6.287   1.00 62.71  ? 75  TYR A CE2 1 
ATOM   581  C CZ  . TYR A 1 75  ? 16.181  -0.156  7.451   1.00 66.54  ? 75  TYR A CZ  1 
ATOM   582  O OH  . TYR A 1 75  ? 16.113  -1.507  7.730   1.00 76.21  ? 75  TYR A OH  1 
ATOM   583  N N   . VAL A 1 76  ? 17.384  6.013   4.183   1.00 66.85  ? 76  VAL A N   1 
ATOM   584  C CA  . VAL A 1 76  ? 17.461  7.323   3.549   1.00 69.66  ? 76  VAL A CA  1 
ATOM   585  C C   . VAL A 1 76  ? 16.241  7.504   2.649   1.00 70.65  ? 76  VAL A C   1 
ATOM   586  O O   . VAL A 1 76  ? 15.809  6.556   1.984   1.00 66.59  ? 76  VAL A O   1 
ATOM   587  C CB  . VAL A 1 76  ? 18.770  7.458   2.738   1.00 66.38  ? 76  VAL A CB  1 
ATOM   588  C CG1 . VAL A 1 76  ? 18.741  8.687   1.856   1.00 68.03  ? 76  VAL A CG1 1 
ATOM   589  C CG2 . VAL A 1 76  ? 19.975  7.485   3.659   1.00 73.05  ? 76  VAL A CG2 1 
ATOM   590  N N   . VAL A 1 77  ? 15.680  8.717   2.627   1.00 61.17  ? 77  VAL A N   1 
ATOM   591  C CA  . VAL A 1 77  ? 14.618  9.005   1.680   1.00 62.96  ? 77  VAL A CA  1 
ATOM   592  C C   . VAL A 1 77  ? 15.192  8.969   0.272   1.00 72.95  ? 77  VAL A C   1 
ATOM   593  O O   . VAL A 1 77  ? 16.287  9.484   0.029   1.00 78.60  ? 77  VAL A O   1 
ATOM   594  C CB  . VAL A 1 77  ? 13.972  10.361  1.998   1.00 64.57  ? 77  VAL A CB  1 
ATOM   595  C CG1 . VAL A 1 77  ? 12.691  10.535  1.216   1.00 62.22  ? 77  VAL A CG1 1 
ATOM   596  C CG2 . VAL A 1 77  ? 13.680  10.459  3.470   1.00 59.94  ? 77  VAL A CG2 1 
ATOM   597  N N   . LYS A 1 78  ? 14.470  8.330   -0.664  1.00 78.87  ? 78  LYS A N   1 
ATOM   598  C CA  . LYS A 1 78  ? 14.951  8.199   -2.043  1.00 79.88  ? 78  LYS A CA  1 
ATOM   599  C C   . LYS A 1 78  ? 14.578  9.478   -2.783  1.00 94.52  ? 78  LYS A C   1 
ATOM   600  O O   . LYS A 1 78  ? 14.442  10.528  -2.143  1.00 95.36  ? 78  LYS A O   1 
ATOM   601  C CB  . LYS A 1 78  ? 14.398  6.929   -2.724  1.00 76.41  ? 78  LYS A CB  1 
ATOM   602  C CG  . LYS A 1 78  ? 15.015  6.515   -4.116  1.00 96.34  ? 78  LYS A CG  1 
ATOM   603  C CD  . LYS A 1 78  ? 16.492  6.986   -4.377  1.00 107.27 ? 78  LYS A CD  1 
ATOM   604  C CE  . LYS A 1 78  ? 16.935  6.731   -5.841  1.00 105.01 ? 78  LYS A CE  1 
ATOM   605  N NZ  . LYS A 1 78  ? 17.763  7.833   -6.454  1.00 111.82 ? 78  LYS A NZ  1 
ATOM   606  N N   . SER A 1 79  ? 14.361  9.409   -4.116  1.00 108.89 ? 79  SER A N   1 
ATOM   607  C CA  . SER A 1 79  ? 14.584  10.607  -4.933  1.00 104.11 ? 79  SER A CA  1 
ATOM   608  C C   . SER A 1 79  ? 13.729  10.697  -6.198  1.00 106.78 ? 79  SER A C   1 
ATOM   609  O O   . SER A 1 79  ? 14.023  11.567  -7.014  1.00 107.74 ? 79  SER A O   1 
ATOM   610  C CB  . SER A 1 79  ? 16.048  10.676  -5.360  1.00 102.13 ? 79  SER A CB  1 
ATOM   611  O OG  . SER A 1 79  ? 16.243  9.917   -6.545  1.00 111.58 ? 79  SER A OG  1 
ATOM   612  N N   . GLU A 1 80  ? 12.709  9.864   -6.410  1.00 110.63 ? 80  GLU A N   1 
ATOM   613  C CA  . GLU A 1 80  ? 12.116  9.795   -7.741  1.00 113.16 ? 80  GLU A CA  1 
ATOM   614  C C   . GLU A 1 80  ? 10.666  9.312   -7.695  1.00 116.70 ? 80  GLU A C   1 
ATOM   615  O O   . GLU A 1 80  ? 10.104  9.001   -6.636  1.00 110.66 ? 80  GLU A O   1 
ATOM   616  C CB  . GLU A 1 80  ? 12.952  8.874   -8.646  1.00 118.26 ? 80  GLU A CB  1 
ATOM   617  C CG  . GLU A 1 80  ? 14.099  9.571   -9.405  1.00 124.21 ? 80  GLU A CG  1 
ATOM   618  C CD  . GLU A 1 80  ? 15.237  8.625   -9.827  1.00 124.80 ? 80  GLU A CD  1 
ATOM   619  O OE1 . GLU A 1 80  ? 16.149  9.099   -10.546 1.00 121.88 ? 80  GLU A OE1 1 
ATOM   620  O OE2 . GLU A 1 80  ? 15.229  7.430   -9.441  1.00 124.59 ? 80  GLU A OE2 1 
ATOM   621  N N   . VAL A 1 81  ? 10.069  9.305   -8.890  1.00 118.34 ? 81  VAL A N   1 
ATOM   622  C CA  . VAL A 1 81  ? 8.864   8.563   -9.296  1.00 117.83 ? 81  VAL A CA  1 
ATOM   623  C C   . VAL A 1 81  ? 7.904   8.088   -8.200  1.00 108.86 ? 81  VAL A C   1 
ATOM   624  O O   . VAL A 1 81  ? 7.023   7.249   -8.458  1.00 99.53  ? 81  VAL A O   1 
ATOM   625  C CB  . VAL A 1 81  ? 9.282   7.332   -10.155 1.00 118.63 ? 81  VAL A CB  1 
ATOM   626  C CG1 . VAL A 1 81  ? 9.773   7.780   -11.528 1.00 116.02 ? 81  VAL A CG1 1 
ATOM   627  C CG2 . VAL A 1 81  ? 10.346  6.481   -9.439  1.00 114.15 ? 81  VAL A CG2 1 
ATOM   628  N N   . TRP A 1 86  ? 0.150   3.947   -7.247  1.00 78.58  ? 85  TRP A N   1 
ATOM   629  C CA  . TRP A 1 86  ? -0.922  4.724   -6.588  1.00 85.61  ? 85  TRP A CA  1 
ATOM   630  C C   . TRP A 1 86  ? -2.065  5.047   -7.540  1.00 83.47  ? 85  TRP A C   1 
ATOM   631  O O   . TRP A 1 86  ? -3.148  5.451   -7.118  1.00 80.93  ? 85  TRP A O   1 
ATOM   632  C CB  . TRP A 1 86  ? -0.391  6.038   -5.983  1.00 76.32  ? 85  TRP A CB  1 
ATOM   633  C CG  . TRP A 1 86  ? 0.093   7.080   -6.985  1.00 88.01  ? 85  TRP A CG  1 
ATOM   634  C CD1 . TRP A 1 86  ? 1.399   7.350   -7.334  1.00 88.08  ? 85  TRP A CD1 1 
ATOM   635  C CD2 . TRP A 1 86  ? -0.717  7.994   -7.751  1.00 90.03  ? 85  TRP A CD2 1 
ATOM   636  N NE1 . TRP A 1 86  ? 1.444   8.372   -8.263  1.00 80.60  ? 85  TRP A NE1 1 
ATOM   637  C CE2 . TRP A 1 86  ? 0.164   8.782   -8.537  1.00 85.99  ? 85  TRP A CE2 1 
ATOM   638  C CE3 . TRP A 1 86  ? -2.096  8.222   -7.851  1.00 86.72  ? 85  TRP A CE3 1 
ATOM   639  C CZ2 . TRP A 1 86  ? -0.296  9.768   -9.414  1.00 86.64  ? 85  TRP A CZ2 1 
ATOM   640  C CZ3 . TRP A 1 86  ? -2.548  9.209   -8.724  1.00 86.22  ? 85  TRP A CZ3 1 
ATOM   641  C CH2 . TRP A 1 86  ? -1.649  9.965   -9.493  1.00 88.10  ? 85  TRP A CH2 1 
ATOM   642  N N   . ARG A 1 87  ? -1.806  4.898   -8.838  1.00 88.28  ? 86  ARG A N   1 
ATOM   643  C CA  . ARG A 1 87  ? -2.847  5.125   -9.832  1.00 81.97  ? 86  ARG A CA  1 
ATOM   644  C C   . ARG A 1 87  ? -3.787  3.928   -9.923  1.00 80.73  ? 86  ARG A C   1 
ATOM   645  O O   . ARG A 1 87  ? -5.014  4.093   -9.916  1.00 81.93  ? 86  ARG A O   1 
ATOM   646  C CB  . ARG A 1 87  ? -2.214  5.434   -11.188 1.00 83.36  ? 86  ARG A CB  1 
ATOM   647  C CG  . ARG A 1 87  ? -1.369  6.712   -11.198 1.00 92.86  ? 86  ARG A CG  1 
ATOM   648  C CD  . ARG A 1 87  ? -0.553  6.832   -12.484 1.00 96.38  ? 86  ARG A CD  1 
ATOM   649  N NE  . ARG A 1 87  ? -0.811  8.086   -13.185 1.00 95.30  ? 86  ARG A NE  1 
ATOM   650  C CZ  . ARG A 1 87  ? 0.088   9.052   -13.347 1.00 100.05 ? 86  ARG A CZ  1 
ATOM   651  N NH1 . ARG A 1 87  ? 1.315   8.895   -12.863 1.00 101.47 ? 86  ARG A NH1 1 
ATOM   652  N NH2 . ARG A 1 87  ? -0.236  10.165  -14.002 1.00 101.30 ? 86  ARG A NH2 1 
ATOM   653  N N   . ASN A 1 88  ? -3.234  2.712   -10.003 1.00 79.20  ? 87  ASN A N   1 
ATOM   654  C CA  . ASN A 1 88  ? -4.062  1.518   -9.879  1.00 73.29  ? 87  ASN A CA  1 
ATOM   655  C C   . ASN A 1 88  ? -4.901  1.588   -8.617  1.00 72.04  ? 87  ASN A C   1 
ATOM   656  O O   . ASN A 1 88  ? -6.031  1.091   -8.581  1.00 68.03  ? 87  ASN A O   1 
ATOM   657  C CB  . ASN A 1 88  ? -3.202  0.256   -9.841  1.00 74.96  ? 87  ASN A CB  1 
ATOM   658  C CG  . ASN A 1 88  ? -2.581  -0.084  -11.179 1.00 78.79  ? 87  ASN A CG  1 
ATOM   659  O OD1 . ASN A 1 88  ? -1.688  0.616   -11.644 1.00 92.18  ? 87  ASN A OD1 1 
ATOM   660  N ND2 . ASN A 1 88  ? -3.011  -1.190  -11.780 1.00 75.75  ? 87  ASN A ND2 1 
ATOM   661  N N   . MET A 1 89  ? -4.361  2.196   -7.561  1.00 71.72  ? 88  MET A N   1 
ATOM   662  C CA  . MET A 1 89  ? -5.143  2.354   -6.347  1.00 64.82  ? 88  MET A CA  1 
ATOM   663  C C   . MET A 1 89  ? -6.386  3.173   -6.636  1.00 70.21  ? 88  MET A C   1 
ATOM   664  O O   . MET A 1 89  ? -7.508  2.760   -6.323  1.00 72.73  ? 88  MET A O   1 
ATOM   665  C CB  . MET A 1 89  ? -4.297  3.006   -5.263  1.00 73.91  ? 88  MET A CB  1 
ATOM   666  C CG  . MET A 1 89  ? -4.715  2.617   -3.857  1.00 75.12  ? 88  MET A CG  1 
ATOM   667  S SD  . MET A 1 89  ? -3.662  3.313   -2.572  1.00 72.95  ? 88  MET A SD  1 
ATOM   668  C CE  . MET A 1 89  ? -4.925  3.424   -1.309  1.00 62.84  ? 88  MET A CE  1 
ATOM   669  N N   . LEU A 1 90  ? -6.205  4.320   -7.290  1.00 75.51  ? 89  LEU A N   1 
ATOM   670  C CA  . LEU A 1 90  ? -7.332  5.147   -7.711  1.00 72.06  ? 89  LEU A CA  1 
ATOM   671  C C   . LEU A 1 90  ? -8.315  4.353   -8.557  1.00 72.24  ? 89  LEU A C   1 
ATOM   672  O O   . LEU A 1 90  ? -9.500  4.240   -8.217  1.00 74.42  ? 89  LEU A O   1 
ATOM   673  C CB  . LEU A 1 90  ? -6.809  6.349   -8.491  1.00 76.53  ? 89  LEU A CB  1 
ATOM   674  C CG  . LEU A 1 90  ? -7.774  7.501   -8.731  1.00 79.28  ? 89  LEU A CG  1 
ATOM   675  C CD1 . LEU A 1 90  ? -8.398  7.931   -7.417  1.00 76.14  ? 89  LEU A CD1 1 
ATOM   676  C CD2 . LEU A 1 90  ? -7.018  8.637   -9.384  1.00 81.36  ? 89  LEU A CD2 1 
ATOM   677  N N   . ARG A 1 91  ? -7.829  3.771   -9.655  1.00 70.73  ? 90  ARG A N   1 
ATOM   678  C CA  . ARG A 1 91  ? -8.694  3.037   -10.570 1.00 66.14  ? 90  ARG A CA  1 
ATOM   679  C C   . ARG A 1 91  ? -9.568  2.013   -9.859  1.00 69.96  ? 90  ARG A C   1 
ATOM   680  O O   . ARG A 1 91  ? -10.703 1.788   -10.287 1.00 71.72  ? 90  ARG A O   1 
ATOM   681  C CB  . ARG A 1 91  ? -7.854  2.358   -11.647 1.00 69.07  ? 90  ARG A CB  1 
ATOM   682  C CG  . ARG A 1 91  ? -7.022  3.346   -12.442 1.00 75.27  ? 90  ARG A CG  1 
ATOM   683  C CD  . ARG A 1 91  ? -6.624  2.811   -13.809 1.00 81.72  ? 90  ARG A CD  1 
ATOM   684  N NE  . ARG A 1 91  ? -5.550  1.819   -13.749 1.00 92.76  ? 90  ARG A NE  1 
ATOM   685  C CZ  . ARG A 1 91  ? -5.506  0.720   -14.504 1.00 95.82  ? 90  ARG A CZ  1 
ATOM   686  N NH1 . ARG A 1 91  ? -6.478  0.478   -15.382 1.00 88.82  ? 90  ARG A NH1 1 
ATOM   687  N NH2 . ARG A 1 91  ? -4.489  -0.138  -14.387 1.00 89.20  ? 90  ARG A NH2 1 
ATOM   688  N N   . VAL A 1 92  ? -9.083  1.388   -8.779  1.00 71.16  ? 91  VAL A N   1 
ATOM   689  C CA  . VAL A 1 92  ? -9.913  0.360   -8.156  1.00 70.63  ? 91  VAL A CA  1 
ATOM   690  C C   . VAL A 1 92  ? -10.979 0.966   -7.262  1.00 73.40  ? 91  VAL A C   1 
ATOM   691  O O   . VAL A 1 92  ? -11.991 0.303   -6.977  1.00 70.34  ? 91  VAL A O   1 
ATOM   692  C CB  . VAL A 1 92  ? -9.119  -0.671  -7.334  1.00 69.96  ? 91  VAL A CB  1 
ATOM   693  C CG1 . VAL A 1 92  ? -7.861  -1.102  -8.055  1.00 70.44  ? 91  VAL A CG1 1 
ATOM   694  C CG2 . VAL A 1 92  ? -8.826  -0.157  -5.938  1.00 69.19  ? 91  VAL A CG2 1 
ATOM   695  N N   . ILE A 1 93  ? -10.797 2.204   -6.815  1.00 72.23  ? 92  ILE A N   1 
ATOM   696  C CA  . ILE A 1 93  ? -11.796 2.782   -5.925  1.00 74.48  ? 92  ILE A CA  1 
ATOM   697  C C   . ILE A 1 93  ? -12.856 3.544   -6.711  1.00 76.24  ? 92  ILE A C   1 
ATOM   698  O O   . ILE A 1 93  ? -14.021 3.554   -6.310  1.00 74.69  ? 92  ILE A O   1 
ATOM   699  C CB  . ILE A 1 93  ? -11.141 3.662   -4.825  1.00 83.37  ? 92  ILE A CB  1 
ATOM   700  C CG1 . ILE A 1 93  ? -10.864 5.088   -5.298  1.00 80.44  ? 92  ILE A CG1 1 
ATOM   701  C CG2 . ILE A 1 93  ? -9.860  3.026   -4.258  1.00 74.70  ? 92  ILE A CG2 1 
ATOM   702  C CD1 . ILE A 1 93  ? -10.495 5.983   -4.152  1.00 75.32  ? 92  ILE A CD1 1 
ATOM   703  N N   . ILE A 1 94  ? -12.495 4.171   -7.841  1.00 77.05  ? 93  ILE A N   1 
ATOM   704  C CA  . ILE A 1 94  ? -13.524 4.675   -8.756  1.00 76.02  ? 93  ILE A CA  1 
ATOM   705  C C   . ILE A 1 94  ? -14.422 3.530   -9.175  1.00 74.69  ? 93  ILE A C   1 
ATOM   706  O O   . ILE A 1 94  ? -15.644 3.572   -9.000  1.00 77.16  ? 93  ILE A O   1 
ATOM   707  C CB  . ILE A 1 94  ? -12.895 5.361   -9.984  1.00 81.92  ? 93  ILE A CB  1 
ATOM   708  C CG1 . ILE A 1 94  ? -12.159 6.633   -9.572  1.00 82.92  ? 93  ILE A CG1 1 
ATOM   709  C CG2 . ILE A 1 94  ? -13.968 5.713   -11.016 1.00 79.90  ? 93  ILE A CG2 1 
ATOM   710  C CD1 . ILE A 1 94  ? -12.971 7.504   -8.642  1.00 79.01  ? 93  ILE A CD1 1 
ATOM   711  N N   . TYR A 1 95  ? -13.810 2.475   -9.713  1.00 73.22  ? 94  TYR A N   1 
ATOM   712  C CA  . TYR A 1 95  ? -14.536 1.260   -10.068 1.00 73.88  ? 94  TYR A CA  1 
ATOM   713  C C   . TYR A 1 95  ? -15.394 0.762   -8.913  1.00 76.58  ? 94  TYR A C   1 
ATOM   714  O O   . TYR A 1 95  ? -16.582 0.473   -9.085  1.00 79.25  ? 94  TYR A O   1 
ATOM   715  C CB  . TYR A 1 95  ? -13.540 0.189   -10.484 1.00 72.22  ? 94  TYR A CB  1 
ATOM   716  C CG  . TYR A 1 95  ? -14.104 -0.842  -11.409 1.00 79.84  ? 94  TYR A CG  1 
ATOM   717  C CD1 . TYR A 1 95  ? -14.972 -1.826  -10.939 1.00 87.08  ? 94  TYR A CD1 1 
ATOM   718  C CD2 . TYR A 1 95  ? -13.758 -0.853  -12.760 1.00 82.39  ? 94  TYR A CD2 1 
ATOM   719  C CE1 . TYR A 1 95  ? -15.494 -2.802  -11.791 1.00 82.71  ? 94  TYR A CE1 1 
ATOM   720  C CE2 . TYR A 1 95  ? -14.273 -1.816  -13.623 1.00 88.04  ? 94  TYR A CE2 1 
ATOM   721  C CZ  . TYR A 1 95  ? -15.139 -2.795  -13.127 1.00 90.15  ? 94  TYR A CZ  1 
ATOM   722  O OH  . TYR A 1 95  ? -15.648 -3.760  -13.971 1.00 90.81  ? 94  TYR A OH  1 
ATOM   723  N N   . ARG A 1 96  ? -14.804 0.636   -7.725  1.00 78.07  ? 95  ARG A N   1 
ATOM   724  C CA  . ARG A 1 96  ? -15.614 0.292   -6.567  1.00 74.16  ? 95  ARG A CA  1 
ATOM   725  C C   . ARG A 1 96  ? -16.654 1.367   -6.301  1.00 71.62  ? 95  ARG A C   1 
ATOM   726  O O   . ARG A 1 96  ? -17.764 1.060   -5.860  1.00 76.95  ? 95  ARG A O   1 
ATOM   727  C CB  . ARG A 1 96  ? -14.720 0.070   -5.343  1.00 75.79  ? 95  ARG A CB  1 
ATOM   728  C CG  . ARG A 1 96  ? -15.437 -0.453  -4.105  1.00 70.45  ? 95  ARG A CG  1 
ATOM   729  C CD  . ARG A 1 96  ? -14.603 -0.225  -2.870  1.00 70.14  ? 95  ARG A CD  1 
ATOM   730  N NE  . ARG A 1 96  ? -13.255 -0.753  -3.043  1.00 74.69  ? 95  ARG A NE  1 
ATOM   731  C CZ  . ARG A 1 96  ? -12.326 -0.748  -2.092  1.00 68.33  ? 95  ARG A CZ  1 
ATOM   732  N NH1 . ARG A 1 96  ? -12.620 -0.242  -0.908  1.00 68.38  ? 95  ARG A NH1 1 
ATOM   733  N NH2 . ARG A 1 96  ? -11.115 -1.252  -2.324  1.00 64.37  ? 95  ARG A NH2 1 
ATOM   734  N N   . ALA A 1 97  ? -16.335 2.626   -6.598  1.00 75.39  ? 96  ALA A N   1 
ATOM   735  C CA  . ALA A 1 97  ? -17.294 3.699   -6.348  1.00 82.03  ? 96  ALA A CA  1 
ATOM   736  C C   . ALA A 1 97  ? -18.488 3.576   -7.276  1.00 82.28  ? 96  ALA A C   1 
ATOM   737  O O   . ALA A 1 97  ? -19.625 3.373   -6.831  1.00 82.53  ? 96  ALA A O   1 
ATOM   738  C CB  . ALA A 1 97  ? -16.632 5.069   -6.516  1.00 76.93  ? 96  ALA A CB  1 
ATOM   739  N N   . LEU A 1 98  ? -18.233 3.671   -8.582  1.00 81.96  ? 97  LEU A N   1 
ATOM   740  C CA  . LEU A 1 98  ? -19.308 3.688   -9.563  1.00 80.36  ? 97  LEU A CA  1 
ATOM   741  C C   . LEU A 1 98  ? -20.131 2.402   -9.515  1.00 84.17  ? 97  LEU A C   1 
ATOM   742  O O   . LEU A 1 98  ? -21.352 2.433   -9.698  1.00 98.62  ? 97  LEU A O   1 
ATOM   743  C CB  . LEU A 1 98  ? -18.732 3.934   -10.964 1.00 82.52  ? 97  LEU A CB  1 
ATOM   744  C CG  . LEU A 1 98  ? -17.623 4.995   -11.134 1.00 88.08  ? 97  LEU A CG  1 
ATOM   745  C CD1 . LEU A 1 98  ? -17.440 5.374   -12.605 1.00 85.58  ? 97  LEU A CD1 1 
ATOM   746  C CD2 . LEU A 1 98  ? -17.814 6.267   -10.242 1.00 88.76  ? 97  LEU A CD2 1 
ATOM   747  N N   . ALA A 1 99  ? -19.494 1.266   -9.228  1.00 80.50  ? 98  ALA A N   1 
ATOM   748  C CA  . ALA A 1 99  ? -20.231 0.004   -9.123  1.00 83.10  ? 98  ALA A CA  1 
ATOM   749  C C   . ALA A 1 99  ? -21.230 -0.036  -7.947  1.00 88.07  ? 98  ALA A C   1 
ATOM   750  O O   . ALA A 1 99  ? -21.835 -1.088  -7.705  1.00 84.49  ? 98  ALA A O   1 
ATOM   751  C CB  . ALA A 1 99  ? -19.240 -1.155  -9.011  1.00 74.28  ? 98  ALA A CB  1 
ATOM   752  N N   . SER A 1 100 ? -21.443 1.062   -7.225  1.00 89.57  ? 99  SER A N   1 
ATOM   753  C CA  . SER A 1 100 ? -22.407 1.067   -6.131  1.00 90.47  ? 99  SER A CA  1 
ATOM   754  C C   . SER A 1 100 ? -23.763 1.627   -6.594  1.00 84.93  ? 99  SER A C   1 
ATOM   755  O O   . SER A 1 100 ? -23.863 2.771   -7.061  1.00 88.67  ? 99  SER A O   1 
ATOM   756  C CB  . SER A 1 100 ? -21.855 1.865   -4.932  1.00 93.13  ? 99  SER A CB  1 
ATOM   757  O OG  . SER A 1 100 ? -22.375 3.190   -4.875  1.00 98.84  ? 99  SER A OG  1 
ATOM   758  N N   . ILE B 1 5   ? -1.582  -14.690 -13.659 1.00 77.25  ? 5   ILE B N   1 
ATOM   759  C CA  . ILE B 1 5   ? -0.539  -14.316 -12.677 1.00 90.11  ? 5   ILE B CA  1 
ATOM   760  C C   . ILE B 1 5   ? 0.765   -15.082 -12.843 1.00 83.52  ? 5   ILE B C   1 
ATOM   761  O O   . ILE B 1 5   ? 0.817   -16.289 -12.598 1.00 86.02  ? 5   ILE B O   1 
ATOM   762  C CB  . ILE B 1 5   ? -0.994  -14.518 -11.206 1.00 87.23  ? 5   ILE B CB  1 
ATOM   763  C CG1 . ILE B 1 5   ? -2.137  -13.570 -10.831 1.00 79.16  ? 5   ILE B CG1 1 
ATOM   764  C CG2 . ILE B 1 5   ? 0.206   -14.311 -10.258 1.00 72.60  ? 5   ILE B CG2 1 
ATOM   765  C CD1 . ILE B 1 5   ? -2.492  -13.624 -9.368  1.00 67.87  ? 5   ILE B CD1 1 
ATOM   766  N N   . LYS B 1 6   ? 1.828   -14.383 -13.221 1.00 77.98  ? 6   LYS B N   1 
ATOM   767  C CA  . LYS B 1 6   ? 3.098   -15.032 -13.498 1.00 78.82  ? 6   LYS B CA  1 
ATOM   768  C C   . LYS B 1 6   ? 4.154   -14.454 -12.576 1.00 80.43  ? 6   LYS B C   1 
ATOM   769  O O   . LYS B 1 6   ? 4.234   -13.236 -12.390 1.00 87.90  ? 6   LYS B O   1 
ATOM   770  C CB  . LYS B 1 6   ? 3.531   -14.870 -14.978 1.00 89.73  ? 6   LYS B CB  1 
ATOM   771  C CG  . LYS B 1 6   ? 2.469   -15.251 -16.048 1.00 92.20  ? 6   LYS B CG  1 
ATOM   772  C CD  . LYS B 1 6   ? 1.826   -16.642 -15.840 1.00 88.22  ? 6   LYS B CD  1 
ATOM   773  C CE  . LYS B 1 6   ? 0.486   -16.779 -16.607 1.00 87.45  ? 6   LYS B CE  1 
ATOM   774  N NZ  . LYS B 1 6   ? -0.722  -16.226 -15.901 1.00 84.17  ? 6   LYS B NZ  1 
ATOM   775  N N   . ILE B 1 7   ? 4.959   -15.339 -12.000 1.00 82.76  ? 7   ILE B N   1 
ATOM   776  C CA  . ILE B 1 7   ? 6.025   -14.973 -11.078 1.00 71.28  ? 7   ILE B CA  1 
ATOM   777  C C   . ILE B 1 7   ? 7.312   -14.819 -11.877 1.00 66.55  ? 7   ILE B C   1 
ATOM   778  O O   . ILE B 1 7   ? 7.820   -15.795 -12.440 1.00 68.65  ? 7   ILE B O   1 
ATOM   779  C CB  . ILE B 1 7   ? 6.181   -16.032 -9.973  1.00 77.03  ? 7   ILE B CB  1 
ATOM   780  C CG1 . ILE B 1 7   ? 4.982   -16.008 -9.022  1.00 70.51  ? 7   ILE B CG1 1 
ATOM   781  C CG2 . ILE B 1 7   ? 7.484   -15.845 -9.205  1.00 77.00  ? 7   ILE B CG2 1 
ATOM   782  C CD1 . ILE B 1 7   ? 5.003   -14.841 -8.070  1.00 67.39  ? 7   ILE B CD1 1 
ATOM   783  N N   . ASP B 1 8   ? 7.827   -13.595 -11.957 1.00 71.37  ? 8   ASP B N   1 
ATOM   784  C CA  . ASP B 1 8   ? 9.145   -13.364 -12.548 1.00 72.11  ? 8   ASP B CA  1 
ATOM   785  C C   . ASP B 1 8   ? 10.178  -13.681 -11.482 1.00 70.23  ? 8   ASP B C   1 
ATOM   786  O O   . ASP B 1 8   ? 10.436  -12.883 -10.584 1.00 73.47  ? 8   ASP B O   1 
ATOM   787  C CB  . ASP B 1 8   ? 9.290   -11.936 -13.068 1.00 73.91  ? 8   ASP B CB  1 
ATOM   788  C CG  . ASP B 1 8   ? 10.619  -11.709 -13.774 1.00 74.23  ? 8   ASP B CG  1 
ATOM   789  O OD1 . ASP B 1 8   ? 11.380  -12.692 -13.922 1.00 78.52  ? 8   ASP B OD1 1 
ATOM   790  O OD2 . ASP B 1 8   ? 10.901  -10.561 -14.184 1.00 72.32  ? 8   ASP B OD2 1 
ATOM   791  N N   . LEU B 1 9   ? 10.778  -14.857 -11.575 1.00 76.62  ? 9   LEU B N   1 
ATOM   792  C CA  . LEU B 1 9   ? 11.645  -15.298 -10.496 1.00 78.88  ? 9   LEU B CA  1 
ATOM   793  C C   . LEU B 1 9   ? 12.886  -14.425 -10.359 1.00 85.04  ? 9   LEU B C   1 
ATOM   794  O O   . LEU B 1 9   ? 13.359  -14.205 -9.238  1.00 90.84  ? 9   LEU B O   1 
ATOM   795  C CB  . LEU B 1 9   ? 12.021  -16.753 -10.720 1.00 83.77  ? 9   LEU B CB  1 
ATOM   796  C CG  . LEU B 1 9   ? 11.061  -17.717 -10.035 1.00 82.21  ? 9   LEU B CG  1 
ATOM   797  C CD1 . LEU B 1 9   ? 11.636  -19.117 -9.988  1.00 84.81  ? 9   LEU B CD1 1 
ATOM   798  C CD2 . LEU B 1 9   ? 10.740  -17.204 -8.637  1.00 77.20  ? 9   LEU B CD2 1 
ATOM   799  N N   . GLU B 1 10  ? 13.417  -13.913 -11.471 1.00 88.57  ? 10  GLU B N   1 
ATOM   800  C CA  . GLU B 1 10  ? 14.673  -13.170 -11.502 1.00 81.13  ? 10  GLU B CA  1 
ATOM   801  C C   . GLU B 1 10  ? 14.532  -11.681 -11.215 1.00 75.91  ? 10  GLU B C   1 
ATOM   802  O O   . GLU B 1 10  ? 15.551  -10.989 -11.150 1.00 78.93  ? 10  GLU B O   1 
ATOM   803  C CB  . GLU B 1 10  ? 15.336  -13.332 -12.867 1.00 80.88  ? 10  GLU B CB  1 
ATOM   804  C CG  . GLU B 1 10  ? 15.882  -14.709 -13.099 1.00 85.84  ? 10  GLU B CG  1 
ATOM   805  C CD  . GLU B 1 10  ? 17.180  -14.663 -13.837 1.00 87.12  ? 10  GLU B CD  1 
ATOM   806  O OE1 . GLU B 1 10  ? 17.617  -15.720 -14.350 1.00 92.49  ? 10  GLU B OE1 1 
ATOM   807  O OE2 . GLU B 1 10  ? 17.744  -13.551 -13.915 1.00 82.99  ? 10  GLU B OE2 1 
ATOM   808  N N   . SER B 1 11  ? 13.323  -11.153 -11.072 1.00 77.13  ? 11  SER B N   1 
ATOM   809  C CA  . SER B 1 11  ? 13.207  -9.725  -10.825 1.00 78.49  ? 11  SER B CA  1 
ATOM   810  C C   . SER B 1 11  ? 13.623  -9.397  -9.398  1.00 81.74  ? 11  SER B C   1 
ATOM   811  O O   . SER B 1 11  ? 13.546  -10.234 -8.492  1.00 83.84  ? 11  SER B O   1 
ATOM   812  C CB  . SER B 1 11  ? 11.783  -9.233  -11.071 1.00 76.58  ? 11  SER B CB  1 
ATOM   813  O OG  . SER B 1 11  ? 11.720  -7.815  -10.946 1.00 79.65  ? 11  SER B OG  1 
ATOM   814  N N   . LYS B 1 12  ? 14.069  -8.156  -9.203  1.00 78.46  ? 12  LYS B N   1 
ATOM   815  C CA  . LYS B 1 12  ? 14.368  -7.693  -7.858  1.00 73.91  ? 12  LYS B CA  1 
ATOM   816  C C   . LYS B 1 12  ? 13.108  -7.323  -7.080  1.00 74.32  ? 12  LYS B C   1 
ATOM   817  O O   . LYS B 1 12  ? 13.173  -7.184  -5.859  1.00 82.48  ? 12  LYS B O   1 
ATOM   818  C CB  . LYS B 1 12  ? 15.334  -6.509  -7.923  1.00 76.64  ? 12  LYS B CB  1 
ATOM   819  C CG  . LYS B 1 12  ? 16.672  -6.818  -8.609  1.00 77.13  ? 12  LYS B CG  1 
ATOM   820  C CD  . LYS B 1 12  ? 17.792  -7.126  -7.607  1.00 81.13  ? 12  LYS B CD  1 
ATOM   821  C CE  . LYS B 1 12  ? 17.611  -8.495  -6.940  1.00 88.06  ? 12  LYS B CE  1 
ATOM   822  N NZ  . LYS B 1 12  ? 18.702  -8.855  -5.982  1.00 77.63  ? 12  LYS B NZ  1 
ATOM   823  N N   . THR B 1 13  ? 11.966  -7.176  -7.741  1.00 70.43  ? 13  THR B N   1 
ATOM   824  C CA  . THR B 1 13  ? 10.723  -6.996  -7.003  1.00 68.79  ? 13  THR B CA  1 
ATOM   825  C C   . THR B 1 13  ? 10.414  -8.253  -6.192  1.00 68.20  ? 13  THR B C   1 
ATOM   826  O O   . THR B 1 13  ? 10.540  -9.367  -6.708  1.00 74.10  ? 13  THR B O   1 
ATOM   827  C CB  . THR B 1 13  ? 9.557   -6.721  -7.945  1.00 69.59  ? 13  THR B CB  1 
ATOM   828  O OG1 . THR B 1 13  ? 9.825   -5.550  -8.727  1.00 73.27  ? 13  THR B OG1 1 
ATOM   829  C CG2 . THR B 1 13  ? 8.288   -6.517  -7.143  1.00 63.53  ? 13  THR B CG2 1 
ATOM   830  N N   . PRO B 1 14  ? 10.002  -8.113  -4.935  1.00 67.62  ? 14  PRO B N   1 
ATOM   831  C CA  . PRO B 1 14  ? 9.671   -9.296  -4.127  1.00 65.07  ? 14  PRO B CA  1 
ATOM   832  C C   . PRO B 1 14  ? 8.498   -10.086 -4.688  1.00 58.66  ? 14  PRO B C   1 
ATOM   833  O O   . PRO B 1 14  ? 7.602   -9.559  -5.343  1.00 58.54  ? 14  PRO B O   1 
ATOM   834  C CB  . PRO B 1 14  ? 9.325   -8.710  -2.758  1.00 59.89  ? 14  PRO B CB  1 
ATOM   835  C CG  . PRO B 1 14  ? 9.900   -7.345  -2.769  1.00 54.51  ? 14  PRO B CG  1 
ATOM   836  C CD  . PRO B 1 14  ? 9.936   -6.867  -4.155  1.00 63.94  ? 14  PRO B CD  1 
ATOM   837  N N   . ILE B 1 15  ? 8.509   -11.380 -4.389  1.00 61.47  ? 15  ILE B N   1 
ATOM   838  C CA  . ILE B 1 15  ? 7.453   -12.271 -4.871  1.00 67.54  ? 15  ILE B CA  1 
ATOM   839  C C   . ILE B 1 15  ? 6.073   -11.783 -4.418  1.00 62.93  ? 15  ILE B C   1 
ATOM   840  O O   . ILE B 1 15  ? 5.156   -11.638 -5.234  1.00 69.40  ? 15  ILE B O   1 
ATOM   841  C CB  . ILE B 1 15  ? 7.723   -13.721 -4.421  1.00 61.06  ? 15  ILE B CB  1 
ATOM   842  C CG1 . ILE B 1 15  ? 8.994   -14.249 -5.066  1.00 64.20  ? 15  ILE B CG1 1 
ATOM   843  C CG2 . ILE B 1 15  ? 6.610   -14.607 -4.843  1.00 66.91  ? 15  ILE B CG2 1 
ATOM   844  C CD1 . ILE B 1 15  ? 9.023   -14.063 -6.564  1.00 66.42  ? 15  ILE B CD1 1 
ATOM   845  N N   . TYR B 1 16  ? 5.893   -11.557 -3.110  1.00 64.67  ? 16  TYR B N   1 
ATOM   846  C CA  . TYR B 1 16  ? 4.596   -11.108 -2.610  1.00 55.50  ? 16  TYR B CA  1 
ATOM   847  C C   . TYR B 1 16  ? 4.162   -9.835  -3.324  1.00 64.04  ? 16  TYR B C   1 
ATOM   848  O O   . TYR B 1 16  ? 2.993   -9.694  -3.703  1.00 70.16  ? 16  TYR B O   1 
ATOM   849  C CB  . TYR B 1 16  ? 4.649   -10.902 -1.083  1.00 65.10  ? 16  TYR B CB  1 
ATOM   850  C CG  . TYR B 1 16  ? 5.080   -9.497  -0.610  1.00 67.26  ? 16  TYR B CG  1 
ATOM   851  C CD1 . TYR B 1 16  ? 4.163   -8.429  -0.545  1.00 69.19  ? 16  TYR B CD1 1 
ATOM   852  C CD2 . TYR B 1 16  ? 6.390   -9.240  -0.243  1.00 58.55  ? 16  TYR B CD2 1 
ATOM   853  C CE1 . TYR B 1 16  ? 4.550   -7.152  -0.134  1.00 62.78  ? 16  TYR B CE1 1 
ATOM   854  C CE2 . TYR B 1 16  ? 6.784   -7.974  0.165   1.00 64.79  ? 16  TYR B CE2 1 
ATOM   855  C CZ  . TYR B 1 16  ? 5.867   -6.932  0.215   1.00 67.91  ? 16  TYR B CZ  1 
ATOM   856  O OH  . TYR B 1 16  ? 6.274   -5.673  0.619   1.00 67.92  ? 16  TYR B OH  1 
ATOM   857  N N   . LYS B 1 17  ? 5.098   -8.908  -3.538  1.00 60.51  ? 17  LYS B N   1 
ATOM   858  C CA  . LYS B 1 17  ? 4.782   -7.669  -4.233  1.00 57.93  ? 17  LYS B CA  1 
ATOM   859  C C   . LYS B 1 17  ? 4.345   -7.946  -5.668  1.00 62.41  ? 17  LYS B C   1 
ATOM   860  O O   . LYS B 1 17  ? 3.366   -7.367  -6.146  1.00 66.66  ? 17  LYS B O   1 
ATOM   861  C CB  . LYS B 1 17  ? 5.998   -6.739  -4.186  1.00 61.59  ? 17  LYS B CB  1 
ATOM   862  C CG  . LYS B 1 17  ? 5.703   -5.255  -4.348  1.00 64.63  ? 17  LYS B CG  1 
ATOM   863  C CD  . LYS B 1 17  ? 5.065   -4.670  -3.099  1.00 61.55  ? 17  LYS B CD  1 
ATOM   864  C CE  . LYS B 1 17  ? 4.247   -3.457  -3.468  1.00 62.76  ? 17  LYS B CE  1 
ATOM   865  N NZ  . LYS B 1 17  ? 4.840   -2.712  -4.612  1.00 62.83  ? 17  LYS B NZ  1 
ATOM   866  N N   . GLN B 1 18  ? 5.045   -8.848  -6.361  1.00 64.14  ? 18  GLN B N   1 
ATOM   867  C CA  . GLN B 1 18  ? 4.615   -9.271  -7.695  1.00 68.04  ? 18  GLN B CA  1 
ATOM   868  C C   . GLN B 1 18  ? 3.175   -9.780  -7.681  1.00 65.59  ? 18  GLN B C   1 
ATOM   869  O O   . GLN B 1 18  ? 2.329   -9.312  -8.453  1.00 70.09  ? 18  GLN B O   1 
ATOM   870  C CB  . GLN B 1 18  ? 5.557   -10.351 -8.233  1.00 63.36  ? 18  GLN B CB  1 
ATOM   871  C CG  . GLN B 1 18  ? 6.930   -9.821  -8.611  1.00 62.89  ? 18  GLN B CG  1 
ATOM   872  C CD  . GLN B 1 18  ? 7.826   -10.881 -9.220  1.00 65.39  ? 18  GLN B CD  1 
ATOM   873  O OE1 . GLN B 1 18  ? 7.359   -11.768 -9.935  1.00 68.65  ? 18  GLN B OE1 1 
ATOM   874  N NE2 . GLN B 1 18  ? 9.127   -10.795 -8.936  1.00 66.10  ? 18  GLN B NE2 1 
ATOM   875  N N   . ILE B 1 19  ? 2.885   -10.750 -6.821  1.00 60.16  ? 19  ILE B N   1 
ATOM   876  C CA  . ILE B 1 19  ? 1.523   -11.262 -6.713  1.00 66.73  ? 19  ILE B CA  1 
ATOM   877  C C   . ILE B 1 19  ? 0.541   -10.122 -6.457  1.00 66.80  ? 19  ILE B C   1 
ATOM   878  O O   . ILE B 1 19  ? -0.480  -9.994  -7.145  1.00 65.10  ? 19  ILE B O   1 
ATOM   879  C CB  . ILE B 1 19  ? 1.448   -12.321 -5.604  1.00 67.66  ? 19  ILE B CB  1 
ATOM   880  C CG1 . ILE B 1 19  ? 2.366   -13.508 -5.941  1.00 63.32  ? 19  ILE B CG1 1 
ATOM   881  C CG2 . ILE B 1 19  ? -0.016  -12.708 -5.359  1.00 68.76  ? 19  ILE B CG2 1 
ATOM   882  C CD1 . ILE B 1 19  ? 2.635   -14.448 -4.757  1.00 60.29  ? 19  ILE B CD1 1 
ATOM   883  N N   . ALA B 1 20  ? 0.845   -9.273  -5.467  1.00 65.11  ? 20  ALA B N   1 
ATOM   884  C CA  . ALA B 1 20  ? -0.070  -8.203  -5.075  1.00 63.99  ? 20  ALA B CA  1 
ATOM   885  C C   . ALA B 1 20  ? -0.352  -7.262  -6.234  1.00 68.16  ? 20  ALA B C   1 
ATOM   886  O O   . ALA B 1 20  ? -1.511  -6.984  -6.565  1.00 68.09  ? 20  ALA B O   1 
ATOM   887  C CB  . ALA B 1 20  ? 0.517   -7.413  -3.905  1.00 69.73  ? 20  ALA B CB  1 
ATOM   888  N N   . ASP B 1 21  ? 0.703   -6.746  -6.850  1.00 67.48  ? 21  ASP B N   1 
ATOM   889  C CA  . ASP B 1 21  ? 0.523   -5.800  -7.938  1.00 62.74  ? 21  ASP B CA  1 
ATOM   890  C C   . ASP B 1 21  ? -0.309  -6.406  -9.059  1.00 65.93  ? 21  ASP B C   1 
ATOM   891  O O   . ASP B 1 21  ? -1.232  -5.760  -9.576  1.00 69.59  ? 21  ASP B O   1 
ATOM   892  C CB  . ASP B 1 21  ? 1.892   -5.356  -8.441  1.00 69.83  ? 21  ASP B CB  1 
ATOM   893  C CG  . ASP B 1 21  ? 2.627   -4.497  -7.431  1.00 73.46  ? 21  ASP B CG  1 
ATOM   894  O OD1 . ASP B 1 21  ? 1.952   -3.941  -6.525  1.00 74.68  ? 21  ASP B OD1 1 
ATOM   895  O OD2 . ASP B 1 21  ? 3.877   -4.396  -7.538  1.00 71.32  ? 21  ASP B OD2 1 
ATOM   896  N N   . GLN B 1 22  ? -0.016  -7.655  -9.434  1.00 62.93  ? 22  GLN B N   1 
ATOM   897  C CA  . GLN B 1 22  ? -0.770  -8.283  -10.515 1.00 62.03  ? 22  GLN B CA  1 
ATOM   898  C C   . GLN B 1 22  ? -2.250  -8.384  -10.174 1.00 61.94  ? 22  GLN B C   1 
ATOM   899  O O   . GLN B 1 22  ? -3.100  -8.005  -10.983 1.00 66.28  ? 22  GLN B O   1 
ATOM   900  C CB  . GLN B 1 22  ? -0.184  -9.654  -10.849 1.00 63.62  ? 22  GLN B CB  1 
ATOM   901  C CG  . GLN B 1 22  ? 1.192   -9.528  -11.482 1.00 69.41  ? 22  GLN B CG  1 
ATOM   902  C CD  . GLN B 1 22  ? 1.729   -10.810 -12.089 1.00 72.56  ? 22  GLN B CD  1 
ATOM   903  O OE1 . GLN B 1 22  ? 0.976   -11.656 -12.570 1.00 74.34  ? 22  GLN B OE1 1 
ATOM   904  N NE2 . GLN B 1 22  ? 3.048   -10.955 -12.073 1.00 72.15  ? 22  GLN B NE2 1 
ATOM   905  N N   . ILE B 1 23  ? -2.580  -8.865  -8.973  1.00 62.43  ? 23  ILE B N   1 
ATOM   906  C CA  . ILE B 1 23  ? -3.978  -8.902  -8.549  1.00 60.28  ? 23  ILE B CA  1 
ATOM   907  C C   . ILE B 1 23  ? -4.592  -7.503  -8.577  1.00 65.39  ? 23  ILE B C   1 
ATOM   908  O O   . ILE B 1 23  ? -5.680  -7.299  -9.134  1.00 67.38  ? 23  ILE B O   1 
ATOM   909  C CB  . ILE B 1 23  ? -4.086  -9.538  -7.159  1.00 53.88  ? 23  ILE B CB  1 
ATOM   910  C CG1 . ILE B 1 23  ? -3.705  -11.006 -7.249  1.00 51.27  ? 23  ILE B CG1 1 
ATOM   911  C CG2 . ILE B 1 23  ? -5.495  -9.367  -6.607  1.00 54.75  ? 23  ILE B CG2 1 
ATOM   912  C CD1 . ILE B 1 23  ? -3.466  -11.624 -5.927  1.00 59.11  ? 23  ILE B CD1 1 
ATOM   913  N N   . ILE B 1 24  ? -3.904  -6.521  -7.989  1.00 63.05  ? 24  ILE B N   1 
ATOM   914  C CA  . ILE B 1 24  ? -4.384  -5.142  -8.046  1.00 65.57  ? 24  ILE B CA  1 
ATOM   915  C C   . ILE B 1 24  ? -4.683  -4.747  -9.482  1.00 67.53  ? 24  ILE B C   1 
ATOM   916  O O   . ILE B 1 24  ? -5.689  -4.081  -9.769  1.00 69.05  ? 24  ILE B O   1 
ATOM   917  C CB  . ILE B 1 24  ? -3.355  -4.186  -7.416  1.00 65.50  ? 24  ILE B CB  1 
ATOM   918  C CG1 . ILE B 1 24  ? -3.170  -4.506  -5.938  1.00 62.09  ? 24  ILE B CG1 1 
ATOM   919  C CG2 . ILE B 1 24  ? -3.805  -2.741  -7.592  1.00 63.29  ? 24  ILE B CG2 1 
ATOM   920  C CD1 . ILE B 1 24  ? -1.960  -3.898  -5.328  1.00 57.92  ? 24  ILE B CD1 1 
ATOM   921  N N   . GLU B 1 25  ? -3.806  -5.141  -10.405 1.00 72.15  ? 25  GLU B N   1 
ATOM   922  C CA  . GLU B 1 25  ? -4.057  -4.887  -11.818 1.00 74.06  ? 25  GLU B CA  1 
ATOM   923  C C   . GLU B 1 25  ? -5.415  -5.425  -12.222 1.00 68.20  ? 25  GLU B C   1 
ATOM   924  O O   . GLU B 1 25  ? -6.217  -4.715  -12.833 1.00 69.10  ? 25  GLU B O   1 
ATOM   925  C CB  . GLU B 1 25  ? -2.966  -5.526  -12.670 1.00 75.42  ? 25  GLU B CB  1 
ATOM   926  C CG  . GLU B 1 25  ? -2.902  -4.987  -14.070 1.00 82.51  ? 25  GLU B CG  1 
ATOM   927  C CD  . GLU B 1 25  ? -2.121  -3.701  -14.144 1.00 91.05  ? 25  GLU B CD  1 
ATOM   928  O OE1 . GLU B 1 25  ? -2.707  -2.651  -14.512 1.00 88.48  ? 25  GLU B OE1 1 
ATOM   929  O OE2 . GLU B 1 25  ? -0.913  -3.747  -13.808 1.00 100.29 ? 25  GLU B OE2 1 
ATOM   930  N N   . LEU B 1 26  ? -5.695  -6.676  -11.854 1.00 59.42  ? 26  LEU B N   1 
ATOM   931  C CA  . LEU B 1 26  ? -6.980  -7.273  -12.189 1.00 62.90  ? 26  LEU B CA  1 
ATOM   932  C C   . LEU B 1 26  ? -8.127  -6.502  -11.557 1.00 65.99  ? 26  LEU B C   1 
ATOM   933  O O   . LEU B 1 26  ? -9.130  -6.212  -12.215 1.00 69.33  ? 26  LEU B O   1 
ATOM   934  C CB  . LEU B 1 26  ? -7.016  -8.737  -11.760 1.00 63.60  ? 26  LEU B CB  1 
ATOM   935  C CG  . LEU B 1 26  ? -5.850  -9.619  -12.228 1.00 64.50  ? 26  LEU B CG  1 
ATOM   936  C CD1 . LEU B 1 26  ? -5.679  -10.831 -11.301 1.00 66.84  ? 26  LEU B CD1 1 
ATOM   937  C CD2 . LEU B 1 26  ? -5.994  -10.069 -13.680 1.00 58.26  ? 26  LEU B CD2 1 
ATOM   938  N N   . ILE B 1 27  ? -8.004  -6.155  -10.279 1.00 65.16  ? 27  ILE B N   1 
ATOM   939  C CA  . ILE B 1 27  ? -9.051  -5.353  -9.658  1.00 64.96  ? 27  ILE B CA  1 
ATOM   940  C C   . ILE B 1 27  ? -9.215  -4.043  -10.420 1.00 72.27  ? 27  ILE B C   1 
ATOM   941  O O   . ILE B 1 27  ? -10.321 -3.688  -10.842 1.00 76.28  ? 27  ILE B O   1 
ATOM   942  C CB  . ILE B 1 27  ? -8.754  -5.125  -8.165  1.00 62.40  ? 27  ILE B CB  1 
ATOM   943  C CG1 . ILE B 1 27  ? -8.639  -6.465  -7.427  1.00 58.72  ? 27  ILE B CG1 1 
ATOM   944  C CG2 . ILE B 1 27  ? -9.865  -4.307  -7.542  1.00 60.39  ? 27  ILE B CG2 1 
ATOM   945  C CD1 . ILE B 1 27  ? -8.335  -6.331  -5.965  1.00 53.47  ? 27  ILE B CD1 1 
ATOM   946  N N   . ALA B 1 28  ? -8.103  -3.341  -10.670 1.00 70.50  ? 28  ALA B N   1 
ATOM   947  C CA  . ALA B 1 28  ? -8.181  -2.074  -11.395 1.00 70.60  ? 28  ALA B CA  1 
ATOM   948  C C   . ALA B 1 28  ? -8.739  -2.265  -12.803 1.00 74.36  ? 28  ALA B C   1 
ATOM   949  O O   . ALA B 1 28  ? -9.665  -1.560  -13.213 1.00 79.11  ? 28  ALA B O   1 
ATOM   950  C CB  . ALA B 1 28  ? -6.807  -1.415  -11.447 1.00 73.75  ? 28  ALA B CB  1 
ATOM   951  N N   . LYS B 1 29  ? -8.215  -3.233  -13.551 1.00 78.14  ? 29  LYS B N   1 
ATOM   952  C CA  . LYS B 1 29  ? -8.655  -3.430  -14.932 1.00 77.38  ? 29  LYS B CA  1 
ATOM   953  C C   . LYS B 1 29  ? -10.053 -4.030  -15.015 1.00 76.85  ? 29  LYS B C   1 
ATOM   954  O O   . LYS B 1 29  ? -10.417 -4.602  -16.045 1.00 77.29  ? 29  LYS B O   1 
ATOM   955  C CB  . LYS B 1 29  ? -7.671  -4.330  -15.694 1.00 78.89  ? 29  LYS B CB  1 
ATOM   956  C CG  . LYS B 1 29  ? -6.583  -3.544  -16.430 1.00 83.01  ? 29  LYS B CG  1 
ATOM   957  C CD  . LYS B 1 29  ? -5.647  -4.416  -17.270 1.00 82.27  ? 29  LYS B CD  1 
ATOM   958  C CE  . LYS B 1 29  ? -4.701  -3.537  -18.103 1.00 89.74  ? 29  LYS B CE  1 
ATOM   959  N NZ  . LYS B 1 29  ? -4.250  -2.299  -17.381 1.00 91.60  ? 29  LYS B NZ  1 
ATOM   960  N N   . GLY B 1 30  ? -10.837 -3.934  -13.939 1.00 75.76  ? 30  GLY B N   1 
ATOM   961  C CA  . GLY B 1 30  ? -12.165 -4.521  -13.907 1.00 75.81  ? 30  GLY B CA  1 
ATOM   962  C C   . GLY B 1 30  ? -12.231 -6.033  -14.002 1.00 79.62  ? 30  GLY B C   1 
ATOM   963  O O   . GLY B 1 30  ? -13.261 -6.609  -13.638 1.00 81.11  ? 30  GLY B O   1 
ATOM   964  N N   . GLU B 1 31  ? -11.168 -6.701  -14.465 1.00 80.31  ? 31  GLU B N   1 
ATOM   965  C CA  . GLU B 1 31  ? -11.191 -8.154  -14.614 1.00 77.96  ? 31  GLU B CA  1 
ATOM   966  C C   . GLU B 1 31  ? -11.425 -8.876  -13.295 1.00 69.76  ? 31  GLU B C   1 
ATOM   967  O O   . GLU B 1 31  ? -11.774 -10.060 -13.303 1.00 74.22  ? 31  GLU B O   1 
ATOM   968  C CB  . GLU B 1 31  ? -9.885  -8.633  -15.255 1.00 82.81  ? 31  GLU B CB  1 
ATOM   969  C CG  . GLU B 1 31  ? -9.754  -8.293  -16.746 1.00 90.55  ? 31  GLU B CG  1 
ATOM   970  C CD  . GLU B 1 31  ? -9.485  -9.527  -17.625 1.00 98.21  ? 31  GLU B CD  1 
ATOM   971  O OE1 . GLU B 1 31  ? -8.700  -10.419 -17.206 1.00 89.84  ? 31  GLU B OE1 1 
ATOM   972  O OE2 . GLU B 1 31  ? -10.076 -9.600  -18.734 1.00 92.12  ? 31  GLU B OE2 1 
ATOM   973  N N   . LEU B 1 32  ? -11.217 -8.193  -12.173 1.00 71.69  ? 32  LEU B N   1 
ATOM   974  C CA  . LEU B 1 32  ? -11.553 -8.663  -10.835 1.00 69.82  ? 32  LEU B CA  1 
ATOM   975  C C   . LEU B 1 32  ? -12.353 -7.573  -10.150 1.00 71.88  ? 32  LEU B C   1 
ATOM   976  O O   . LEU B 1 32  ? -12.030 -6.382  -10.271 1.00 72.50  ? 32  LEU B O   1 
ATOM   977  C CB  . LEU B 1 32  ? -10.307 -8.946  -9.992  1.00 65.32  ? 32  LEU B CB  1 
ATOM   978  C CG  . LEU B 1 32  ? -9.868  -10.360 -9.627  1.00 63.35  ? 32  LEU B CG  1 
ATOM   979  C CD1 . LEU B 1 32  ? -8.616  -10.299 -8.743  1.00 62.19  ? 32  LEU B CD1 1 
ATOM   980  C CD2 . LEU B 1 32  ? -10.962 -11.124 -8.921  1.00 65.45  ? 32  LEU B CD2 1 
ATOM   981  N N   . LYS B 1 33  ? -13.344 -7.957  -9.381  1.00 72.04  ? 33  LYS B N   1 
ATOM   982  C CA  . LYS B 1 33  ? -14.228 -6.850  -9.058  1.00 72.34  ? 33  LYS B CA  1 
ATOM   983  C C   . LYS B 1 33  ? -14.993 -7.000  -7.749  1.00 63.80  ? 33  LYS B C   1 
ATOM   984  O O   . LYS B 1 33  ? -14.947 -8.056  -7.108  1.00 59.68  ? 33  LYS B O   1 
ATOM   985  C CB  . LYS B 1 33  ? -15.157 -6.747  -10.243 1.00 78.48  ? 33  LYS B CB  1 
ATOM   986  C CG  . LYS B 1 33  ? -15.565 -8.153  -10.554 1.00 75.76  ? 33  LYS B CG  1 
ATOM   987  C CD  . LYS B 1 33  ? -16.523 -8.109  -11.659 1.00 85.60  ? 33  LYS B CD  1 
ATOM   988  C CE  . LYS B 1 33  ? -17.651 -9.082  -11.457 1.00 94.80  ? 33  LYS B CE  1 
ATOM   989  N NZ  . LYS B 1 33  ? -18.978 -8.507  -11.953 1.00 103.78 ? 33  LYS B NZ  1 
ATOM   990  N N   . PRO B 1 34  ? -15.714 -5.969  -7.331  1.00 64.50  ? 34  PRO B N   1 
ATOM   991  C CA  . PRO B 1 34  ? -16.282 -5.962  -5.977  1.00 59.76  ? 34  PRO B CA  1 
ATOM   992  C C   . PRO B 1 34  ? -17.199 -7.148  -5.735  1.00 62.00  ? 34  PRO B C   1 
ATOM   993  O O   . PRO B 1 34  ? -18.044 -7.492  -6.567  1.00 71.12  ? 34  PRO B O   1 
ATOM   994  C CB  . PRO B 1 34  ? -17.042 -4.634  -5.928  1.00 66.73  ? 34  PRO B CB  1 
ATOM   995  C CG  . PRO B 1 34  ? -16.254 -3.742  -6.854  1.00 69.44  ? 34  PRO B CG  1 
ATOM   996  C CD  . PRO B 1 34  ? -15.814 -4.643  -7.975  1.00 66.28  ? 34  PRO B CD  1 
ATOM   997  N N   . GLY B 1 35  ? -17.018 -7.770  -4.573  1.00 61.87  ? 35  GLY B N   1 
ATOM   998  C CA  . GLY B 1 35  ? -17.688 -8.990  -4.220  1.00 58.57  ? 35  GLY B CA  1 
ATOM   999  C C   . GLY B 1 35  ? -16.998 -10.243 -4.702  1.00 64.63  ? 35  GLY B C   1 
ATOM   1000 O O   . GLY B 1 35  ? -17.225 -11.317 -4.134  1.00 66.26  ? 35  GLY B O   1 
ATOM   1001 N N   . ASP B 1 36  ? -16.168 -10.150 -5.734  1.00 63.30  ? 36  ASP B N   1 
ATOM   1002 C CA  . ASP B 1 36  ? -15.476 -11.343 -6.187  1.00 66.75  ? 36  ASP B CA  1 
ATOM   1003 C C   . ASP B 1 36  ? -14.571 -11.890 -5.083  1.00 61.40  ? 36  ASP B C   1 
ATOM   1004 O O   . ASP B 1 36  ? -14.174 -11.186 -4.161  1.00 66.77  ? 36  ASP B O   1 
ATOM   1005 C CB  . ASP B 1 36  ? -14.676 -11.063 -7.460  1.00 64.52  ? 36  ASP B CB  1 
ATOM   1006 C CG  . ASP B 1 36  ? -15.543 -11.124 -8.707  1.00 77.04  ? 36  ASP B CG  1 
ATOM   1007 O OD1 . ASP B 1 36  ? -16.794 -11.173 -8.550  1.00 74.24  ? 36  ASP B OD1 1 
ATOM   1008 O OD2 . ASP B 1 36  ? -14.974 -11.141 -9.832  1.00 78.75  ? 36  ASP B OD2 1 
ATOM   1009 N N   . LYS B 1 37  ? -14.261 -13.172 -5.181  1.00 61.56  ? 37  LYS B N   1 
ATOM   1010 C CA  . LYS B 1 37  ? -13.389 -13.855 -4.242  1.00 66.27  ? 37  LYS B CA  1 
ATOM   1011 C C   . LYS B 1 37  ? -12.156 -14.398 -4.943  1.00 67.34  ? 37  LYS B C   1 
ATOM   1012 O O   . LYS B 1 37  ? -12.156 -14.682 -6.146  1.00 59.29  ? 37  LYS B O   1 
ATOM   1013 C CB  . LYS B 1 37  ? -14.067 -15.038 -3.538  1.00 64.92  ? 37  LYS B CB  1 
ATOM   1014 C CG  . LYS B 1 37  ? -15.380 -14.767 -2.774  1.00 67.68  ? 37  LYS B CG  1 
ATOM   1015 C CD  . LYS B 1 37  ? -16.486 -14.282 -3.680  1.00 74.73  ? 37  LYS B CD  1 
ATOM   1016 C CE  . LYS B 1 37  ? -16.619 -15.235 -4.872  1.00 95.03  ? 37  LYS B CE  1 
ATOM   1017 N NZ  . LYS B 1 37  ? -17.505 -14.564 -5.929  1.00 86.99  ? 37  LYS B NZ  1 
ATOM   1018 N N   . LEU B 1 38  ? -11.112 -14.566 -4.143  1.00 62.61  ? 38  LEU B N   1 
ATOM   1019 C CA  . LEU B 1 38  ? -9.816  -15.005 -4.595  1.00 60.52  ? 38  LEU B CA  1 
ATOM   1020 C C   . LEU B 1 38  ? -9.525  -16.420 -4.133  1.00 61.68  ? 38  LEU B C   1 
ATOM   1021 O O   . LEU B 1 38  ? -10.101 -16.897 -3.152  1.00 64.06  ? 38  LEU B O   1 
ATOM   1022 C CB  . LEU B 1 38  ? -8.712  -14.070 -4.085  1.00 60.96  ? 38  LEU B CB  1 
ATOM   1023 C CG  . LEU B 1 38  ? -8.891  -12.598 -4.379  1.00 62.56  ? 38  LEU B CG  1 
ATOM   1024 C CD1 . LEU B 1 38  ? -8.194  -11.814 -3.314  1.00 62.11  ? 38  LEU B CD1 1 
ATOM   1025 C CD2 . LEU B 1 38  ? -8.340  -12.276 -5.775  1.00 70.58  ? 38  LEU B CD2 1 
ATOM   1026 N N   . PRO B 1 39  ? -8.615  -17.116 -4.814  1.00 60.68  ? 39  PRO B N   1 
ATOM   1027 C CA  . PRO B 1 39  ? -8.256  -18.469 -4.378  1.00 69.75  ? 39  PRO B CA  1 
ATOM   1028 C C   . PRO B 1 39  ? -7.850  -18.502 -2.909  1.00 70.66  ? 39  PRO B C   1 
ATOM   1029 O O   . PRO B 1 39  ? -7.417  -17.500 -2.333  1.00 64.84  ? 39  PRO B O   1 
ATOM   1030 C CB  . PRO B 1 39  ? -7.075  -18.826 -5.287  1.00 65.88  ? 39  PRO B CB  1 
ATOM   1031 C CG  . PRO B 1 39  ? -7.253  -17.972 -6.479  1.00 59.60  ? 39  PRO B CG  1 
ATOM   1032 C CD  . PRO B 1 39  ? -7.873  -16.706 -6.021  1.00 53.46  ? 39  PRO B CD  1 
ATOM   1033 N N   . SER B 1 40  ? -8.009  -19.670 -2.300  1.00 72.07  ? 40  SER B N   1 
ATOM   1034 C CA  . SER B 1 40  ? -7.447  -19.879 -0.980  1.00 65.45  ? 40  SER B CA  1 
ATOM   1035 C C   . SER B 1 40  ? -5.962  -19.534 -1.007  1.00 66.30  ? 40  SER B C   1 
ATOM   1036 O O   . SER B 1 40  ? -5.328  -19.498 -2.069  1.00 65.42  ? 40  SER B O   1 
ATOM   1037 C CB  . SER B 1 40  ? -7.637  -21.336 -0.546  1.00 67.86  ? 40  SER B CB  1 
ATOM   1038 O OG  . SER B 1 40  ? -6.647  -22.177 -1.121  1.00 75.22  ? 40  SER B OG  1 
ATOM   1039 N N   . ILE B 1 41  ? -5.417  -19.241 0.180   1.00 67.39  ? 41  ILE B N   1 
ATOM   1040 C CA  . ILE B 1 41  ? -3.966  -19.122 0.319   1.00 68.04  ? 41  ILE B CA  1 
ATOM   1041 C C   . ILE B 1 41  ? -3.281  -20.311 -0.337  1.00 69.31  ? 41  ILE B C   1 
ATOM   1042 O O   . ILE B 1 41  ? -2.302  -20.153 -1.071  1.00 73.38  ? 41  ILE B O   1 
ATOM   1043 C CB  . ILE B 1 41  ? -3.563  -19.017 1.800   1.00 71.92  ? 41  ILE B CB  1 
ATOM   1044 C CG1 . ILE B 1 41  ? -4.267  -17.854 2.510   1.00 67.89  ? 41  ILE B CG1 1 
ATOM   1045 C CG2 . ILE B 1 41  ? -2.062  -18.910 1.903   1.00 68.85  ? 41  ILE B CG2 1 
ATOM   1046 C CD1 . ILE B 1 41  ? -3.756  -16.508 2.146   1.00 67.39  ? 41  ILE B CD1 1 
ATOM   1047 N N   . ARG B 1 42  ? -3.802  -21.516 -0.111  1.00 67.16  ? 42  ARG B N   1 
ATOM   1048 C CA  . ARG B 1 42  ? -3.112  -22.705 -0.598  1.00 74.73  ? 42  ARG B CA  1 
ATOM   1049 C C   . ARG B 1 42  ? -3.389  -22.966 -2.081  1.00 77.77  ? 42  ARG B C   1 
ATOM   1050 O O   . ARG B 1 42  ? -2.469  -23.327 -2.828  1.00 76.94  ? 42  ARG B O   1 
ATOM   1051 C CB  . ARG B 1 42  ? -3.485  -23.905 0.274   1.00 67.94  ? 42  ARG B CB  1 
ATOM   1052 C CG  . ARG B 1 42  ? -2.960  -23.761 1.711   1.00 84.59  ? 42  ARG B CG  1 
ATOM   1053 C CD  . ARG B 1 42  ? -1.587  -24.454 1.940   1.00 93.80  ? 42  ARG B CD  1 
ATOM   1054 N NE  . ARG B 1 42  ? -0.603  -24.129 0.901   1.00 91.51  ? 42  ARG B NE  1 
ATOM   1055 C CZ  . ARG B 1 42  ? 0.531   -24.798 0.701   1.00 89.25  ? 42  ARG B CZ  1 
ATOM   1056 N NH1 . ARG B 1 42  ? 0.837   -25.836 1.477   1.00 85.50  ? 42  ARG B NH1 1 
ATOM   1057 N NH2 . ARG B 1 42  ? 1.354   -24.434 -0.283  1.00 83.27  ? 42  ARG B NH2 1 
ATOM   1058 N N   . GLU B 1 43  ? -4.638  -22.779 -2.526  1.00 73.71  ? 43  GLU B N   1 
ATOM   1059 C CA  . GLU B 1 43  ? -4.958  -22.889 -3.949  1.00 72.42  ? 43  GLU B CA  1 
ATOM   1060 C C   . GLU B 1 43  ? -4.027  -22.038 -4.802  1.00 72.50  ? 43  GLU B C   1 
ATOM   1061 O O   . GLU B 1 43  ? -3.541  -22.478 -5.852  1.00 70.26  ? 43  GLU B O   1 
ATOM   1062 C CB  . GLU B 1 43  ? -6.395  -22.446 -4.198  1.00 76.50  ? 43  GLU B CB  1 
ATOM   1063 C CG  . GLU B 1 43  ? -7.467  -23.430 -3.865  1.00 77.12  ? 43  GLU B CG  1 
ATOM   1064 C CD  . GLU B 1 43  ? -8.833  -22.810 -4.069  1.00 87.01  ? 43  GLU B CD  1 
ATOM   1065 O OE1 . GLU B 1 43  ? -9.006  -22.065 -5.068  1.00 80.84  ? 43  GLU B OE1 1 
ATOM   1066 O OE2 . GLU B 1 43  ? -9.724  -23.047 -3.221  1.00 93.21  ? 43  GLU B OE2 1 
ATOM   1067 N N   . LEU B 1 44  ? -3.811  -20.787 -4.386  1.00 73.38  ? 44  LEU B N   1 
ATOM   1068 C CA  . LEU B 1 44  ? -2.887  -19.926 -5.112  1.00 67.37  ? 44  LEU B CA  1 
ATOM   1069 C C   . LEU B 1 44  ? -1.456  -20.404 -4.932  1.00 72.89  ? 44  LEU B C   1 
ATOM   1070 O O   . LEU B 1 44  ? -0.683  -20.459 -5.902  1.00 71.10  ? 44  LEU B O   1 
ATOM   1071 C CB  . LEU B 1 44  ? -3.042  -18.483 -4.642  1.00 62.05  ? 44  LEU B CB  1 
ATOM   1072 C CG  . LEU B 1 44  ? -2.406  -17.461 -5.580  1.00 58.71  ? 44  LEU B CG  1 
ATOM   1073 C CD1 . LEU B 1 44  ? -2.666  -17.825 -7.016  1.00 62.24  ? 44  LEU B CD1 1 
ATOM   1074 C CD2 . LEU B 1 44  ? -2.894  -16.058 -5.276  1.00 58.94  ? 44  LEU B CD2 1 
ATOM   1075 N N   . ALA B 1 45  ? -1.094  -20.780 -3.697  1.00 72.21  ? 45  ALA B N   1 
ATOM   1076 C CA  . ALA B 1 45  ? 0.247   -21.284 -3.435  1.00 68.23  ? 45  ALA B CA  1 
ATOM   1077 C C   . ALA B 1 45  ? 0.540   -22.549 -4.218  1.00 75.68  ? 45  ALA B C   1 
ATOM   1078 O O   . ALA B 1 45  ? 1.716   -22.888 -4.396  1.00 80.92  ? 45  ALA B O   1 
ATOM   1079 C CB  . ALA B 1 45  ? 0.443   -21.550 -1.944  1.00 68.73  ? 45  ALA B CB  1 
ATOM   1080 N N   . SER B 1 46  ? -0.494  -23.260 -4.682  1.00 74.54  ? 46  SER B N   1 
ATOM   1081 C CA  . SER B 1 46  ? -0.326  -24.446 -5.514  1.00 70.68  ? 46  SER B CA  1 
ATOM   1082 C C   . SER B 1 46  ? -0.464  -24.155 -6.999  1.00 74.18  ? 46  SER B C   1 
ATOM   1083 O O   . SER B 1 46  ? 0.203   -24.807 -7.806  1.00 76.93  ? 46  SER B O   1 
ATOM   1084 C CB  . SER B 1 46  ? -1.335  -25.519 -5.126  1.00 72.41  ? 46  SER B CB  1 
ATOM   1085 O OG  . SER B 1 46  ? -2.550  -24.915 -4.735  1.00 82.72  ? 46  SER B OG  1 
ATOM   1086 N N   . MET B 1 47  ? -1.329  -23.212 -7.386  1.00 76.98  ? 47  MET B N   1 
ATOM   1087 C CA  . MET B 1 47  ? -1.358  -22.749 -8.769  1.00 69.59  ? 47  MET B CA  1 
ATOM   1088 C C   . MET B 1 47  ? 0.040   -22.239 -9.096  1.00 72.52  ? 47  MET B C   1 
ATOM   1089 O O   . MET B 1 47  ? 0.743   -22.836 -9.919  1.00 74.11  ? 47  MET B O   1 
ATOM   1090 C CB  . MET B 1 47  ? -2.414  -21.657 -8.963  1.00 73.73  ? 47  MET B CB  1 
ATOM   1091 C CG  . MET B 1 47  ? -3.880  -22.112 -8.876  1.00 75.50  ? 47  MET B CG  1 
ATOM   1092 S SD  . MET B 1 47  ? -5.054  -20.720 -8.936  1.00 69.34  ? 47  MET B SD  1 
ATOM   1093 C CE  . MET B 1 47  ? -4.494  -19.873 -10.431 1.00 74.78  ? 47  MET B CE  1 
ATOM   1094 N N   . LEU B 1 48  ? 0.470   -21.166 -8.427  1.00 68.15  ? 48  LEU B N   1 
ATOM   1095 C CA  . LEU B 1 48  ? 1.875   -20.780 -8.462  1.00 67.58  ? 48  LEU B CA  1 
ATOM   1096 C C   . LEU B 1 48  ? 2.736   -21.856 -7.785  1.00 74.65  ? 48  LEU B C   1 
ATOM   1097 O O   . LEU B 1 48  ? 2.251   -22.718 -7.039  1.00 72.37  ? 48  LEU B O   1 
ATOM   1098 C CB  . LEU B 1 48  ? 2.072   -19.440 -7.765  1.00 66.35  ? 48  LEU B CB  1 
ATOM   1099 C CG  . LEU B 1 48  ? 0.997   -18.391 -8.028  1.00 69.04  ? 48  LEU B CG  1 
ATOM   1100 C CD1 . LEU B 1 48  ? 1.144   -17.256 -7.041  1.00 66.64  ? 48  LEU B CD1 1 
ATOM   1101 C CD2 . LEU B 1 48  ? 1.112   -17.856 -9.438  1.00 69.61  ? 48  LEU B CD2 1 
ATOM   1102 N N   . GLY B 1 49  ? 4.032   -21.811 -8.050  1.00 64.40  ? 49  GLY B N   1 
ATOM   1103 C CA  . GLY B 1 49  ? 4.895   -22.783 -7.410  1.00 67.65  ? 49  GLY B CA  1 
ATOM   1104 C C   . GLY B 1 49  ? 5.422   -22.307 -6.075  1.00 76.85  ? 49  GLY B C   1 
ATOM   1105 O O   . GLY B 1 49  ? 6.481   -22.752 -5.614  1.00 80.58  ? 49  GLY B O   1 
ATOM   1106 N N   . VAL B 1 50  ? 4.676   -21.420 -5.429  1.00 73.70  ? 50  VAL B N   1 
ATOM   1107 C CA  . VAL B 1 50  ? 5.183   -20.623 -4.319  1.00 74.01  ? 50  VAL B CA  1 
ATOM   1108 C C   . VAL B 1 50  ? 4.687   -21.189 -2.994  1.00 73.38  ? 50  VAL B C   1 
ATOM   1109 O O   . VAL B 1 50  ? 3.524   -21.589 -2.877  1.00 77.15  ? 50  VAL B O   1 
ATOM   1110 C CB  . VAL B 1 50  ? 4.751   -19.159 -4.503  1.00 71.98  ? 50  VAL B CB  1 
ATOM   1111 C CG1 . VAL B 1 50  ? 5.253   -18.338 -3.356  1.00 74.30  ? 50  VAL B CG1 1 
ATOM   1112 C CG2 . VAL B 1 50  ? 5.259   -18.618 -5.853  1.00 60.00  ? 50  VAL B CG2 1 
ATOM   1113 N N   . ASN B 1 51  ? 5.556   -21.230 -1.988  1.00 72.38  ? 51  ASN B N   1 
ATOM   1114 C CA  . ASN B 1 51  ? 5.078   -21.705 -0.698  1.00 74.61  ? 51  ASN B CA  1 
ATOM   1115 C C   . ASN B 1 51  ? 4.035   -20.739 -0.135  1.00 73.92  ? 51  ASN B C   1 
ATOM   1116 O O   . ASN B 1 51  ? 3.973   -19.558 -0.503  1.00 71.11  ? 51  ASN B O   1 
ATOM   1117 C CB  . ASN B 1 51  ? 6.230   -21.887 0.292   1.00 73.49  ? 51  ASN B CB  1 
ATOM   1118 C CG  . ASN B 1 51  ? 6.854   -20.581 0.698   1.00 73.53  ? 51  ASN B CG  1 
ATOM   1119 O OD1 . ASN B 1 51  ? 6.366   -19.893 1.595   1.00 72.07  ? 51  ASN B OD1 1 
ATOM   1120 N ND2 . ASN B 1 51  ? 7.951   -20.227 0.040   1.00 76.55  ? 51  ASN B ND2 1 
ATOM   1121 N N   . MET B 1 52  ? 3.206   -21.264 0.767   1.00 76.11  ? 52  MET B N   1 
ATOM   1122 C CA  . MET B 1 52  ? 2.078   -20.513 1.305   1.00 74.81  ? 52  MET B CA  1 
ATOM   1123 C C   . MET B 1 52  ? 2.498   -19.376 2.232   1.00 70.35  ? 52  MET B C   1 
ATOM   1124 O O   . MET B 1 52  ? 1.664   -18.515 2.536   1.00 73.31  ? 52  MET B O   1 
ATOM   1125 C CB  . MET B 1 52  ? 1.149   -21.460 2.058   1.00 77.28  ? 52  MET B CB  1 
ATOM   1126 C CG  . MET B 1 52  ? 1.898   -22.302 3.070   1.00 81.88  ? 52  MET B CG  1 
ATOM   1127 S SD  . MET B 1 52  ? 0.901   -22.617 4.542   1.00 106.16 ? 52  MET B SD  1 
ATOM   1128 C CE  . MET B 1 52  ? 0.415   -20.937 4.975   1.00 83.39  ? 52  MET B CE  1 
ATOM   1129 N N   . LEU B 1 53  ? 3.750   -19.353 2.705   1.00 67.47  ? 53  LEU B N   1 
ATOM   1130 C CA  . LEU B 1 53  ? 4.176   -18.274 3.599   1.00 63.74  ? 53  LEU B CA  1 
ATOM   1131 C C   . LEU B 1 53  ? 4.145   -16.928 2.885   1.00 67.71  ? 53  LEU B C   1 
ATOM   1132 O O   . LEU B 1 53  ? 3.652   -15.930 3.430   1.00 63.53  ? 53  LEU B O   1 
ATOM   1133 C CB  . LEU B 1 53  ? 5.577   -18.530 4.141   1.00 58.05  ? 53  LEU B CB  1 
ATOM   1134 C CG  . LEU B 1 53  ? 5.815   -19.664 5.131   1.00 67.10  ? 53  LEU B CG  1 
ATOM   1135 C CD1 . LEU B 1 53  ? 6.922   -19.270 6.080   1.00 61.40  ? 53  LEU B CD1 1 
ATOM   1136 C CD2 . LEU B 1 53  ? 4.545   -20.017 5.894   1.00 74.56  ? 53  LEU B CD2 1 
ATOM   1137 N N   . THR B 1 54  ? 4.694   -16.876 1.669   1.00 68.00  ? 54  THR B N   1 
ATOM   1138 C CA  . THR B 1 54  ? 4.680   -15.628 0.934   1.00 60.37  ? 54  THR B CA  1 
ATOM   1139 C C   . THR B 1 54  ? 3.359   -15.395 0.231   1.00 63.00  ? 54  THR B C   1 
ATOM   1140 O O   . THR B 1 54  ? 3.069   -14.251 -0.135  1.00 67.55  ? 54  THR B O   1 
ATOM   1141 C CB  . THR B 1 54  ? 5.788   -15.580 -0.109  1.00 63.05  ? 54  THR B CB  1 
ATOM   1142 O OG1 . THR B 1 54  ? 5.355   -16.315 -1.247  1.00 66.47  ? 54  THR B OG1 1 
ATOM   1143 C CG2 . THR B 1 54  ? 7.084   -16.176 0.420   1.00 66.98  ? 54  THR B CG2 1 
ATOM   1144 N N   . VAL B 1 55  ? 2.558   -16.437 -0.007  1.00 63.46  ? 55  VAL B N   1 
ATOM   1145 C CA  . VAL B 1 55  ? 1.206   -16.154 -0.481  1.00 61.24  ? 55  VAL B CA  1 
ATOM   1146 C C   . VAL B 1 55  ? 0.402   -15.531 0.637   1.00 59.22  ? 55  VAL B C   1 
ATOM   1147 O O   . VAL B 1 55  ? -0.318  -14.551 0.422   1.00 60.44  ? 55  VAL B O   1 
ATOM   1148 C CB  . VAL B 1 55  ? 0.493   -17.397 -1.040  1.00 64.34  ? 55  VAL B CB  1 
ATOM   1149 C CG1 . VAL B 1 55  ? -1.009  -17.166 -0.983  1.00 62.98  ? 55  VAL B CG1 1 
ATOM   1150 C CG2 . VAL B 1 55  ? 0.907   -17.663 -2.481  1.00 56.92  ? 55  VAL B CG2 1 
ATOM   1151 N N   . ASN B 1 56  ? 0.522   -16.071 1.854   1.00 60.50  ? 56  ASN B N   1 
ATOM   1152 C CA  . ASN B 1 56  ? -0.187  -15.463 2.970   1.00 62.96  ? 56  ASN B CA  1 
ATOM   1153 C C   . ASN B 1 56  ? 0.184   -13.994 3.086   1.00 62.95  ? 56  ASN B C   1 
ATOM   1154 O O   . ASN B 1 56  ? -0.677  -13.146 3.344   1.00 60.88  ? 56  ASN B O   1 
ATOM   1155 C CB  . ASN B 1 56  ? 0.109   -16.220 4.264   1.00 64.07  ? 56  ASN B CB  1 
ATOM   1156 C CG  . ASN B 1 56  ? -0.730  -15.733 5.418   1.00 64.47  ? 56  ASN B CG  1 
ATOM   1157 O OD1 . ASN B 1 56  ? -0.207  -15.338 6.468   1.00 66.35  ? 56  ASN B OD1 1 
ATOM   1158 N ND2 . ASN B 1 56  ? -2.044  -15.729 5.223   1.00 60.46  ? 56  ASN B ND2 1 
ATOM   1159 N N   . LYS B 1 57  ? 1.445   -13.661 2.815   1.00 60.90  ? 57  LYS B N   1 
ATOM   1160 C CA  . LYS B 1 57  ? 1.873   -12.290 3.038   1.00 58.20  ? 57  LYS B CA  1 
ATOM   1161 C C   . LYS B 1 57  ? 1.309   -11.373 1.977   1.00 63.22  ? 57  LYS B C   1 
ATOM   1162 O O   . LYS B 1 57  ? 0.953   -10.224 2.249   1.00 62.90  ? 57  LYS B O   1 
ATOM   1163 C CB  . LYS B 1 57  ? 3.387   -12.162 3.028   1.00 54.84  ? 57  LYS B CB  1 
ATOM   1164 C CG  . LYS B 1 57  ? 3.846   -11.084 3.979   1.00 67.55  ? 57  LYS B CG  1 
ATOM   1165 C CD  . LYS B 1 57  ? 3.050   -11.188 5.350   1.00 77.44  ? 57  LYS B CD  1 
ATOM   1166 C CE  . LYS B 1 57  ? 3.139   -12.530 6.073   1.00 73.60  ? 57  LYS B CE  1 
ATOM   1167 N NZ  . LYS B 1 57  ? 2.932   -12.543 7.527   1.00 80.77  ? 57  LYS B NZ  1 
ATOM   1168 N N   . ALA B 1 58  ? 1.320   -11.842 0.737   1.00 62.75  ? 58  ALA B N   1 
ATOM   1169 C CA  . ALA B 1 58  ? 0.683   -11.135 -0.361  1.00 58.84  ? 58  ALA B CA  1 
ATOM   1170 C C   . ALA B 1 58  ? -0.761  -10.803 -0.031  1.00 56.73  ? 58  ALA B C   1 
ATOM   1171 O O   . ALA B 1 58  ? -1.189  -9.663  -0.180  1.00 58.57  ? 58  ALA B O   1 
ATOM   1172 C CB  . ALA B 1 58  ? 0.761   -12.007 -1.613  1.00 65.84  ? 58  ALA B CB  1 
ATOM   1173 N N   . TYR B 1 59  ? -1.535  -11.794 0.399   1.00 56.04  ? 59  TYR B N   1 
ATOM   1174 C CA  . TYR B 1 59  ? -2.923  -11.508 0.731   1.00 52.34  ? 59  TYR B CA  1 
ATOM   1175 C C   . TYR B 1 59  ? -2.988  -10.470 1.840   1.00 58.16  ? 59  TYR B C   1 
ATOM   1176 O O   . TYR B 1 59  ? -3.649  -9.436  1.696   1.00 63.80  ? 59  TYR B O   1 
ATOM   1177 C CB  . TYR B 1 59  ? -3.656  -12.786 1.134   1.00 58.99  ? 59  TYR B CB  1 
ATOM   1178 C CG  . TYR B 1 59  ? -4.202  -13.624 -0.011  1.00 58.98  ? 59  TYR B CG  1 
ATOM   1179 C CD1 . TYR B 1 59  ? -3.552  -13.700 -1.227  1.00 58.20  ? 59  TYR B CD1 1 
ATOM   1180 C CD2 . TYR B 1 59  ? -5.370  -14.355 0.137   1.00 61.27  ? 59  TYR B CD2 1 
ATOM   1181 C CE1 . TYR B 1 59  ? -4.045  -14.473 -2.256  1.00 52.37  ? 59  TYR B CE1 1 
ATOM   1182 C CE2 . TYR B 1 59  ? -5.868  -15.122 -0.889  1.00 60.41  ? 59  TYR B CE2 1 
ATOM   1183 C CZ  . TYR B 1 59  ? -5.191  -15.169 -2.080  1.00 55.89  ? 59  TYR B CZ  1 
ATOM   1184 O OH  . TYR B 1 59  ? -5.663  -15.916 -3.115  1.00 62.43  ? 59  TYR B OH  1 
ATOM   1185 N N   . ASN B 1 60  ? -2.259  -10.695 2.939   1.00 57.84  ? 60  ASN B N   1 
ATOM   1186 C CA  . ASN B 1 60  ? -2.308  -9.747  4.046   1.00 56.97  ? 60  ASN B CA  1 
ATOM   1187 C C   . ASN B 1 60  ? -1.753  -8.390  3.654   1.00 58.91  ? 60  ASN B C   1 
ATOM   1188 O O   . ASN B 1 60  ? -2.024  -7.405  4.350   1.00 58.93  ? 60  ASN B O   1 
ATOM   1189 C CB  . ASN B 1 60  ? -1.553  -10.281 5.273   1.00 62.64  ? 60  ASN B CB  1 
ATOM   1190 C CG  . ASN B 1 60  ? -2.260  -11.460 5.930   1.00 59.61  ? 60  ASN B CG  1 
ATOM   1191 O OD1 . ASN B 1 60  ? -1.729  -12.557 5.947   1.00 67.54  ? 60  ASN B OD1 1 
ATOM   1192 N ND2 . ASN B 1 60  ? -3.466  -11.237 6.458   1.00 67.83  ? 60  ASN B ND2 1 
ATOM   1193 N N   . TYR B 1 61  ? -0.993  -8.311  2.554   1.00 57.79  ? 61  TYR B N   1 
ATOM   1194 C CA  . TYR B 1 61  ? -0.631  -7.005  2.008   1.00 53.81  ? 61  TYR B CA  1 
ATOM   1195 C C   . TYR B 1 61  ? -1.827  -6.347  1.334   1.00 54.23  ? 61  TYR B C   1 
ATOM   1196 O O   . TYR B 1 61  ? -2.034  -5.139  1.469   1.00 56.44  ? 61  TYR B O   1 
ATOM   1197 C CB  . TYR B 1 61  ? 0.534   -7.134  1.032   1.00 51.06  ? 61  TYR B CB  1 
ATOM   1198 C CG  . TYR B 1 61  ? 0.846   -5.856  0.283   1.00 60.33  ? 61  TYR B CG  1 
ATOM   1199 C CD1 . TYR B 1 61  ? 0.221   -5.563  -0.948  1.00 64.08  ? 61  TYR B CD1 1 
ATOM   1200 C CD2 . TYR B 1 61  ? 1.774   -4.937  0.785   1.00 59.68  ? 61  TYR B CD2 1 
ATOM   1201 C CE1 . TYR B 1 61  ? 0.513   -4.371  -1.642  1.00 62.23  ? 61  TYR B CE1 1 
ATOM   1202 C CE2 . TYR B 1 61  ? 2.064   -3.750  0.102   1.00 58.40  ? 61  TYR B CE2 1 
ATOM   1203 C CZ  . TYR B 1 61  ? 1.436   -3.476  -1.102  1.00 59.25  ? 61  TYR B CZ  1 
ATOM   1204 O OH  . TYR B 1 61  ? 1.728   -2.313  -1.766  1.00 64.57  ? 61  TYR B OH  1 
ATOM   1205 N N   . LEU B 1 62  ? -2.632  -7.123  0.613   1.00 55.04  ? 62  LEU B N   1 
ATOM   1206 C CA  . LEU B 1 62  ? -3.818  -6.559  -0.014  1.00 56.43  ? 62  LEU B CA  1 
ATOM   1207 C C   . LEU B 1 62  ? -4.852  -6.168  1.034   1.00 58.23  ? 62  LEU B C   1 
ATOM   1208 O O   . LEU B 1 62  ? -5.590  -5.197  0.842   1.00 61.41  ? 62  LEU B O   1 
ATOM   1209 C CB  . LEU B 1 62  ? -4.390  -7.550  -1.042  1.00 55.35  ? 62  LEU B CB  1 
ATOM   1210 C CG  . LEU B 1 62  ? -3.528  -7.876  -2.283  1.00 50.73  ? 62  LEU B CG  1 
ATOM   1211 C CD1 . LEU B 1 62  ? -3.899  -9.210  -2.871  1.00 55.59  ? 62  LEU B CD1 1 
ATOM   1212 C CD2 . LEU B 1 62  ? -3.615  -6.821  -3.345  1.00 50.70  ? 62  LEU B CD2 1 
ATOM   1213 N N   . VAL B 1 63  ? -4.884  -6.872  2.167   1.00 58.68  ? 63  VAL B N   1 
ATOM   1214 C CA  . VAL B 1 63  ? -5.828  -6.533  3.234   1.00 61.16  ? 63  VAL B CA  1 
ATOM   1215 C C   . VAL B 1 63  ? -5.485  -5.182  3.851   1.00 62.87  ? 63  VAL B C   1 
ATOM   1216 O O   . VAL B 1 63  ? -6.360  -4.323  4.021   1.00 68.80  ? 63  VAL B O   1 
ATOM   1217 C CB  . VAL B 1 63  ? -5.854  -7.637  4.306   1.00 57.41  ? 63  VAL B CB  1 
ATOM   1218 C CG1 . VAL B 1 63  ? -6.707  -7.196  5.468   1.00 56.07  ? 63  VAL B CG1 1 
ATOM   1219 C CG2 . VAL B 1 63  ? -6.368  -8.974  3.703   1.00 58.49  ? 63  VAL B CG2 1 
ATOM   1220 N N   . ASP B 1 64  ? -4.210  -4.980  4.206   1.00 62.22  ? 64  ASP B N   1 
ATOM   1221 C CA  . ASP B 1 64  ? -3.774  -3.741  4.851   1.00 55.90  ? 64  ASP B CA  1 
ATOM   1222 C C   . ASP B 1 64  ? -3.878  -2.546  3.914   1.00 58.65  ? 64  ASP B C   1 
ATOM   1223 O O   . ASP B 1 64  ? -4.206  -1.437  4.353   1.00 64.89  ? 64  ASP B O   1 
ATOM   1224 C CB  . ASP B 1 64  ? -2.333  -3.887  5.336   1.00 59.90  ? 64  ASP B CB  1 
ATOM   1225 C CG  . ASP B 1 64  ? -2.195  -4.842  6.517   1.00 70.09  ? 64  ASP B CG  1 
ATOM   1226 O OD1 . ASP B 1 64  ? -3.226  -5.359  7.030   1.00 71.44  ? 64  ASP B OD1 1 
ATOM   1227 O OD2 . ASP B 1 64  ? -1.035  -5.083  6.931   1.00 74.88  ? 64  ASP B OD2 1 
ATOM   1228 N N   . GLU B 1 65  ? -3.561  -2.733  2.629   1.00 60.83  ? 65  GLU B N   1 
ATOM   1229 C CA  . GLU B 1 65  ? -3.703  -1.648  1.664   1.00 56.16  ? 65  GLU B CA  1 
ATOM   1230 C C   . GLU B 1 65  ? -5.149  -1.230  1.486   1.00 55.71  ? 65  GLU B C   1 
ATOM   1231 O O   . GLU B 1 65  ? -5.403  -0.088  1.099   1.00 64.59  ? 65  GLU B O   1 
ATOM   1232 C CB  . GLU B 1 65  ? -3.129  -2.046  0.301   1.00 57.23  ? 65  GLU B CB  1 
ATOM   1233 C CG  . GLU B 1 65  ? -1.620  -2.078  0.254   1.00 54.99  ? 65  GLU B CG  1 
ATOM   1234 C CD  . GLU B 1 65  ? -1.020  -0.819  0.819   1.00 67.72  ? 65  GLU B CD  1 
ATOM   1235 O OE1 . GLU B 1 65  ? -1.477  0.301   0.462   1.00 73.86  ? 65  GLU B OE1 1 
ATOM   1236 O OE2 . GLU B 1 65  ? -0.102  -0.945  1.653   1.00 72.87  ? 65  GLU B OE2 1 
ATOM   1237 N N   . GLY B 1 66  ? -6.087  -2.129  1.747   1.00 57.12  ? 66  GLY B N   1 
ATOM   1238 C CA  . GLY B 1 66  ? -7.495  -1.864  1.578   1.00 57.49  ? 66  GLY B CA  1 
ATOM   1239 C C   . GLY B 1 66  ? -8.169  -2.579  0.425   1.00 57.94  ? 66  GLY B C   1 
ATOM   1240 O O   . GLY B 1 66  ? -9.332  -2.278  0.137   1.00 63.70  ? 66  GLY B O   1 
ATOM   1241 N N   . PHE B 1 67  ? -7.497  -3.525  -0.228  1.00 53.99  ? 67  PHE B N   1 
ATOM   1242 C CA  . PHE B 1 67  ? -8.016  -4.024  -1.494  1.00 60.06  ? 67  PHE B CA  1 
ATOM   1243 C C   . PHE B 1 67  ? -8.981  -5.193  -1.328  1.00 60.88  ? 67  PHE B C   1 
ATOM   1244 O O   . PHE B 1 67  ? -10.003 -5.268  -2.031  1.00 57.41  ? 67  PHE B O   1 
ATOM   1245 C CB  . PHE B 1 67  ? -6.848  -4.400  -2.407  1.00 56.31  ? 67  PHE B CB  1 
ATOM   1246 C CG  . PHE B 1 67  ? -6.103  -3.205  -2.937  1.00 62.22  ? 67  PHE B CG  1 
ATOM   1247 C CD1 . PHE B 1 67  ? -6.782  -2.164  -3.553  1.00 64.14  ? 67  PHE B CD1 1 
ATOM   1248 C CD2 . PHE B 1 67  ? -4.733  -3.096  -2.790  1.00 65.71  ? 67  PHE B CD2 1 
ATOM   1249 C CE1 . PHE B 1 67  ? -6.114  -1.064  -4.027  1.00 60.27  ? 67  PHE B CE1 1 
ATOM   1250 C CE2 . PHE B 1 67  ? -4.064  -1.984  -3.271  1.00 63.91  ? 67  PHE B CE2 1 
ATOM   1251 C CZ  . PHE B 1 67  ? -4.760  -0.970  -3.885  1.00 61.33  ? 67  PHE B CZ  1 
ATOM   1252 N N   . ILE B 1 68  ? -8.688  -6.093  -0.393  1.00 58.01  ? 68  ILE B N   1 
ATOM   1253 C CA  . ILE B 1 68  ? -9.512  -7.261  -0.153  1.00 57.27  ? 68  ILE B CA  1 
ATOM   1254 C C   . ILE B 1 68  ? -9.836  -7.343  1.335   1.00 56.83  ? 68  ILE B C   1 
ATOM   1255 O O   . ILE B 1 68  ? -9.305  -6.595  2.154   1.00 53.25  ? 68  ILE B O   1 
ATOM   1256 C CB  . ILE B 1 68  ? -8.831  -8.546  -0.645  1.00 55.03  ? 68  ILE B CB  1 
ATOM   1257 C CG1 . ILE B 1 68  ? -7.524  -8.733  0.096   1.00 59.49  ? 68  ILE B CG1 1 
ATOM   1258 C CG2 . ILE B 1 68  ? -8.529  -8.437  -2.117  1.00 57.79  ? 68  ILE B CG2 1 
ATOM   1259 C CD1 . ILE B 1 68  ? -6.960  -10.118 -0.016  1.00 60.85  ? 68  ILE B CD1 1 
ATOM   1260 N N   . VAL B 1 69  ? -10.718 -8.286  1.670   1.00 63.47  ? 69  VAL B N   1 
ATOM   1261 C CA  . VAL B 1 69  ? -11.258 -8.437  3.022   1.00 59.04  ? 69  VAL B CA  1 
ATOM   1262 C C   . VAL B 1 69  ? -11.743 -9.871  3.202   1.00 62.22  ? 69  VAL B C   1 
ATOM   1263 O O   . VAL B 1 69  ? -12.444 -10.420 2.347   1.00 64.17  ? 69  VAL B O   1 
ATOM   1264 C CB  . VAL B 1 69  ? -12.399 -7.426  3.266   1.00 61.69  ? 69  VAL B CB  1 
ATOM   1265 C CG1 . VAL B 1 69  ? -13.399 -7.517  2.134   1.00 65.18  ? 69  VAL B CG1 1 
ATOM   1266 C CG2 . VAL B 1 69  ? -13.058 -7.695  4.583   1.00 58.45  ? 69  VAL B CG2 1 
ATOM   1267 N N   . VAL B 1 70  ? -11.370 -10.475 4.330   1.00 62.85  ? 70  VAL B N   1 
ATOM   1268 C CA  . VAL B 1 70  ? -11.830 -11.820 4.653   1.00 62.03  ? 70  VAL B CA  1 
ATOM   1269 C C   . VAL B 1 70  ? -13.307 -11.772 5.023   1.00 65.69  ? 70  VAL B C   1 
ATOM   1270 O O   . VAL B 1 70  ? -13.718 -10.967 5.870   1.00 62.83  ? 70  VAL B O   1 
ATOM   1271 C CB  . VAL B 1 70  ? -10.987 -12.407 5.791   1.00 56.25  ? 70  VAL B CB  1 
ATOM   1272 C CG1 . VAL B 1 70  ? -11.471 -13.803 6.122   1.00 60.89  ? 70  VAL B CG1 1 
ATOM   1273 C CG2 . VAL B 1 70  ? -9.525  -12.415 5.401   1.00 48.67  ? 70  VAL B CG2 1 
ATOM   1274 N N   . GLN B 1 71  ? -14.125 -12.621 4.387   1.00 64.63  ? 71  GLN B N   1 
ATOM   1275 C CA  . GLN B 1 71  ? -15.567 -12.547 4.604   1.00 63.32  ? 71  GLN B CA  1 
ATOM   1276 C C   . GLN B 1 71  ? -16.076 -13.732 5.406   1.00 76.92  ? 71  GLN B C   1 
ATOM   1277 O O   . GLN B 1 71  ? -16.691 -13.547 6.463   1.00 93.28  ? 71  GLN B O   1 
ATOM   1278 C CB  . GLN B 1 71  ? -16.342 -12.429 3.287   1.00 79.77  ? 71  GLN B CB  1 
ATOM   1279 C CG  . GLN B 1 71  ? -16.108 -11.099 2.495   1.00 79.71  ? 71  GLN B CG  1 
ATOM   1280 C CD  . GLN B 1 71  ? -16.843 -9.874  3.029   1.00 70.83  ? 71  GLN B CD  1 
ATOM   1281 O OE1 . GLN B 1 71  ? -16.534 -9.348  4.103   1.00 72.00  ? 71  GLN B OE1 1 
ATOM   1282 N NE2 . GLN B 1 71  ? -17.801 -9.394  2.252   1.00 64.49  ? 71  GLN B NE2 1 
ATOM   1283 N N   . LYS B 1 72  ? -15.843 -14.958 4.951   1.00 73.74  ? 72  LYS B N   1 
ATOM   1284 C CA  . LYS B 1 72  ? -16.069 -16.105 5.812   1.00 73.78  ? 72  LYS B CA  1 
ATOM   1285 C C   . LYS B 1 72  ? -14.697 -16.647 6.114   1.00 80.01  ? 72  LYS B C   1 
ATOM   1286 O O   . LYS B 1 72  ? -14.047 -16.196 7.089   1.00 88.61  ? 72  LYS B O   1 
ATOM   1287 C CB  . LYS B 1 72  ? -17.033 -17.117 5.178   1.00 76.74  ? 72  LYS B CB  1 
ATOM   1288 C CG  . LYS B 1 72  ? -18.407 -16.543 4.750   1.00 83.28  ? 72  LYS B CG  1 
ATOM   1289 C CD  . LYS B 1 72  ? -19.144 -15.802 5.877   1.00 85.70  ? 72  LYS B CD  1 
ATOM   1290 C CE  . LYS B 1 72  ? -20.590 -15.451 5.473   1.00 86.44  ? 72  LYS B CE  1 
ATOM   1291 N NZ  . LYS B 1 72  ? -20.864 -13.981 5.311   1.00 90.23  ? 72  LYS B NZ  1 
ATOM   1292 N N   . ARG B 1 73  ? -14.169 -17.584 5.332   1.00 73.30  ? 73  ARG B N   1 
ATOM   1293 C CA  . ARG B 1 73  ? -12.745 -17.881 5.365   1.00 79.71  ? 73  ARG B CA  1 
ATOM   1294 C C   . ARG B 1 73  ? -12.148 -17.538 4.014   1.00 76.08  ? 73  ARG B C   1 
ATOM   1295 O O   . ARG B 1 73  ? -11.251 -18.219 3.506   1.00 77.17  ? 73  ARG B O   1 
ATOM   1296 C CB  . ARG B 1 73  ? -12.483 -19.335 5.751   1.00 92.58  ? 73  ARG B CB  1 
ATOM   1297 C CG  . ARG B 1 73  ? -12.524 -19.576 7.257   1.00 87.91  ? 73  ARG B CG  1 
ATOM   1298 C CD  . ARG B 1 73  ? -13.193 -20.901 7.595   1.00 97.12  ? 73  ARG B CD  1 
ATOM   1299 N NE  . ARG B 1 73  ? -14.633 -20.873 7.348   1.00 104.39 ? 73  ARG B NE  1 
ATOM   1300 C CZ  . ARG B 1 73  ? -15.525 -21.566 8.053   1.00 117.71 ? 73  ARG B CZ  1 
ATOM   1301 N NH1 . ARG B 1 73  ? -15.124 -22.336 9.061   1.00 113.96 ? 73  ARG B NH1 1 
ATOM   1302 N NH2 . ARG B 1 73  ? -16.820 -21.478 7.759   1.00 119.67 ? 73  ARG B NH2 1 
ATOM   1303 N N   . ARG B 1 74  ? -12.668 -16.463 3.436   1.00 75.71  ? 74  ARG B N   1 
ATOM   1304 C CA  . ARG B 1 74  ? -12.512 -16.149 2.030   1.00 68.46  ? 74  ARG B CA  1 
ATOM   1305 C C   . ARG B 1 74  ? -11.989 -14.741 1.869   1.00 65.85  ? 74  ARG B C   1 
ATOM   1306 O O   . ARG B 1 74  ? -12.478 -13.802 2.514   1.00 67.06  ? 74  ARG B O   1 
ATOM   1307 C CB  . ARG B 1 74  ? -13.843 -16.293 1.309   1.00 76.49  ? 74  ARG B CB  1 
ATOM   1308 C CG  . ARG B 1 74  ? -14.459 -17.658 1.458   1.00 78.65  ? 74  ARG B CG  1 
ATOM   1309 C CD  . ARG B 1 74  ? -14.547 -18.252 0.062   1.00 77.71  ? 74  ARG B CD  1 
ATOM   1310 N NE  . ARG B 1 74  ? -15.843 -17.876 -0.449  1.00 88.12  ? 74  ARG B NE  1 
ATOM   1311 C CZ  . ARG B 1 74  ? -16.008 -17.565 -1.729  1.00 98.40  ? 74  ARG B CZ  1 
ATOM   1312 N NH1 . ARG B 1 74  ? -15.016 -17.723 -2.619  1.00 92.67  ? 74  ARG B NH1 1 
ATOM   1313 N NH2 . ARG B 1 74  ? -17.191 -17.170 -2.176  1.00 104.82 ? 74  ARG B NH2 1 
ATOM   1314 N N   . TYR B 1 75  ? -11.008 -14.606 0.994   1.00 65.13  ? 75  TYR B N   1 
ATOM   1315 C CA  . TYR B 1 75  ? -10.436 -13.321 0.659   1.00 64.15  ? 75  TYR B CA  1 
ATOM   1316 C C   . TYR B 1 75  ? -11.230 -12.728 -0.506  1.00 62.51  ? 75  TYR B C   1 
ATOM   1317 O O   . TYR B 1 75  ? -11.370 -13.364 -1.555  1.00 66.80  ? 75  TYR B O   1 
ATOM   1318 C CB  . TYR B 1 75  ? -8.953  -13.513 0.356   1.00 61.97  ? 75  TYR B CB  1 
ATOM   1319 C CG  . TYR B 1 75  ? -8.138  -13.906 1.596   1.00 62.52  ? 75  TYR B CG  1 
ATOM   1320 C CD1 . TYR B 1 75  ? -7.576  -12.939 2.417   1.00 63.98  ? 75  TYR B CD1 1 
ATOM   1321 C CD2 . TYR B 1 75  ? -7.931  -15.236 1.937   1.00 64.80  ? 75  TYR B CD2 1 
ATOM   1322 C CE1 . TYR B 1 75  ? -6.825  -13.281 3.532   1.00 63.04  ? 75  TYR B CE1 1 
ATOM   1323 C CE2 . TYR B 1 75  ? -7.182  -15.586 3.059   1.00 67.95  ? 75  TYR B CE2 1 
ATOM   1324 C CZ  . TYR B 1 75  ? -6.630  -14.594 3.855   1.00 66.43  ? 75  TYR B CZ  1 
ATOM   1325 O OH  . TYR B 1 75  ? -5.876  -14.898 4.982   1.00 71.43  ? 75  TYR B OH  1 
ATOM   1326 N N   . VAL B 1 76  ? -11.781 -11.529 -0.312  1.00 62.40  ? 76  VAL B N   1 
ATOM   1327 C CA  . VAL B 1 76  ? -12.833 -10.990 -1.175  1.00 62.94  ? 76  VAL B CA  1 
ATOM   1328 C C   . VAL B 1 76  ? -12.522 -9.549  -1.554  1.00 57.49  ? 76  VAL B C   1 
ATOM   1329 O O   . VAL B 1 76  ? -12.208 -8.736  -0.680  1.00 58.23  ? 76  VAL B O   1 
ATOM   1330 C CB  . VAL B 1 76  ? -14.204 -11.053 -0.470  1.00 65.00  ? 76  VAL B CB  1 
ATOM   1331 C CG1 . VAL B 1 76  ? -15.263 -10.411 -1.321  1.00 61.68  ? 76  VAL B CG1 1 
ATOM   1332 C CG2 . VAL B 1 76  ? -14.559 -12.481 -0.120  1.00 63.29  ? 76  VAL B CG2 1 
ATOM   1333 N N   . VAL B 1 77  ? -12.655 -9.226  -2.850  1.00 59.88  ? 77  VAL B N   1 
ATOM   1334 C CA  . VAL B 1 77  ? -12.454 -7.855  -3.320  1.00 56.55  ? 77  VAL B CA  1 
ATOM   1335 C C   . VAL B 1 77  ? -13.430 -6.932  -2.612  1.00 60.64  ? 77  VAL B C   1 
ATOM   1336 O O   . VAL B 1 77  ? -14.642 -7.180  -2.580  1.00 57.06  ? 77  VAL B O   1 
ATOM   1337 C CB  . VAL B 1 77  ? -12.610 -7.753  -4.849  1.00 54.98  ? 77  VAL B CB  1 
ATOM   1338 C CG1 . VAL B 1 77  ? -12.346 -6.336  -5.326  1.00 53.45  ? 77  VAL B CG1 1 
ATOM   1339 C CG2 . VAL B 1 77  ? -11.666 -8.680  -5.547  1.00 55.83  ? 77  VAL B CG2 1 
ATOM   1340 N N   . LYS B 1 78  ? -12.892 -5.862  -2.024  1.00 65.04  ? 78  LYS B N   1 
ATOM   1341 C CA  . LYS B 1 78  ? -13.707 -4.946  -1.240  1.00 62.74  ? 78  LYS B CA  1 
ATOM   1342 C C   . LYS B 1 78  ? -14.784 -4.296  -2.102  1.00 63.05  ? 78  LYS B C   1 
ATOM   1343 O O   . LYS B 1 78  ? -14.520 -3.783  -3.192  1.00 65.31  ? 78  LYS B O   1 
ATOM   1344 C CB  . LYS B 1 78  ? -12.829 -3.880  -0.583  1.00 65.26  ? 78  LYS B CB  1 
ATOM   1345 C CG  . LYS B 1 78  ? -12.484 -4.178  0.889   1.00 68.27  ? 78  LYS B CG  1 
ATOM   1346 C CD  . LYS B 1 78  ? -11.991 -2.924  1.622   1.00 69.13  ? 78  LYS B CD  1 
ATOM   1347 C CE  . LYS B 1 78  ? -13.003 -2.429  2.653   1.00 74.53  ? 78  LYS B CE  1 
ATOM   1348 N NZ  . LYS B 1 78  ? -12.860 -3.129  3.964   1.00 94.72  ? 78  LYS B NZ  1 
ATOM   1349 N N   . SER B 1 79  ? -16.004 -4.333  -1.595  1.00 69.19  ? 79  SER B N   1 
ATOM   1350 C CA  . SER B 1 79  ? -17.167 -3.725  -2.212  1.00 66.04  ? 79  SER B CA  1 
ATOM   1351 C C   . SER B 1 79  ? -17.694 -2.525  -1.444  1.00 70.40  ? 79  SER B C   1 
ATOM   1352 O O   . SER B 1 79  ? -18.351 -1.668  -2.035  1.00 76.82  ? 79  SER B O   1 
ATOM   1353 C CB  . SER B 1 79  ? -18.275 -4.779  -2.341  1.00 64.73  ? 79  SER B CB  1 
ATOM   1354 O OG  . SER B 1 79  ? -19.545 -4.180  -2.225  1.00 81.73  ? 79  SER B OG  1 
ATOM   1355 N N   . GLU B 1 80  ? -17.367 -2.414  -0.169  1.00 76.87  ? 80  GLU B N   1 
ATOM   1356 C CA  . GLU B 1 80  ? -17.989 -1.450  0.725   1.00 81.65  ? 80  GLU B CA  1 
ATOM   1357 C C   . GLU B 1 80  ? -17.386 -0.050  0.543   1.00 83.63  ? 80  GLU B C   1 
ATOM   1358 O O   . GLU B 1 80  ? -16.162 0.119   0.556   1.00 85.39  ? 80  GLU B O   1 
ATOM   1359 C CB  . GLU B 1 80  ? -17.832 -1.954  2.166   1.00 81.07  ? 80  GLU B CB  1 
ATOM   1360 C CG  . GLU B 1 80  ? -18.128 -3.507  2.373   1.00 84.39  ? 80  GLU B CG  1 
ATOM   1361 C CD  . GLU B 1 80  ? -16.986 -4.484  1.930   1.00 64.67  ? 80  GLU B CD  1 
ATOM   1362 O OE1 . GLU B 1 80  ? -17.259 -5.568  1.403   1.00 60.04  ? 80  GLU B OE1 1 
ATOM   1363 O OE2 . GLU B 1 80  ? -15.807 -4.176  2.089   1.00 66.00  ? 80  GLU B OE2 1 
ATOM   1364 N N   . VAL B 1 81  ? -18.256 0.950   0.359   1.00 85.90  ? 81  VAL B N   1 
ATOM   1365 C CA  . VAL B 1 81  ? -17.885 2.348   0.149   1.00 82.15  ? 81  VAL B CA  1 
ATOM   1366 C C   . VAL B 1 81  ? -18.666 3.188   1.164   1.00 79.89  ? 81  VAL B C   1 
ATOM   1367 O O   . VAL B 1 81  ? -19.521 2.678   1.893   1.00 81.79  ? 81  VAL B O   1 
ATOM   1368 C CB  . VAL B 1 81  ? -18.155 2.799   -1.321  1.00 87.60  ? 81  VAL B CB  1 
ATOM   1369 C CG1 . VAL B 1 81  ? -17.891 4.293   -1.571  1.00 89.43  ? 81  VAL B CG1 1 
ATOM   1370 C CG2 . VAL B 1 81  ? -17.315 1.982   -2.310  1.00 81.83  ? 81  VAL B CG2 1 
ATOM   1371 N N   . ARG B 1 82  ? -18.320 4.484   1.230   1.00 79.30  ? 82  ARG B N   1 
ATOM   1372 C CA  . ARG B 1 82  ? -18.907 5.540   2.061   1.00 83.50  ? 82  ARG B CA  1 
ATOM   1373 C C   . ARG B 1 82  ? -18.345 5.504   3.490   1.00 84.76  ? 82  ARG B C   1 
ATOM   1374 O O   . ARG B 1 82  ? -18.409 6.507   4.213   1.00 86.33  ? 82  ARG B O   1 
ATOM   1375 C CB  . ARG B 1 82  ? -20.446 5.476   2.050   1.00 86.94  ? 82  ARG B CB  1 
ATOM   1376 C CG  . ARG B 1 82  ? -21.110 5.242   0.636   1.00 100.63 ? 82  ARG B CG  1 
ATOM   1377 C CD  . ARG B 1 82  ? -20.775 6.325   -0.469  1.00 97.55  ? 82  ARG B CD  1 
ATOM   1378 N NE  . ARG B 1 82  ? -20.734 5.828   -1.866  1.00 88.12  ? 82  ARG B NE  1 
ATOM   1379 C CZ  . ARG B 1 82  ? -20.153 6.484   -2.882  1.00 85.61  ? 82  ARG B CZ  1 
ATOM   1380 N NH1 . ARG B 1 82  ? -19.593 7.657   -2.657  1.00 74.74  ? 82  ARG B NH1 1 
ATOM   1381 N NH2 . ARG B 1 82  ? -20.138 6.001   -4.126  1.00 78.14  ? 82  ARG B NH2 1 
ATOM   1382 N N   . ASP B 1 83  ? -17.748 4.378   3.884   1.00 76.91  ? 83  ASP B N   1 
ATOM   1383 C CA  . ASP B 1 83  ? -17.151 4.246   5.202   1.00 70.67  ? 83  ASP B CA  1 
ATOM   1384 C C   . ASP B 1 83  ? -15.890 5.093   5.275   1.00 75.96  ? 83  ASP B C   1 
ATOM   1385 O O   . ASP B 1 83  ? -15.534 5.804   4.334   1.00 77.57  ? 83  ASP B O   1 
ATOM   1386 C CB  . ASP B 1 83  ? -16.866 2.779   5.515   1.00 75.93  ? 83  ASP B CB  1 
ATOM   1387 C CG  . ASP B 1 83  ? -15.914 2.125   4.504   1.00 83.73  ? 83  ASP B CG  1 
ATOM   1388 O OD1 . ASP B 1 83  ? -15.385 2.818   3.606   1.00 77.31  ? 83  ASP B OD1 1 
ATOM   1389 O OD2 . ASP B 1 83  ? -15.697 0.895   4.610   1.00 92.35  ? 83  ASP B OD2 1 
ATOM   1390 N N   . GLU B 1 84  ? -15.210 5.029   6.420   1.00 75.48  ? 84  GLU B N   1 
ATOM   1391 C CA  . GLU B 1 84  ? -13.975 5.776   6.592   1.00 71.37  ? 84  GLU B CA  1 
ATOM   1392 C C   . GLU B 1 84  ? -12.802 5.101   5.919   1.00 70.46  ? 84  GLU B C   1 
ATOM   1393 O O   . GLU B 1 84  ? -11.814 5.771   5.615   1.00 70.36  ? 84  GLU B O   1 
ATOM   1394 C CB  . GLU B 1 84  ? -13.663 5.953   8.076   1.00 77.50  ? 84  GLU B CB  1 
ATOM   1395 C CG  . GLU B 1 84  ? -13.914 7.350   8.607   1.00 79.38  ? 84  GLU B CG  1 
ATOM   1396 C CD  . GLU B 1 84  ? -12.880 8.347   8.134   1.00 82.57  ? 84  GLU B CD  1 
ATOM   1397 O OE1 . GLU B 1 84  ? -11.671 8.043   8.295   1.00 78.59  ? 84  GLU B OE1 1 
ATOM   1398 O OE2 . GLU B 1 84  ? -13.276 9.420   7.606   1.00 80.47  ? 84  GLU B OE2 1 
ATOM   1399 N N   . SER B 1 85  ? -12.882 3.783   5.718   1.00 78.85  ? 85  SER B N   1 
ATOM   1400 C CA  . SER B 1 85  ? -11.826 3.067   5.011   1.00 76.35  ? 85  SER B CA  1 
ATOM   1401 C C   . SER B 1 85  ? -11.712 3.554   3.580   1.00 73.76  ? 85  SER B C   1 
ATOM   1402 O O   . SER B 1 85  ? -10.604 3.754   3.070   1.00 74.87  ? 85  SER B O   1 
ATOM   1403 C CB  . SER B 1 85  ? -12.100 1.568   5.033   1.00 79.06  ? 85  SER B CB  1 
ATOM   1404 O OG  . SER B 1 85  ? -11.322 0.920   4.044   1.00 86.43  ? 85  SER B OG  1 
ATOM   1405 N N   . TRP B 1 86  ? -12.861 3.719   2.917   1.00 79.62  ? 86  TRP B N   1 
ATOM   1406 C CA  . TRP B 1 86  ? -12.943 4.427   1.644   1.00 72.66  ? 86  TRP B CA  1 
ATOM   1407 C C   . TRP B 1 86  ? -12.116 5.707   1.663   1.00 75.48  ? 86  TRP B C   1 
ATOM   1408 O O   . TRP B 1 86  ? -11.230 5.900   0.824   1.00 76.23  ? 86  TRP B O   1 
ATOM   1409 C CB  . TRP B 1 86  ? -14.412 4.733   1.339   1.00 78.37  ? 86  TRP B CB  1 
ATOM   1410 C CG  . TRP B 1 86  ? -14.637 5.746   0.263   1.00 82.93  ? 86  TRP B CG  1 
ATOM   1411 C CD1 . TRP B 1 86  ? -15.044 7.047   0.415   1.00 87.79  ? 86  TRP B CD1 1 
ATOM   1412 C CD2 . TRP B 1 86  ? -14.482 5.538   -1.141  1.00 81.32  ? 86  TRP B CD2 1 
ATOM   1413 N NE1 . TRP B 1 86  ? -15.139 7.664   -0.817  1.00 86.12  ? 86  TRP B NE1 1 
ATOM   1414 C CE2 . TRP B 1 86  ? -14.801 6.755   -1.786  1.00 81.36  ? 86  TRP B CE2 1 
ATOM   1415 C CE3 . TRP B 1 86  ? -14.096 4.439   -1.918  1.00 82.24  ? 86  TRP B CE3 1 
ATOM   1416 C CZ2 . TRP B 1 86  ? -14.743 6.899   -3.169  1.00 86.11  ? 86  TRP B CZ2 1 
ATOM   1417 C CZ3 . TRP B 1 86  ? -14.042 4.582   -3.287  1.00 79.07  ? 86  TRP B CZ3 1 
ATOM   1418 C CH2 . TRP B 1 86  ? -14.360 5.803   -3.902  1.00 85.24  ? 86  TRP B CH2 1 
ATOM   1419 N N   . ARG B 1 87  ? -12.377 6.584   2.643   1.00 78.32  ? 87  ARG B N   1 
ATOM   1420 C CA  . ARG B 1 87  ? -11.742 7.901   2.669   1.00 73.36  ? 87  ARG B CA  1 
ATOM   1421 C C   . ARG B 1 87  ? -10.250 7.808   2.961   1.00 70.70  ? 87  ARG B C   1 
ATOM   1422 O O   . ARG B 1 87  ? -9.464  8.617   2.458   1.00 73.04  ? 87  ARG B O   1 
ATOM   1423 C CB  . ARG B 1 87  ? -12.432 8.791   3.700   1.00 75.05  ? 87  ARG B CB  1 
ATOM   1424 C CG  . ARG B 1 87  ? -13.779 9.340   3.249   1.00 70.12  ? 87  ARG B CG  1 
ATOM   1425 C CD  . ARG B 1 87  ? -14.502 9.981   4.415   1.00 70.33  ? 87  ARG B CD  1 
ATOM   1426 N NE  . ARG B 1 87  ? -15.797 9.359   4.648   1.00 75.89  ? 87  ARG B NE  1 
ATOM   1427 C CZ  . ARG B 1 87  ? -16.275 9.068   5.853   1.00 75.81  ? 87  ARG B CZ  1 
ATOM   1428 N NH1 . ARG B 1 87  ? -15.563 9.347   6.933   1.00 66.42  ? 87  ARG B NH1 1 
ATOM   1429 N NH2 . ARG B 1 87  ? -17.468 8.501   5.968   1.00 80.97  ? 87  ARG B NH2 1 
ATOM   1430 N N   . ASN B 1 88  ? -9.837  6.841   3.777   1.00 74.49  ? 88  ASN B N   1 
ATOM   1431 C CA  . ASN B 1 88  ? -8.407  6.674   4.032   1.00 77.76  ? 88  ASN B CA  1 
ATOM   1432 C C   . ASN B 1 88  ? -7.654  6.387   2.736   1.00 69.92  ? 88  ASN B C   1 
ATOM   1433 O O   . ASN B 1 88  ? -6.655  7.043   2.427   1.00 64.07  ? 88  ASN B O   1 
ATOM   1434 C CB  . ASN B 1 88  ? -8.181  5.556   5.055   1.00 75.34  ? 88  ASN B CB  1 
ATOM   1435 C CG  . ASN B 1 88  ? -8.385  6.027   6.480   1.00 74.65  ? 88  ASN B CG  1 
ATOM   1436 O OD1 . ASN B 1 88  ? -8.666  7.204   6.723   1.00 74.24  ? 88  ASN B OD1 1 
ATOM   1437 N ND2 . ASN B 1 88  ? -8.265  5.106   7.432   1.00 76.05  ? 88  ASN B ND2 1 
ATOM   1438 N N   . MET B 1 89  ? -8.143  5.420   1.954   1.00 72.98  ? 89  MET B N   1 
ATOM   1439 C CA  . MET B 1 89  ? -7.465  5.035   0.719   1.00 67.52  ? 89  MET B CA  1 
ATOM   1440 C C   . MET B 1 89  ? -7.267  6.228   -0.200  1.00 66.80  ? 89  MET B C   1 
ATOM   1441 O O   . MET B 1 89  ? -6.208  6.376   -0.817  1.00 68.38  ? 89  MET B O   1 
ATOM   1442 C CB  . MET B 1 89  ? -8.256  3.934   0.014   1.00 65.85  ? 89  MET B CB  1 
ATOM   1443 C CG  . MET B 1 89  ? -8.275  2.643   0.794   1.00 69.07  ? 89  MET B CG  1 
ATOM   1444 S SD  . MET B 1 89  ? -8.861  1.233   -0.150  1.00 64.16  ? 89  MET B SD  1 
ATOM   1445 C CE  . MET B 1 89  ? -7.873  1.359   -1.656  1.00 57.13  ? 89  MET B CE  1 
ATOM   1446 N N   . LEU B 1 90  ? -8.272  7.097   -0.290  1.00 70.57  ? 90  LEU B N   1 
ATOM   1447 C CA  . LEU B 1 90  ? -8.121  8.336   -1.040  1.00 66.99  ? 90  LEU B CA  1 
ATOM   1448 C C   . LEU B 1 90  ? -6.929  9.142   -0.534  1.00 64.79  ? 90  LEU B C   1 
ATOM   1449 O O   . LEU B 1 90  ? -6.022  9.476   -1.306  1.00 63.37  ? 90  LEU B O   1 
ATOM   1450 C CB  . LEU B 1 90  ? -9.412  9.137   -0.947  1.00 67.42  ? 90  LEU B CB  1 
ATOM   1451 C CG  . LEU B 1 90  ? -9.765  9.907   -2.221  1.00 76.94  ? 90  LEU B CG  1 
ATOM   1452 C CD1 . LEU B 1 90  ? -11.208 10.374  -2.183  1.00 78.38  ? 90  LEU B CD1 1 
ATOM   1453 C CD2 . LEU B 1 90  ? -8.812  11.092  -2.449  1.00 80.49  ? 90  LEU B CD2 1 
ATOM   1454 N N   . ARG B 1 91  ? -6.907  9.444   0.772   1.00 68.10  ? 91  ARG B N   1 
ATOM   1455 C CA  . ARG B 1 91  ? -5.804  10.204  1.360   1.00 63.52  ? 91  ARG B CA  1 
ATOM   1456 C C   . ARG B 1 91  ? -4.466  9.589   1.004   1.00 66.52  ? 91  ARG B C   1 
ATOM   1457 O O   . ARG B 1 91  ? -3.516  10.299  0.657   1.00 71.92  ? 91  ARG B O   1 
ATOM   1458 C CB  . ARG B 1 91  ? -5.945  10.268  2.874   1.00 66.32  ? 91  ARG B CB  1 
ATOM   1459 C CG  . ARG B 1 91  ? -7.048  11.170  3.351   1.00 74.86  ? 91  ARG B CG  1 
ATOM   1460 C CD  . ARG B 1 91  ? -7.266  11.019  4.871   1.00 76.98  ? 91  ARG B CD  1 
ATOM   1461 N NE  . ARG B 1 91  ? -8.693  10.993  5.167   1.00 77.68  ? 91  ARG B NE  1 
ATOM   1462 C CZ  . ARG B 1 91  ? -9.244  10.265  6.133   1.00 86.86  ? 91  ARG B CZ  1 
ATOM   1463 N NH1 . ARG B 1 91  ? -8.469  9.508   6.920   1.00 83.78  ? 91  ARG B NH1 1 
ATOM   1464 N NH2 . ARG B 1 91  ? -10.570 10.299  6.308   1.00 85.23  ? 91  ARG B NH2 1 
ATOM   1465 N N   . VAL B 1 92  ? -4.375  8.261   1.081   1.00 63.89  ? 92  VAL B N   1 
ATOM   1466 C CA  . VAL B 1 92  ? -3.141  7.592   0.689   1.00 65.33  ? 92  VAL B CA  1 
ATOM   1467 C C   . VAL B 1 92  ? -2.831  7.890   -0.775  1.00 65.99  ? 92  VAL B C   1 
ATOM   1468 O O   . VAL B 1 92  ? -1.692  8.217   -1.125  1.00 64.99  ? 92  VAL B O   1 
ATOM   1469 C CB  . VAL B 1 92  ? -3.235  6.079   0.988   1.00 63.76  ? 92  VAL B CB  1 
ATOM   1470 C CG1 . VAL B 1 92  ? -2.202  5.307   0.208   1.00 61.13  ? 92  VAL B CG1 1 
ATOM   1471 C CG2 . VAL B 1 92  ? -3.057  5.827   2.484   1.00 62.48  ? 92  VAL B CG2 1 
ATOM   1472 N N   . ILE B 1 93  ? -3.850  7.867   -1.637  1.00 63.55  ? 93  ILE B N   1 
ATOM   1473 C CA  . ILE B 1 93  ? -3.618  8.126   -3.058  1.00 71.05  ? 93  ILE B CA  1 
ATOM   1474 C C   . ILE B 1 93  ? -3.062  9.532   -3.269  1.00 71.97  ? 93  ILE B C   1 
ATOM   1475 O O   . ILE B 1 93  ? -2.043  9.717   -3.945  1.00 73.41  ? 93  ILE B O   1 
ATOM   1476 C CB  . ILE B 1 93  ? -4.905  7.906   -3.875  1.00 72.82  ? 93  ILE B CB  1 
ATOM   1477 C CG1 . ILE B 1 93  ? -5.381  6.462   -3.743  1.00 70.23  ? 93  ILE B CG1 1 
ATOM   1478 C CG2 . ILE B 1 93  ? -4.666  8.222   -5.343  1.00 65.50  ? 93  ILE B CG2 1 
ATOM   1479 C CD1 . ILE B 1 93  ? -6.776  6.253   -4.234  1.00 71.01  ? 93  ILE B CD1 1 
ATOM   1480 N N   . ILE B 1 94  ? -3.726  10.551  -2.712  1.00 69.36  ? 94  ILE B N   1 
ATOM   1481 C CA  . ILE B 1 94  ? -3.178  11.889  -2.916  1.00 68.39  ? 94  ILE B CA  1 
ATOM   1482 C C   . ILE B 1 94  ? -1.869  12.036  -2.151  1.00 71.02  ? 94  ILE B C   1 
ATOM   1483 O O   . ILE B 1 94  ? -0.959  12.731  -2.611  1.00 73.47  ? 94  ILE B O   1 
ATOM   1484 C CB  . ILE B 1 94  ? -4.171  13.012  -2.533  1.00 63.10  ? 94  ILE B CB  1 
ATOM   1485 C CG1 . ILE B 1 94  ? -4.071  13.342  -1.048  1.00 77.40  ? 94  ILE B CG1 1 
ATOM   1486 C CG2 . ILE B 1 94  ? -5.598  12.635  -2.844  1.00 61.37  ? 94  ILE B CG2 1 
ATOM   1487 C CD1 . ILE B 1 94  ? -4.603  14.703  -0.664  1.00 75.84  ? 94  ILE B CD1 1 
ATOM   1488 N N   . TYR B 1 95  ? -1.726  11.380  -0.991  1.00 66.70  ? 95  TYR B N   1 
ATOM   1489 C CA  . TYR B 1 95  ? -0.495  11.585  -0.235  1.00 68.58  ? 95  TYR B CA  1 
ATOM   1490 C C   . TYR B 1 95  ? 0.681   10.985  -0.964  1.00 66.12  ? 95  TYR B C   1 
ATOM   1491 O O   . TYR B 1 95  ? 1.771   11.561  -0.964  1.00 68.26  ? 95  TYR B O   1 
ATOM   1492 C CB  . TYR B 1 95  ? -0.579  10.991  1.168   1.00 69.54  ? 95  TYR B CB  1 
ATOM   1493 C CG  . TYR B 1 95  ? -1.039  11.991  2.173   1.00 66.08  ? 95  TYR B CG  1 
ATOM   1494 C CD1 . TYR B 1 95  ? -0.456  13.245  2.241   1.00 60.40  ? 95  TYR B CD1 1 
ATOM   1495 C CD2 . TYR B 1 95  ? -2.078  11.693  3.034   1.00 69.23  ? 95  TYR B CD2 1 
ATOM   1496 C CE1 . TYR B 1 95  ? -0.897  14.173  3.149   1.00 65.31  ? 95  TYR B CE1 1 
ATOM   1497 C CE2 . TYR B 1 95  ? -2.527  12.610  3.944   1.00 69.58  ? 95  TYR B CE2 1 
ATOM   1498 C CZ  . TYR B 1 95  ? -1.944  13.850  4.003   1.00 70.40  ? 95  TYR B CZ  1 
ATOM   1499 O OH  . TYR B 1 95  ? -2.414  14.759  4.933   1.00 77.20  ? 95  TYR B OH  1 
ATOM   1500 N N   . ARG B 1 96  ? 0.481   9.812   -1.563  1.00 67.12  ? 96  ARG B N   1 
ATOM   1501 C CA  . ARG B 1 96  ? 1.554   9.189   -2.317  1.00 66.70  ? 96  ARG B CA  1 
ATOM   1502 C C   . ARG B 1 96  ? 1.798   9.937   -3.607  1.00 74.03  ? 96  ARG B C   1 
ATOM   1503 O O   . ARG B 1 96  ? 2.923   9.944   -4.121  1.00 76.71  ? 96  ARG B O   1 
ATOM   1504 C CB  . ARG B 1 96  ? 1.236   7.728   -2.619  1.00 68.42  ? 96  ARG B CB  1 
ATOM   1505 C CG  . ARG B 1 96  ? 1.027   6.858   -1.410  1.00 64.29  ? 96  ARG B CG  1 
ATOM   1506 C CD  . ARG B 1 96  ? 0.583   5.485   -1.828  1.00 64.71  ? 96  ARG B CD  1 
ATOM   1507 N NE  . ARG B 1 96  ? 1.603   4.773   -2.597  1.00 69.20  ? 96  ARG B NE  1 
ATOM   1508 C CZ  . ARG B 1 96  ? 2.203   3.650   -2.188  1.00 77.87  ? 96  ARG B CZ  1 
ATOM   1509 N NH1 . ARG B 1 96  ? 1.875   3.101   -1.017  1.00 74.69  ? 96  ARG B NH1 1 
ATOM   1510 N NH2 . ARG B 1 96  ? 3.122   3.058   -2.954  1.00 73.39  ? 96  ARG B NH2 1 
ATOM   1511 N N   . ALA B 1 97  ? 0.749   10.555  -4.148  1.00 77.57  ? 97  ALA B N   1 
ATOM   1512 C CA  . ALA B 1 97  ? 0.915   11.378  -5.336  1.00 73.09  ? 97  ALA B CA  1 
ATOM   1513 C C   . ALA B 1 97  ? 1.812   12.566  -5.029  1.00 73.13  ? 97  ALA B C   1 
ATOM   1514 O O   . ALA B 1 97  ? 2.847   12.755  -5.679  1.00 79.93  ? 97  ALA B O   1 
ATOM   1515 C CB  . ALA B 1 97  ? -0.450  11.823  -5.852  1.00 73.16  ? 97  ALA B CB  1 
ATOM   1516 N N   . LEU B 1 98  ? 1.464   13.344  -4.002  1.00 72.24  ? 98  LEU B N   1 
ATOM   1517 C CA  . LEU B 1 98  ? 2.265   14.515  -3.658  1.00 77.16  ? 98  LEU B CA  1 
ATOM   1518 C C   . LEU B 1 98  ? 3.701   14.130  -3.332  1.00 76.18  ? 98  LEU B C   1 
ATOM   1519 O O   . LEU B 1 98  ? 4.633   14.909  -3.568  1.00 83.31  ? 98  LEU B O   1 
ATOM   1520 C CB  . LEU B 1 98  ? 1.639   15.261  -2.483  1.00 66.83  ? 98  LEU B CB  1 
ATOM   1521 C CG  . LEU B 1 98  ? 0.162   15.579  -2.691  1.00 73.56  ? 98  LEU B CG  1 
ATOM   1522 C CD1 . LEU B 1 98  ? -0.580  15.515  -1.357  1.00 70.63  ? 98  LEU B CD1 1 
ATOM   1523 C CD2 . LEU B 1 98  ? -0.056  16.918  -3.420  1.00 72.48  ? 98  LEU B CD2 1 
ATOM   1524 N N   . ALA B 1 99  ? 3.900   12.931  -2.796  1.00 75.19  ? 99  ALA B N   1 
ATOM   1525 C CA  . ALA B 1 99  ? 5.240   12.517  -2.411  1.00 77.89  ? 99  ALA B CA  1 
ATOM   1526 C C   . ALA B 1 99  ? 6.060   12.007  -3.588  1.00 84.58  ? 99  ALA B C   1 
ATOM   1527 O O   . ALA B 1 99  ? 7.181   11.533  -3.378  1.00 83.84  ? 99  ALA B O   1 
ATOM   1528 C CB  . ALA B 1 99  ? 5.166   11.455  -1.314  1.00 70.18  ? 99  ALA B CB  1 
ATOM   1529 N N   . SER B 1 100 ? 5.527   12.096  -4.813  1.00 88.30  ? 100 SER B N   1 
ATOM   1530 C CA  . SER B 1 100 ? 6.240   11.732  -6.030  1.00 86.99  ? 100 SER B CA  1 
ATOM   1531 C C   . SER B 1 100 ? 6.375   12.937  -6.948  1.00 88.77  ? 100 SER B C   1 
ATOM   1532 O O   . SER B 1 100 ? 6.361   12.801  -8.172  1.00 93.52  ? 100 SER B O   1 
ATOM   1533 C CB  . SER B 1 100 ? 5.542   10.583  -6.750  1.00 86.04  ? 100 SER B CB  1 
ATOM   1534 O OG  . SER B 1 100 ? 4.976   9.663   -5.830  1.00 85.30  ? 100 SER B OG  1 
ATOM   1535 N N   . ASN B 1 101 ? 6.497   14.123  -6.353  1.00 89.28  ? 101 ASN B N   1 
ATOM   1536 C CA  . ASN B 1 101 ? 6.789   15.361  -7.077  1.00 89.62  ? 101 ASN B CA  1 
ATOM   1537 C C   . ASN B 1 101 ? 5.665   15.722  -8.045  1.00 94.25  ? 101 ASN B C   1 
ATOM   1538 O O   . ASN B 1 101 ? 5.909   16.099  -9.191  1.00 103.83 ? 101 ASN B O   1 
ATOM   1539 C CB  . ASN B 1 101 ? 8.131   15.279  -7.819  1.00 94.60  ? 101 ASN B CB  1 
ATOM   1540 C CG  . ASN B 1 101 ? 9.156   14.410  -7.100  1.00 103.73 ? 101 ASN B CG  1 
ATOM   1541 O OD1 . ASN B 1 101 ? 9.719   14.813  -6.077  1.00 105.98 ? 101 ASN B OD1 1 
ATOM   1542 N ND2 . ASN B 1 101 ? 9.407   13.208  -7.637  1.00 99.01  ? 101 ASN B ND2 1 
ATOM   1543 N N   . MET B 1 102 ? 4.421   15.607  -7.595  1.00 91.32  ? 102 MET B N   1 
ATOM   1544 C CA  . MET B 1 102 ? 3.283   16.008  -8.411  1.00 97.79  ? 102 MET B CA  1 
ATOM   1545 C C   . MET B 1 102 ? 2.633   17.245  -7.812  1.00 95.84  ? 102 MET B C   1 
ATOM   1546 O O   . MET B 1 102 ? 2.486   17.352  -6.590  1.00 92.97  ? 102 MET B O   1 
ATOM   1547 C CB  . MET B 1 102 ? 2.250   14.878  -8.553  1.00 93.83  ? 102 MET B CB  1 
ATOM   1548 C CG  . MET B 1 102 ? 2.649   13.804  -9.565  1.00 95.43  ? 102 MET B CG  1 
ATOM   1549 S SD  . MET B 1 102 ? 1.305   12.805  -10.258 1.00 97.15  ? 102 MET B SD  1 
ATOM   1550 C CE  . MET B 1 102 ? 0.480   13.975  -11.332 1.00 97.78  ? 102 MET B CE  1 
ATOM   1551 N N   . SER B 1 103 ? 2.276   18.189  -8.677  1.00 98.12  ? 103 SER B N   1 
ATOM   1552 C CA  . SER B 1 103 ? 1.515   19.355  -8.256  1.00 102.12 ? 103 SER B CA  1 
ATOM   1553 C C   . SER B 1 103 ? 0.176   18.920  -7.654  1.00 94.69  ? 103 SER B C   1 
ATOM   1554 O O   . SER B 1 103 ? -0.283  17.794  -7.852  1.00 95.58  ? 103 SER B O   1 
ATOM   1555 C CB  . SER B 1 103 ? 1.304   20.285  -9.460  1.00 103.50 ? 103 SER B CB  1 
ATOM   1556 O OG  . SER B 1 103 ? 0.076   20.977  -9.386  1.00 106.06 ? 103 SER B OG  1 
ATOM   1557 N N   . LYS B 1 104 ? -0.445  19.814  -6.888  1.00 91.64  ? 104 LYS B N   1 
ATOM   1558 C CA  . LYS B 1 104 ? -1.823  19.537  -6.493  1.00 97.46  ? 104 LYS B CA  1 
ATOM   1559 C C   . LYS B 1 104 ? -2.787  19.832  -7.638  1.00 100.45 ? 104 LYS B C   1 
ATOM   1560 O O   . LYS B 1 104 ? -3.771  19.106  -7.826  1.00 100.88 ? 104 LYS B O   1 
ATOM   1561 C CB  . LYS B 1 104 ? -2.201  20.309  -5.225  1.00 95.71  ? 104 LYS B CB  1 
ATOM   1562 C CG  . LYS B 1 104 ? -1.669  21.723  -5.109  1.00 103.21 ? 104 LYS B CG  1 
ATOM   1563 C CD  . LYS B 1 104 ? -2.023  22.302  -3.730  1.00 111.16 ? 104 LYS B CD  1 
ATOM   1564 C CE  . LYS B 1 104 ? -3.494  22.028  -3.360  1.00 109.97 ? 104 LYS B CE  1 
ATOM   1565 N NZ  . LYS B 1 104 ? -3.876  22.460  -1.976  1.00 102.72 ? 104 LYS B NZ  1 
ATOM   1566 N N   . ASP B 1 105 ? -2.510  20.875  -8.427  1.00 102.16 ? 105 ASP B N   1 
ATOM   1567 C CA  . ASP B 1 105 ? -3.222  21.070  -9.689  1.00 102.41 ? 105 ASP B CA  1 
ATOM   1568 C C   . ASP B 1 105 ? -3.082  19.842  -10.570 1.00 99.31  ? 105 ASP B C   1 
ATOM   1569 O O   . ASP B 1 105 ? -4.066  19.344  -11.129 1.00 102.04 ? 105 ASP B O   1 
ATOM   1570 C CB  . ASP B 1 105 ? -2.683  22.296  -10.437 1.00 107.15 ? 105 ASP B CB  1 
ATOM   1571 C CG  . ASP B 1 105 ? -2.318  23.446  -9.514  1.00 111.12 ? 105 ASP B CG  1 
ATOM   1572 O OD1 . ASP B 1 105 ? -3.042  23.680  -8.516  1.00 118.48 ? 105 ASP B OD1 1 
ATOM   1573 O OD2 . ASP B 1 105 ? -1.301  24.114  -9.794  1.00 105.27 ? 105 ASP B OD2 1 
ATOM   1574 N N   . GLU B 1 106 ? -1.850  19.353  -10.718 1.00 94.79  ? 106 GLU B N   1 
ATOM   1575 C CA  . GLU B 1 106 ? -1.605  18.159  -11.516 1.00 102.06 ? 106 GLU B CA  1 
ATOM   1576 C C   . GLU B 1 106 ? -2.523  17.019  -11.084 1.00 106.03 ? 106 GLU B C   1 
ATOM   1577 O O   . GLU B 1 106 ? -3.384  16.578  -11.850 1.00 104.82 ? 106 GLU B O   1 
ATOM   1578 C CB  . GLU B 1 106 ? -0.132  17.741  -11.401 1.00 99.41  ? 106 GLU B CB  1 
ATOM   1579 C CG  . GLU B 1 106 ? 0.800   18.341  -12.441 1.00 107.39 ? 106 GLU B CG  1 
ATOM   1580 C CD  . GLU B 1 106 ? 2.165   17.653  -12.485 1.00 112.33 ? 106 GLU B CD  1 
ATOM   1581 O OE1 . GLU B 1 106 ? 2.218   16.403  -12.568 1.00 103.76 ? 106 GLU B OE1 1 
ATOM   1582 O OE2 . GLU B 1 106 ? 3.190   18.374  -12.429 1.00 113.83 ? 106 GLU B OE2 1 
ATOM   1583 N N   . ILE B 1 107 ? -2.390  16.578  -9.828  1.00 101.75 ? 107 ILE B N   1 
ATOM   1584 C CA  . ILE B 1 107 ? -2.978  15.309  -9.401  1.00 100.25 ? 107 ILE B CA  1 
ATOM   1585 C C   . ILE B 1 107 ? -4.477  15.290  -9.663  1.00 100.95 ? 107 ILE B C   1 
ATOM   1586 O O   . ILE B 1 107 ? -5.004  14.346  -10.263 1.00 103.52 ? 107 ILE B O   1 
ATOM   1587 C CB  . ILE B 1 107 ? -2.659  15.027  -7.916  1.00 106.62 ? 107 ILE B CB  1 
ATOM   1588 C CG1 . ILE B 1 107 ? -3.364  16.016  -6.981  1.00 103.33 ? 107 ILE B CG1 1 
ATOM   1589 C CG2 . ILE B 1 107 ? -1.156  15.039  -7.672  1.00 100.66 ? 107 ILE B CG2 1 
ATOM   1590 C CD1 . ILE B 1 107 ? -4.830  15.697  -6.731  1.00 103.75 ? 107 ILE B CD1 1 
ATOM   1591 N N   . VAL B 1 108 ? -5.184  16.341  -9.247  1.00 102.92 ? 108 VAL B N   1 
ATOM   1592 C CA  . VAL B 1 108 ? -6.637  16.273  -9.318  1.00 103.86 ? 108 VAL B CA  1 
ATOM   1593 C C   . VAL B 1 108 ? -7.126  16.524  -10.739 1.00 105.03 ? 108 VAL B C   1 
ATOM   1594 O O   . VAL B 1 108 ? -8.178  15.999  -11.134 1.00 102.59 ? 108 VAL B O   1 
ATOM   1595 C CB  . VAL B 1 108 ? -7.276  17.245  -8.318  1.00 100.00 ? 108 VAL B CB  1 
ATOM   1596 C CG1 . VAL B 1 108 ? -6.794  18.666  -8.560  1.00 101.19 ? 108 VAL B CG1 1 
ATOM   1597 C CG2 . VAL B 1 108 ? -8.797  17.125  -8.365  1.00 99.45  ? 108 VAL B CG2 1 
ATOM   1598 N N   . ASN B 1 109 ? -6.380  17.312  -11.529 1.00 104.52 ? 109 ASN B N   1 
ATOM   1599 C CA  . ASN B 1 109 ? -6.563  17.273  -12.976 1.00 109.16 ? 109 ASN B CA  1 
ATOM   1600 C C   . ASN B 1 109 ? -6.590  15.828  -13.466 1.00 111.53 ? 109 ASN B C   1 
ATOM   1601 O O   . ASN B 1 109 ? -7.466  15.450  -14.253 1.00 114.29 ? 109 ASN B O   1 
ATOM   1602 C CB  . ASN B 1 109 ? -5.455  18.059  -13.693 1.00 112.01 ? 109 ASN B CB  1 
ATOM   1603 C CG  . ASN B 1 109 ? -5.703  19.571  -13.722 1.00 114.47 ? 109 ASN B CG  1 
ATOM   1604 O OD1 . ASN B 1 109 ? -6.697  20.070  -13.187 1.00 111.22 ? 109 ASN B OD1 1 
ATOM   1605 N ND2 . ASN B 1 109 ? -4.796  20.302  -14.370 1.00 109.32 ? 109 ASN B ND2 1 
ATOM   1606 N N   . GLU B 1 110 ? -5.662  14.991  -12.972 1.00 108.72 ? 110 GLU B N   1 
ATOM   1607 C CA  . GLU B 1 110 ? -5.569  13.604  -13.422 1.00 106.62 ? 110 GLU B CA  1 
ATOM   1608 C C   . GLU B 1 110 ? -6.531  12.679  -12.694 1.00 102.63 ? 110 GLU B C   1 
ATOM   1609 O O   . GLU B 1 110 ? -6.805  11.582  -13.190 1.00 105.99 ? 110 GLU B O   1 
ATOM   1610 C CB  . GLU B 1 110 ? -4.149  13.046  -13.253 1.00 104.63 ? 110 GLU B CB  1 
ATOM   1611 C CG  . GLU B 1 110 ? -2.964  14.011  -13.486 1.00 110.67 ? 110 GLU B CG  1 
ATOM   1612 C CD  . GLU B 1 110 ? -3.135  14.968  -14.663 1.00 113.91 ? 110 GLU B CD  1 
ATOM   1613 O OE1 . GLU B 1 110 ? -2.968  16.190  -14.458 1.00 115.54 ? 110 GLU B OE1 1 
ATOM   1614 O OE2 . GLU B 1 110 ? -3.414  14.507  -15.791 1.00 117.18 ? 110 GLU B OE2 1 
ATOM   1615 N N   . ILE B 1 111 ? -7.031  13.075  -11.523 1.00 99.51  ? 111 ILE B N   1 
ATOM   1616 C CA  . ILE B 1 111 ? -8.066  12.277  -10.873 1.00 99.45  ? 111 ILE B CA  1 
ATOM   1617 C C   . ILE B 1 111 ? -9.336  12.302  -11.704 1.00 102.38 ? 111 ILE B C   1 
ATOM   1618 O O   . ILE B 1 111 ? -9.925  11.259  -12.003 1.00 101.93 ? 111 ILE B O   1 
ATOM   1619 C CB  . ILE B 1 111 ? -8.328  12.779  -9.444  1.00 97.37  ? 111 ILE B CB  1 
ATOM   1620 C CG1 . ILE B 1 111 ? -7.174  12.387  -8.528  1.00 92.90  ? 111 ILE B CG1 1 
ATOM   1621 C CG2 . ILE B 1 111 ? -9.641  12.212  -8.918  1.00 94.79  ? 111 ILE B CG2 1 
ATOM   1622 C CD1 . ILE B 1 111 ? -7.448  12.669  -7.082  1.00 94.29  ? 111 ILE B CD1 1 
ATOM   1623 N N   . ASN B 1 112 ? -9.772  13.504  -12.093 1.00 109.88 ? 112 ASN B N   1 
ATOM   1624 C CA  . ASN B 1 112 ? -10.927 13.635  -12.971 1.00 110.45 ? 112 ASN B CA  1 
ATOM   1625 C C   . ASN B 1 112 ? -10.746 12.827  -14.248 1.00 110.32 ? 112 ASN B C   1 
ATOM   1626 O O   . ASN B 1 112 ? -11.706 12.231  -14.753 1.00 112.13 ? 112 ASN B O   1 
ATOM   1627 C CB  . ASN B 1 112 ? -11.172 15.108  -13.303 1.00 112.88 ? 112 ASN B CB  1 
ATOM   1628 C CG  . ASN B 1 112 ? -12.076 15.294  -14.523 1.00 122.43 ? 112 ASN B CG  1 
ATOM   1629 O OD1 . ASN B 1 112 ? -11.674 15.893  -15.524 1.00 121.68 ? 112 ASN B OD1 1 
ATOM   1630 N ND2 . ASN B 1 112 ? -13.300 14.772  -14.442 1.00 120.55 ? 112 ASN B ND2 1 
ATOM   1631 N N   . ARG B 1 113 ? -9.519  12.779  -14.778 1.00 104.85 ? 113 ARG B N   1 
ATOM   1632 C CA  . ARG B 1 113 ? -9.303  12.076  -16.038 1.00 106.57 ? 113 ARG B CA  1 
ATOM   1633 C C   . ARG B 1 113 ? -9.564  10.578  -15.923 1.00 108.79 ? 113 ARG B C   1 
ATOM   1634 O O   . ARG B 1 113 ? -9.817  9.936   -16.947 1.00 115.71 ? 113 ARG B O   1 
ATOM   1635 C CB  . ARG B 1 113 ? -7.880  12.305  -16.560 1.00 108.56 ? 113 ARG B CB  1 
ATOM   1636 C CG  . ARG B 1 113 ? -7.446  13.772  -16.731 1.00 115.20 ? 113 ARG B CG  1 
ATOM   1637 C CD  . ARG B 1 113 ? -8.152  14.535  -17.860 1.00 121.26 ? 113 ARG B CD  1 
ATOM   1638 N NE  . ARG B 1 113 ? -7.706  15.931  -17.945 1.00 125.75 ? 113 ARG B NE  1 
ATOM   1639 C CZ  . ARG B 1 113 ? -8.439  16.990  -17.595 1.00 128.56 ? 113 ARG B CZ  1 
ATOM   1640 N NH1 . ARG B 1 113 ? -9.675  16.824  -17.135 1.00 120.15 ? 113 ARG B NH1 1 
ATOM   1641 N NH2 . ARG B 1 113 ? -7.939  18.221  -17.710 1.00 125.43 ? 113 ARG B NH2 1 
ATOM   1642 N N   . VAL B 1 114 ? -9.524  10.004  -14.716 1.00 110.42 ? 114 VAL B N   1 
ATOM   1643 C CA  . VAL B 1 114 ? -9.741  8.562   -14.572 1.00 113.88 ? 114 VAL B CA  1 
ATOM   1644 C C   . VAL B 1 114 ? -11.187 8.266   -14.181 1.00 107.99 ? 114 VAL B C   1 
ATOM   1645 O O   . VAL B 1 114 ? -11.729 7.210   -14.531 1.00 107.10 ? 114 VAL B O   1 
ATOM   1646 C CB  . VAL B 1 114 ? -8.760  7.928   -13.563 1.00 108.33 ? 114 VAL B CB  1 
ATOM   1647 C CG1 . VAL B 1 114 ? -7.320  8.303   -13.902 1.00 106.36 ? 114 VAL B CG1 1 
ATOM   1648 C CG2 . VAL B 1 114 ? -9.120  8.300   -12.131 1.00 102.68 ? 114 VAL B CG2 1 
ATOM   1649 N N   . VAL B 1 115 ? -11.823 9.186   -13.456 1.00 101.20 ? 115 VAL B N   1 
ATOM   1650 C CA  . VAL B 1 115 ? -13.229 8.998   -13.115 1.00 102.52 ? 115 VAL B CA  1 
ATOM   1651 C C   . VAL B 1 115 ? -14.070 9.005   -14.385 1.00 109.04 ? 115 VAL B C   1 
ATOM   1652 O O   . VAL B 1 115 ? -14.814 8.059   -14.677 1.00 110.63 ? 115 VAL B O   1 
ATOM   1653 C CB  . VAL B 1 115 ? -13.693 10.081  -12.126 1.00 103.54 ? 115 VAL B CB  1 
ATOM   1654 C CG1 . VAL B 1 115 ? -15.090 9.766   -11.605 1.00 102.45 ? 115 VAL B CG1 1 
ATOM   1655 C CG2 . VAL B 1 115 ? -12.708 10.209  -10.985 1.00 102.16 ? 115 VAL B CG2 1 
ATOM   1656 N N   . SER B 1 116 ? -13.945 10.079  -15.166 1.00 111.06 ? 116 SER B N   1 
ATOM   1657 C CA  . SER B 1 116 ? -14.616 10.147  -16.456 1.00 110.81 ? 116 SER B CA  1 
ATOM   1658 C C   . SER B 1 116 ? -14.293 8.927   -17.304 1.00 112.27 ? 116 SER B C   1 
ATOM   1659 O O   . SER B 1 116 ? -15.179 8.365   -17.961 1.00 114.71 ? 116 SER B O   1 
ATOM   1660 C CB  . SER B 1 116 ? -14.204 11.433  -17.173 1.00 110.13 ? 116 SER B CB  1 
ATOM   1661 O OG  . SER B 1 116 ? -14.060 12.498  -16.244 1.00 107.07 ? 116 SER B OG  1 
ATOM   1662 N N   . GLU B 1 117 ? -13.037 8.471   -17.249 1.00 111.60 ? 117 GLU B N   1 
ATOM   1663 C CA  . GLU B 1 117 ? -12.555 7.460   -18.185 1.00 110.25 ? 117 GLU B CA  1 
ATOM   1664 C C   . GLU B 1 117 ? -13.362 6.173   -18.081 1.00 112.94 ? 117 GLU B C   1 
ATOM   1665 O O   . GLU B 1 117 ? -13.858 5.658   -19.092 1.00 120.06 ? 117 GLU B O   1 
ATOM   1666 C CB  . GLU B 1 117 ? -11.069 7.184   -17.942 1.00 116.07 ? 117 GLU B CB  1 
ATOM   1667 C CG  . GLU B 1 117 ? -10.318 6.637   -19.159 1.00 118.36 ? 117 GLU B CG  1 
ATOM   1668 C CD  . GLU B 1 117 ? -10.833 5.272   -19.616 1.00 120.28 ? 117 GLU B CD  1 
ATOM   1669 O OE1 . GLU B 1 117 ? -10.764 4.310   -18.820 1.00 118.81 ? 117 GLU B OE1 1 
ATOM   1670 O OE2 . GLU B 1 117 ? -11.320 5.164   -20.766 1.00 120.71 ? 117 GLU B OE2 1 
ATOM   1671 N N   . VAL B 1 118 ? -13.499 5.625   -16.869 1.00 114.28 ? 118 VAL B N   1 
ATOM   1672 C CA  . VAL B 1 118 ? -14.119 4.312   -16.729 1.00 117.27 ? 118 VAL B CA  1 
ATOM   1673 C C   . VAL B 1 118 ? -15.624 4.383   -16.503 1.00 115.59 ? 118 VAL B C   1 
ATOM   1674 O O   . VAL B 1 118 ? -16.266 3.326   -16.408 1.00 127.98 ? 118 VAL B O   1 
ATOM   1675 C CB  . VAL B 1 118 ? -13.463 3.470   -15.606 1.00 116.29 ? 118 VAL B CB  1 
ATOM   1676 C CG1 . VAL B 1 118 ? -12.066 2.977   -16.031 1.00 110.36 ? 118 VAL B CG1 1 
ATOM   1677 C CG2 . VAL B 1 118 ? -13.412 4.239   -14.294 1.00 102.42 ? 118 VAL B CG2 1 
ATOM   1678 N N   . ASN B 1 119 ? -16.226 5.584   -16.457 1.00 115.22 ? 119 ASN B N   1 
ATOM   1679 C CA  . ASN B 1 119 ? -17.694 5.596   -16.448 1.00 119.05 ? 119 ASN B CA  1 
ATOM   1680 C C   . ASN B 1 119 ? -18.291 5.110   -17.776 1.00 118.46 ? 119 ASN B C   1 
ATOM   1681 O O   . ASN B 1 119 ? -19.515 5.173   -17.952 1.00 115.48 ? 119 ASN B O   1 
ATOM   1682 C CB  . ASN B 1 119 ? -18.242 6.982   -16.096 1.00 109.36 ? 119 ASN B CB  1 
ATOM   1683 C CG  . ASN B 1 119 ? -19.600 6.907   -15.386 1.00 108.21 ? 119 ASN B CG  1 
ATOM   1684 O OD1 . ASN B 1 119 ? -20.501 6.166   -15.793 1.00 108.63 ? 119 ASN B OD1 1 
ATOM   1685 N ND2 . ASN B 1 119 ? -19.732 7.653   -14.299 1.00 103.31 ? 119 ASN B ND2 1 
ATOM   1686 N N   . SER B 1 120 ? -17.443 4.686   -18.711 1.00 118.50 ? 120 SER B N   1 
ATOM   1687 C CA  . SER B 1 120 ? -17.758 3.647   -19.687 1.00 120.35 ? 120 SER B CA  1 
ATOM   1688 C C   . SER B 1 120 ? -19.061 2.894   -19.401 1.00 122.74 ? 120 SER B C   1 
ATOM   1689 O O   . SER B 1 120 ? -20.039 3.003   -20.143 1.00 123.68 ? 120 SER B O   1 
ATOM   1690 C CB  . SER B 1 120 ? -16.602 2.640   -19.731 1.00 119.00 ? 120 SER B CB  1 
ATOM   1691 O OG  . SER B 1 120 ? -16.855 1.555   -18.849 1.00 120.55 ? 120 SER B OG  1 
HETATM 1692 O O   . HOH C 2 .   ? 14.952  -4.879  14.045  1.00 62.37  ? 201 HOH A O   1 
HETATM 1693 O O   . HOH C 2 .   ? 9.125   -3.108  -4.728  1.00 71.58  ? 202 HOH A O   1 
HETATM 1694 O O   . HOH C 2 .   ? 4.764   -1.965  19.617  1.00 67.92  ? 203 HOH A O   1 
HETATM 1695 O O   . HOH C 2 .   ? 4.927   5.541   -8.552  1.00 71.17  ? 204 HOH A O   1 
HETATM 1696 O O   . HOH C 2 .   ? -3.241  8.364   5.926   1.00 73.42  ? 205 HOH A O   1 
HETATM 1697 O O   . HOH C 2 .   ? 2.130   13.001  10.853  1.00 70.83  ? 206 HOH A O   1 
HETATM 1698 O O   . HOH C 2 .   ? 2.979   -3.845  13.881  1.00 33.33  ? 207 HOH A O   1 
HETATM 1699 O O   . HOH C 2 .   ? 2.416   3.794   -9.268  1.00 68.76  ? 208 HOH A O   1 
HETATM 1700 O O   . HOH C 2 .   ? 4.003   18.004  11.783  1.00 83.97  ? 209 HOH A O   1 
HETATM 1701 O O   . HOH C 2 .   ? 18.894  8.372   14.788  1.00 74.14  ? 210 HOH A O   1 
HETATM 1702 O O   . HOH C 2 .   ? -9.899  3.204   13.055  1.00 76.69  ? 211 HOH A O   1 
HETATM 1703 O O   . HOH C 2 .   ? 12.243  0.130   22.222  1.00 70.04  ? 212 HOH A O   1 
HETATM 1704 O O   . HOH C 2 .   ? -23.808 5.951   -5.836  1.00 79.75  ? 213 HOH A O   1 
HETATM 1705 O O   . HOH C 2 .   ? -2.948  7.291   12.510  1.00 70.35  ? 214 HOH A O   1 
HETATM 1706 O O   . HOH C 2 .   ? 21.791  11.414  5.402   1.00 80.00  ? 215 HOH A O   1 
HETATM 1707 O O   . HOH C 2 .   ? -0.543  8.781   3.655   1.00 65.88  ? 216 HOH A O   1 
HETATM 1708 O O   . HOH C 2 .   ? 17.739  -0.768  -0.510  1.00 68.66  ? 217 HOH A O   1 
HETATM 1709 O O   . HOH C 2 .   ? 11.856  -4.150  21.352  1.00 66.65  ? 218 HOH A O   1 
HETATM 1710 O O   . HOH C 2 .   ? 25.495  2.962   -0.127  1.00 73.52  ? 219 HOH A O   1 
HETATM 1711 O O   . HOH C 2 .   ? 12.343  -6.360  18.520  1.00 60.26  ? 220 HOH A O   1 
HETATM 1712 O O   . HOH C 2 .   ? -3.258  9.487   14.438  1.00 77.88  ? 221 HOH A O   1 
HETATM 1713 O O   . HOH C 2 .   ? 3.810   -1.234  22.302  1.00 67.13  ? 222 HOH A O   1 
HETATM 1714 O O   . HOH C 2 .   ? -5.751  2.700   23.818  1.00 75.69  ? 223 HOH A O   1 
HETATM 1715 O O   . HOH C 2 .   ? 9.073   21.339  13.412  1.00 77.79  ? 224 HOH A O   1 
HETATM 1716 O O   . HOH C 2 .   ? 11.953  27.508  -0.408  1.00 88.36  ? 225 HOH A O   1 
HETATM 1717 O O   . HOH C 2 .   ? -1.331  24.459  6.672   1.00 75.77  ? 226 HOH A O   1 
HETATM 1718 O O   . HOH D 2 .   ? -12.986 -3.192  -4.900  1.00 62.37  ? 201 HOH B O   1 
HETATM 1719 O O   . HOH D 2 .   ? 0.181   -25.580 -2.050  1.00 81.02  ? 202 HOH B O   1 
HETATM 1720 O O   . HOH D 2 .   ? 1.294   -10.825 8.041   1.00 87.20  ? 203 HOH B O   1 
HETATM 1721 O O   . HOH D 2 .   ? 3.690   -24.724 -4.267  1.00 71.71  ? 204 HOH B O   1 
HETATM 1722 O O   . HOH D 2 .   ? -10.523 -9.205  6.563   1.00 60.20  ? 205 HOH B O   1 
HETATM 1723 O O   . HOH D 2 .   ? 3.789   -23.905 1.152   1.00 73.78  ? 206 HOH B O   1 
HETATM 1724 O O   . HOH D 2 .   ? -11.560 -0.978  -15.122 1.00 84.80  ? 207 HOH B O   1 
HETATM 1725 O O   . HOH D 2 .   ? 3.667   -24.925 -1.713  1.00 83.95  ? 208 HOH B O   1 
HETATM 1726 O O   . HOH D 2 .   ? -12.861 -3.740  -9.700  1.00 72.95  ? 209 HOH B O   1 
HETATM 1727 O O   . HOH D 2 .   ? -9.208  -4.334  3.861   1.00 61.68  ? 210 HOH B O   1 
HETATM 1728 O O   . HOH D 2 .   ? 7.350   -24.768 -3.753  1.00 65.26  ? 211 HOH B O   1 
HETATM 1729 O O   . HOH D 2 .   ? -0.689  -2.944  -9.314  1.00 68.77  ? 212 HOH B O   1 
HETATM 1730 O O   . HOH D 2 .   ? -7.107  -18.946 2.497   1.00 61.54  ? 213 HOH B O   1 
HETATM 1731 O O   . HOH D 2 .   ? 11.003  -16.208 -14.117 1.00 84.87  ? 214 HOH B O   1 
HETATM 1732 O O   . HOH D 2 .   ? -9.534  -11.469 -14.577 1.00 65.92  ? 215 HOH B O   1 
HETATM 1733 O O   . HOH D 2 .   ? -4.704  -26.929 -4.279  1.00 80.38  ? 216 HOH B O   1 
HETATM 1734 O O   . HOH D 2 .   ? 2.883   -15.493 6.396   1.00 72.37  ? 217 HOH B O   1 
HETATM 1735 O O   . HOH D 2 .   ? -18.783 -7.930  -0.416  1.00 74.19  ? 218 HOH B O   1 
HETATM 1736 O O   . HOH D 2 .   ? -11.986 -15.487 9.522   1.00 67.55  ? 219 HOH B O   1 
HETATM 1737 O O   . HOH D 2 .   ? -14.181 0.057   7.482   1.00 71.21  ? 220 HOH B O   1 
HETATM 1738 O O   . HOH D 2 .   ? -7.782  2.052   4.125   1.00 72.93  ? 221 HOH B O   1 
HETATM 1739 O O   . HOH D 2 .   ? -11.027 13.606  5.225   1.00 78.52  ? 222 HOH B O   1 
HETATM 1740 O O   . HOH D 2 .   ? -2.707  -17.528 -11.933 1.00 69.92  ? 223 HOH B O   1 
HETATM 1741 O O   . HOH D 2 .   ? 16.320  -11.882 -6.979  1.00 81.26  ? 224 HOH B O   1 
HETATM 1742 O O   . HOH D 2 .   ? 4.920   -15.447 8.154   1.00 23.34  ? 225 HOH B O   1 
HETATM 1743 O O   . HOH D 2 .   ? -17.039 12.839  6.349   1.00 54.78  ? 226 HOH B O   1 
HETATM 1744 O O   . HOH D 2 .   ? -6.223  -2.262  7.525   1.00 64.95  ? 227 HOH B O   1 
HETATM 1745 O O   . HOH D 2 .   ? -1.588  -28.051 -2.598  1.00 78.68  ? 228 HOH B O   1 
HETATM 1746 O O   . HOH D 2 .   ? -17.274 10.366  1.145   1.00 63.53  ? 229 HOH B O   1 
HETATM 1747 O O   . HOH D 2 .   ? 3.649   5.630   -5.967  1.00 69.41  ? 230 HOH B O   1 
HETATM 1748 O O   . HOH D 2 .   ? -22.139 -8.385  -5.585  1.00 64.48  ? 231 HOH B O   1 
HETATM 1749 O O   . HOH D 2 .   ? -9.152  -17.240 7.377   1.00 68.97  ? 232 HOH B O   1 
HETATM 1750 O O   . HOH D 2 .   ? -10.074 -15.919 -9.996  1.00 60.98  ? 233 HOH B O   1 
HETATM 1751 O O   . HOH D 2 .   ? -10.089 -14.484 -13.563 1.00 68.29  ? 234 HOH B O   1 
HETATM 1752 O O   . HOH D 2 .   ? 0.847   -28.553 -4.168  1.00 70.53  ? 235 HOH B O   1 
HETATM 1753 O O   . HOH D 2 .   ? -22.191 9.164   -10.045 1.00 74.62  ? 236 HOH B O   1 
HETATM 1754 O O   . HOH D 2 .   ? -6.847  -14.523 -9.501  1.00 57.79  ? 237 HOH B O   1 
HETATM 1755 O O   . HOH D 2 .   ? -24.566 8.797   -6.394  1.00 65.41  ? 238 HOH B O   1 
HETATM 1756 O O   . HOH D 2 .   ? -4.467  -21.053 -15.128 1.00 80.63  ? 239 HOH B O   1 
HETATM 1757 O O   . HOH D 2 .   ? 3.182   26.869  -28.840 1.00 77.21  ? 240 HOH B O   1 
# 
